data_1V5P
#
_entry.id   1V5P
#
_cell.length_a   1.000
_cell.length_b   1.000
_cell.length_c   1.000
_cell.angle_alpha   90.00
_cell.angle_beta   90.00
_cell.angle_gamma   90.00
#
_symmetry.space_group_name_H-M   'P 1'
#
_entity_poly.entity_id   1
_entity_poly.type   'polypeptide(L)'
_entity_poly.pdbx_seq_one_letter_code
;GSSGSSGMPYVDRQNRICGFLDIEDNENSGKFLRRYFILDTQANCLLWYMDNPQNLAVGAGAVGSLQLTYISKVSIATPK
QKPKTPFCFVINALSQRYFLQANDQKDLKDWVEALNQASKSGPSSG
;
_entity_poly.pdbx_strand_id   A
#
# COMPACT_ATOMS: atom_id res chain seq x y z
N GLY A 1 14.87 5.98 20.91
CA GLY A 1 14.51 4.71 20.32
C GLY A 1 13.93 3.76 21.38
N SER A 2 14.82 2.94 21.93
CA SER A 2 14.41 1.99 22.95
C SER A 2 13.33 1.05 22.39
N SER A 3 13.71 -0.21 22.26
CA SER A 3 12.79 -1.21 21.74
C SER A 3 12.16 -2.01 22.90
N GLY A 4 10.84 -1.92 22.99
CA GLY A 4 10.13 -2.61 24.04
C GLY A 4 9.63 -3.98 23.55
N SER A 5 9.69 -4.95 24.45
CA SER A 5 9.24 -6.29 24.12
C SER A 5 7.76 -6.45 24.42
N SER A 6 7.19 -7.54 23.92
CA SER A 6 5.78 -7.81 24.13
C SER A 6 5.60 -9.23 24.66
N GLY A 7 4.59 -9.39 25.51
CA GLY A 7 4.30 -10.68 26.09
C GLY A 7 4.34 -11.78 25.02
N MET A 8 3.29 -11.81 24.22
CA MET A 8 3.19 -12.80 23.16
C MET A 8 2.27 -12.31 22.04
N PRO A 9 2.89 -11.67 21.02
CA PRO A 9 2.14 -11.15 19.89
C PRO A 9 1.70 -12.29 18.96
N TYR A 10 1.10 -11.90 17.84
CA TYR A 10 0.64 -12.86 16.87
C TYR A 10 0.79 -12.33 15.44
N VAL A 11 0.55 -13.20 14.48
CA VAL A 11 0.67 -12.84 13.08
C VAL A 11 2.14 -12.54 12.76
N ASP A 12 2.48 -12.75 11.49
CA ASP A 12 3.84 -12.52 11.04
C ASP A 12 3.94 -12.82 9.54
N ARG A 13 5.07 -12.45 8.97
CA ARG A 13 5.30 -12.67 7.54
C ARG A 13 4.31 -11.84 6.72
N GLN A 14 4.32 -10.54 6.95
CA GLN A 14 3.44 -9.64 6.24
C GLN A 14 3.35 -10.05 4.76
N ASN A 15 4.47 -10.53 4.24
CA ASN A 15 4.53 -10.96 2.85
C ASN A 15 4.32 -9.74 1.94
N ARG A 16 5.22 -9.59 1.00
CA ARG A 16 5.15 -8.48 0.06
C ARG A 16 3.91 -8.61 -0.81
N ILE A 17 3.35 -7.47 -1.18
CA ILE A 17 2.16 -7.44 -2.01
C ILE A 17 2.41 -6.55 -3.23
N CYS A 18 1.73 -6.87 -4.31
CA CYS A 18 1.87 -6.12 -5.54
C CYS A 18 0.49 -5.95 -6.16
N GLY A 19 0.40 -5.01 -7.10
CA GLY A 19 -0.86 -4.74 -7.77
C GLY A 19 -0.85 -3.36 -8.43
N PHE A 20 -2.03 -2.90 -8.81
CA PHE A 20 -2.17 -1.60 -9.44
C PHE A 20 -3.21 -0.75 -8.72
N LEU A 21 -2.73 0.32 -8.09
CA LEU A 21 -3.60 1.21 -7.36
C LEU A 21 -3.67 2.55 -8.09
N ASP A 22 -4.55 3.42 -7.60
CA ASP A 22 -4.72 4.73 -8.20
C ASP A 22 -4.66 5.79 -7.10
N ILE A 23 -3.48 6.34 -6.91
CA ILE A 23 -3.27 7.36 -5.90
C ILE A 23 -3.61 8.73 -6.49
N GLU A 24 -4.39 9.49 -5.73
CA GLU A 24 -4.80 10.81 -6.16
C GLU A 24 -3.58 11.73 -6.26
N ASP A 25 -3.20 12.03 -7.49
CA ASP A 25 -2.06 12.90 -7.73
C ASP A 25 -2.16 14.14 -6.83
N ASN A 26 -1.09 14.40 -6.11
CA ASN A 26 -1.04 15.54 -5.21
C ASN A 26 -1.20 16.82 -6.01
N GLU A 27 -1.01 16.69 -7.32
CA GLU A 27 -1.12 17.83 -8.21
C GLU A 27 -2.40 17.73 -9.04
N ASN A 28 -3.49 17.45 -8.35
CA ASN A 28 -4.78 17.31 -9.00
C ASN A 28 -5.79 16.71 -8.03
N SER A 29 -6.94 17.38 -7.92
CA SER A 29 -7.99 16.92 -7.03
C SER A 29 -9.08 16.21 -7.83
N GLY A 30 -8.81 14.96 -8.18
CA GLY A 30 -9.76 14.17 -8.94
C GLY A 30 -9.04 13.14 -9.81
N LYS A 31 -7.91 13.57 -10.37
CA LYS A 31 -7.12 12.70 -11.22
C LYS A 31 -6.24 11.80 -10.35
N PHE A 32 -6.25 10.52 -10.68
CA PHE A 32 -5.46 9.55 -9.94
C PHE A 32 -4.33 8.99 -10.81
N LEU A 33 -3.21 8.71 -10.16
CA LEU A 33 -2.06 8.17 -10.85
C LEU A 33 -2.05 6.65 -10.73
N ARG A 34 -2.33 6.00 -11.85
CA ARG A 34 -2.37 4.54 -11.88
C ARG A 34 -0.96 3.98 -11.99
N ARG A 35 -0.47 3.46 -10.86
CA ARG A 35 0.87 2.89 -10.82
C ARG A 35 0.84 1.52 -10.13
N TYR A 36 1.87 0.75 -10.39
CA TYR A 36 1.98 -0.58 -9.81
C TYR A 36 2.66 -0.53 -8.45
N PHE A 37 1.84 -0.54 -7.40
CA PHE A 37 2.36 -0.49 -6.05
C PHE A 37 2.91 -1.86 -5.62
N ILE A 38 4.02 -1.81 -4.90
CA ILE A 38 4.65 -3.03 -4.43
C ILE A 38 5.09 -2.84 -2.97
N LEU A 39 4.39 -3.54 -2.08
CA LEU A 39 4.69 -3.46 -0.67
C LEU A 39 5.97 -4.24 -0.38
N ASP A 40 7.07 -3.51 -0.28
CA ASP A 40 8.36 -4.12 0.00
C ASP A 40 8.65 -4.04 1.50
N THR A 41 8.66 -5.20 2.13
CA THR A 41 8.93 -5.27 3.57
C THR A 41 10.43 -5.10 3.84
N GLN A 42 11.23 -5.66 2.94
CA GLN A 42 12.67 -5.58 3.08
C GLN A 42 13.12 -4.12 3.06
N ALA A 43 12.54 -3.36 2.14
CA ALA A 43 12.87 -1.96 2.00
C ALA A 43 12.11 -1.16 3.07
N ASN A 44 11.05 -1.75 3.57
CA ASN A 44 10.24 -1.11 4.58
C ASN A 44 9.68 0.20 4.04
N CYS A 45 9.34 0.18 2.75
CA CYS A 45 8.81 1.36 2.10
C CYS A 45 7.88 0.90 0.97
N LEU A 46 7.09 1.85 0.46
CA LEU A 46 6.16 1.55 -0.61
C LEU A 46 6.67 2.19 -1.91
N LEU A 47 6.75 1.38 -2.93
CA LEU A 47 7.21 1.85 -4.24
C LEU A 47 6.19 1.46 -5.30
N TRP A 48 5.75 2.48 -6.06
CA TRP A 48 4.78 2.26 -7.11
C TRP A 48 5.43 2.67 -8.44
N TYR A 49 5.49 1.71 -9.34
CA TYR A 49 6.08 1.95 -10.65
C TYR A 49 5.00 1.92 -11.74
N MET A 50 5.28 2.67 -12.81
CA MET A 50 4.35 2.74 -13.93
C MET A 50 3.84 1.35 -14.30
N ASP A 51 4.77 0.39 -14.31
CA ASP A 51 4.43 -0.97 -14.65
C ASP A 51 5.41 -1.92 -13.95
N ASN A 52 5.09 -3.21 -14.04
CA ASN A 52 5.92 -4.22 -13.43
C ASN A 52 7.40 -3.88 -13.64
N PRO A 53 8.19 -4.07 -12.56
CA PRO A 53 9.62 -3.78 -12.62
C PRO A 53 10.37 -4.85 -13.42
N GLN A 54 9.68 -5.95 -13.68
CA GLN A 54 10.25 -7.04 -14.43
C GLN A 54 10.24 -6.72 -15.93
N ASN A 55 9.41 -5.77 -16.29
CA ASN A 55 9.28 -5.36 -17.68
C ASN A 55 10.08 -4.07 -17.89
N LEU A 56 10.29 -3.35 -16.80
CA LEU A 56 11.04 -2.11 -16.86
C LEU A 56 12.51 -2.40 -17.16
N ALA A 57 13.32 -1.36 -17.06
CA ALA A 57 14.74 -1.49 -17.30
C ALA A 57 15.50 -1.38 -15.99
N VAL A 58 16.58 -2.15 -15.89
CA VAL A 58 17.40 -2.14 -14.70
C VAL A 58 17.63 -0.70 -14.25
N GLY A 59 17.79 0.17 -15.23
CA GLY A 59 18.02 1.58 -14.95
C GLY A 59 16.70 2.33 -14.80
N ALA A 60 15.71 1.63 -14.25
CA ALA A 60 14.40 2.22 -14.05
C ALA A 60 14.24 2.62 -12.58
N GLY A 61 13.09 3.20 -12.28
CA GLY A 61 12.80 3.63 -10.92
C GLY A 61 11.29 3.74 -10.68
N ALA A 62 10.94 4.37 -9.57
CA ALA A 62 9.55 4.55 -9.22
C ALA A 62 9.19 6.03 -9.30
N VAL A 63 7.97 6.29 -9.74
CA VAL A 63 7.49 7.67 -9.87
C VAL A 63 7.36 8.28 -8.48
N GLY A 64 7.26 7.42 -7.48
CA GLY A 64 7.13 7.88 -6.11
C GLY A 64 7.27 6.70 -5.12
N SER A 65 7.49 7.05 -3.87
CA SER A 65 7.64 6.04 -2.83
C SER A 65 6.94 6.49 -1.55
N LEU A 66 6.82 5.56 -0.62
CA LEU A 66 6.17 5.85 0.65
C LEU A 66 6.84 5.05 1.76
N GLN A 67 7.65 5.75 2.55
CA GLN A 67 8.35 5.12 3.65
C GLN A 67 7.36 4.61 4.70
N LEU A 68 7.50 3.34 5.03
CA LEU A 68 6.63 2.72 6.02
C LEU A 68 6.83 3.40 7.37
N THR A 69 8.00 4.03 7.51
CA THR A 69 8.32 4.72 8.75
C THR A 69 7.25 5.77 9.08
N TYR A 70 6.54 6.17 8.03
CA TYR A 70 5.49 7.17 8.20
C TYR A 70 4.16 6.51 8.52
N ILE A 71 3.72 5.65 7.60
CA ILE A 71 2.45 4.95 7.77
C ILE A 71 2.32 4.50 9.23
N SER A 72 1.10 4.62 9.74
CA SER A 72 0.83 4.23 11.11
C SER A 72 -0.34 3.24 11.15
N LYS A 73 -1.37 3.56 10.37
CA LYS A 73 -2.55 2.71 10.31
C LYS A 73 -3.12 2.75 8.89
N VAL A 74 -3.70 1.62 8.49
CA VAL A 74 -4.28 1.52 7.17
C VAL A 74 -5.72 1.02 7.30
N SER A 75 -6.65 1.97 7.24
CA SER A 75 -8.07 1.64 7.36
C SER A 75 -8.79 2.03 6.07
N ILE A 76 -10.02 1.54 5.95
CA ILE A 76 -10.82 1.82 4.78
C ILE A 76 -11.38 3.25 4.88
N ALA A 77 -11.19 4.00 3.81
CA ALA A 77 -11.66 5.37 3.76
C ALA A 77 -13.14 5.41 4.14
N THR A 78 -13.71 6.60 4.04
CA THR A 78 -15.12 6.78 4.37
C THR A 78 -15.78 7.70 3.34
N PRO A 79 -17.15 7.69 3.35
CA PRO A 79 -17.92 8.51 2.44
C PRO A 79 -17.90 9.98 2.87
N LYS A 80 -17.20 10.23 3.97
CA LYS A 80 -17.08 11.58 4.48
C LYS A 80 -15.71 12.16 4.13
N GLN A 81 -14.87 11.28 3.61
CA GLN A 81 -13.52 11.68 3.22
C GLN A 81 -13.36 11.61 1.70
N LYS A 82 -13.67 10.44 1.17
CA LYS A 82 -13.58 10.21 -0.27
C LYS A 82 -14.58 9.15 -0.69
N PRO A 83 -15.85 9.60 -0.87
CA PRO A 83 -16.92 8.70 -1.26
C PRO A 83 -16.81 8.35 -2.75
N LYS A 84 -17.85 7.68 -3.25
CA LYS A 84 -17.88 7.28 -4.64
C LYS A 84 -16.80 6.23 -4.89
N THR A 85 -16.34 5.62 -3.80
CA THR A 85 -15.31 4.60 -3.88
C THR A 85 -15.64 3.44 -2.93
N PRO A 86 -15.87 2.25 -3.55
CA PRO A 86 -16.19 1.07 -2.77
C PRO A 86 -14.94 0.50 -2.08
N PHE A 87 -14.01 0.03 -2.89
CA PHE A 87 -12.78 -0.52 -2.39
C PHE A 87 -11.66 0.51 -2.38
N CYS A 88 -11.74 1.42 -1.41
CA CYS A 88 -10.75 2.48 -1.28
C CYS A 88 -10.26 2.50 0.17
N PHE A 89 -8.93 2.45 0.31
CA PHE A 89 -8.32 2.46 1.63
C PHE A 89 -7.50 3.73 1.83
N VAL A 90 -7.46 4.18 3.07
CA VAL A 90 -6.71 5.37 3.42
C VAL A 90 -5.51 4.98 4.29
N ILE A 91 -4.33 5.32 3.79
CA ILE A 91 -3.11 5.02 4.52
C ILE A 91 -2.82 6.13 5.53
N ASN A 92 -3.06 5.82 6.79
CA ASN A 92 -2.84 6.78 7.86
C ASN A 92 -1.36 6.76 8.26
N ALA A 93 -0.76 7.94 8.23
CA ALA A 93 0.64 8.07 8.59
C ALA A 93 0.79 9.06 9.74
N LEU A 94 1.87 9.83 9.69
CA LEU A 94 2.13 10.82 10.72
C LEU A 94 0.82 11.49 11.12
N SER A 95 0.24 12.20 10.16
CA SER A 95 -1.01 12.90 10.39
C SER A 95 -1.70 13.21 9.06
N GLN A 96 -1.48 12.32 8.10
CA GLN A 96 -2.08 12.48 6.77
C GLN A 96 -2.87 11.23 6.40
N ARG A 97 -3.53 11.32 5.25
CA ARG A 97 -4.33 10.21 4.76
C ARG A 97 -4.28 10.15 3.23
N TYR A 98 -3.60 9.12 2.74
CA TYR A 98 -3.47 8.93 1.31
C TYR A 98 -4.66 8.16 0.75
N PHE A 99 -5.25 8.74 -0.29
CA PHE A 99 -6.41 8.12 -0.93
C PHE A 99 -5.98 7.34 -2.17
N LEU A 100 -6.12 6.02 -2.10
CA LEU A 100 -5.77 5.16 -3.21
C LEU A 100 -6.97 4.30 -3.59
N GLN A 101 -6.96 3.85 -4.85
CA GLN A 101 -8.05 3.03 -5.35
C GLN A 101 -7.53 1.64 -5.73
N ALA A 102 -8.39 0.65 -5.52
CA ALA A 102 -8.03 -0.72 -5.84
C ALA A 102 -8.85 -1.21 -7.03
N ASN A 103 -8.40 -2.29 -7.63
CA ASN A 103 -9.08 -2.86 -8.77
C ASN A 103 -10.38 -3.52 -8.31
N ASP A 104 -10.23 -4.58 -7.53
CA ASP A 104 -11.38 -5.31 -7.01
C ASP A 104 -11.42 -5.17 -5.49
N GLN A 105 -12.31 -5.94 -4.88
CA GLN A 105 -12.45 -5.92 -3.43
C GLN A 105 -11.31 -6.68 -2.77
N LYS A 106 -10.75 -7.61 -3.53
CA LYS A 106 -9.65 -8.42 -3.03
C LYS A 106 -8.40 -7.54 -2.88
N ASP A 107 -7.88 -7.10 -4.02
CA ASP A 107 -6.70 -6.25 -4.03
C ASP A 107 -6.83 -5.20 -2.92
N LEU A 108 -7.99 -4.60 -2.84
CA LEU A 108 -8.26 -3.59 -1.83
C LEU A 108 -7.91 -4.15 -0.45
N LYS A 109 -8.73 -5.11 -0.02
CA LYS A 109 -8.52 -5.73 1.28
C LYS A 109 -7.06 -6.14 1.42
N ASP A 110 -6.64 -7.01 0.51
CA ASP A 110 -5.27 -7.50 0.51
C ASP A 110 -4.32 -6.34 0.85
N TRP A 111 -4.33 -5.34 -0.02
CA TRP A 111 -3.49 -4.17 0.17
C TRP A 111 -3.64 -3.71 1.62
N VAL A 112 -4.86 -3.30 1.94
CA VAL A 112 -5.15 -2.83 3.29
C VAL A 112 -4.49 -3.76 4.31
N GLU A 113 -4.60 -5.05 4.04
CA GLU A 113 -4.03 -6.05 4.91
C GLU A 113 -2.49 -5.97 4.88
N ALA A 114 -1.95 -6.07 3.68
CA ALA A 114 -0.52 -6.00 3.50
C ALA A 114 0.02 -4.72 4.15
N LEU A 115 -0.68 -3.63 3.90
CA LEU A 115 -0.29 -2.34 4.46
C LEU A 115 -0.48 -2.37 5.98
N ASN A 116 -1.32 -3.30 6.42
CA ASN A 116 -1.60 -3.43 7.84
C ASN A 116 -0.60 -4.42 8.46
N GLN A 117 0.08 -5.14 7.58
CA GLN A 117 1.06 -6.11 8.03
C GLN A 117 2.47 -5.50 8.00
N ALA A 118 2.76 -4.80 6.92
CA ALA A 118 4.05 -4.16 6.75
C ALA A 118 4.17 -3.01 7.76
N SER A 119 3.03 -2.53 8.22
CA SER A 119 3.00 -1.45 9.17
C SER A 119 3.20 -1.99 10.59
N LYS A 120 2.55 -3.12 10.86
CA LYS A 120 2.65 -3.75 12.17
C LYS A 120 4.00 -4.48 12.27
N SER A 121 4.74 -4.43 11.18
CA SER A 121 6.04 -5.09 11.13
C SER A 121 5.98 -6.42 11.86
N GLY A 122 4.82 -7.05 11.78
CA GLY A 122 4.62 -8.34 12.43
C GLY A 122 4.91 -8.26 13.93
N PRO A 123 5.42 -9.39 14.48
CA PRO A 123 5.76 -9.45 15.89
C PRO A 123 7.05 -8.68 16.18
N SER A 124 7.95 -8.72 15.22
CA SER A 124 9.22 -8.04 15.35
C SER A 124 9.80 -7.71 13.98
N SER A 125 10.84 -6.88 13.98
CA SER A 125 11.48 -6.49 12.74
C SER A 125 12.57 -7.51 12.37
N GLY A 126 12.65 -7.78 11.08
CA GLY A 126 13.64 -8.73 10.57
C GLY A 126 12.98 -10.06 10.21
N GLY A 1 -0.18 4.28 19.77
CA GLY A 1 -0.68 3.53 18.63
C GLY A 1 -2.02 2.86 18.96
N SER A 2 -2.49 2.05 18.00
CA SER A 2 -3.75 1.36 18.18
C SER A 2 -3.62 -0.08 17.65
N SER A 3 -4.66 -0.86 17.92
CA SER A 3 -4.68 -2.24 17.48
C SER A 3 -5.87 -2.48 16.56
N GLY A 4 -5.88 -3.65 15.93
CA GLY A 4 -6.95 -4.01 15.02
C GLY A 4 -7.06 -5.53 14.88
N SER A 5 -7.73 -5.94 13.81
CA SER A 5 -7.91 -7.37 13.54
C SER A 5 -8.17 -7.58 12.05
N SER A 6 -8.20 -8.85 11.67
CA SER A 6 -8.43 -9.21 10.28
C SER A 6 -9.63 -10.16 10.18
N GLY A 7 -9.55 -11.25 10.94
CA GLY A 7 -10.61 -12.23 10.95
C GLY A 7 -10.17 -13.53 10.26
N MET A 8 -10.27 -13.54 8.94
CA MET A 8 -9.89 -14.70 8.17
C MET A 8 -9.36 -14.29 6.79
N PRO A 9 -8.14 -13.69 6.80
CA PRO A 9 -7.51 -13.25 5.57
C PRO A 9 -6.96 -14.44 4.78
N TYR A 10 -6.31 -14.12 3.66
CA TYR A 10 -5.74 -15.14 2.82
C TYR A 10 -4.22 -14.98 2.72
N VAL A 11 -3.58 -16.01 2.19
CA VAL A 11 -2.13 -16.00 2.04
C VAL A 11 -1.50 -15.37 3.28
N ASP A 12 -1.19 -16.22 4.25
CA ASP A 12 -0.58 -15.76 5.49
C ASP A 12 0.85 -15.27 5.20
N ARG A 13 1.21 -14.19 5.86
CA ARG A 13 2.54 -13.62 5.69
C ARG A 13 2.90 -13.58 4.20
N GLN A 14 2.11 -12.83 3.45
CA GLN A 14 2.35 -12.70 2.02
C GLN A 14 3.83 -12.46 1.74
N ASN A 15 4.46 -11.72 2.65
CA ASN A 15 5.86 -11.41 2.52
C ASN A 15 6.03 -10.20 1.59
N ARG A 16 4.92 -9.80 0.98
CA ARG A 16 4.93 -8.66 0.09
C ARG A 16 3.72 -8.71 -0.85
N ILE A 17 3.20 -7.53 -1.16
CA ILE A 17 2.05 -7.42 -2.02
C ILE A 17 2.43 -6.65 -3.29
N CYS A 18 1.68 -6.90 -4.34
CA CYS A 18 1.93 -6.24 -5.62
C CYS A 18 0.60 -6.11 -6.37
N GLY A 19 0.47 -5.01 -7.08
CA GLY A 19 -0.75 -4.76 -7.85
C GLY A 19 -0.78 -3.32 -8.37
N PHE A 20 -1.92 -2.96 -8.95
CA PHE A 20 -2.10 -1.62 -9.47
C PHE A 20 -3.06 -0.81 -8.61
N LEU A 21 -2.61 0.39 -8.24
CA LEU A 21 -3.42 1.26 -7.42
C LEU A 21 -3.41 2.67 -8.03
N ASP A 22 -4.51 3.38 -7.83
CA ASP A 22 -4.64 4.73 -8.36
C ASP A 22 -4.60 5.72 -7.19
N ILE A 23 -3.41 6.21 -6.91
CA ILE A 23 -3.21 7.16 -5.83
C ILE A 23 -3.60 8.56 -6.31
N GLU A 24 -4.38 9.24 -5.49
CA GLU A 24 -4.82 10.58 -5.82
C GLU A 24 -3.67 11.57 -5.68
N ASP A 25 -3.27 12.11 -6.82
CA ASP A 25 -2.18 13.08 -6.85
C ASP A 25 -2.74 14.49 -6.69
N ASN A 26 -1.92 15.36 -6.12
CA ASN A 26 -2.33 16.74 -5.90
C ASN A 26 -2.20 17.52 -7.21
N GLU A 27 -1.77 16.80 -8.24
CA GLU A 27 -1.61 17.41 -9.55
C GLU A 27 -2.75 18.38 -9.84
N ASN A 28 -3.96 17.85 -9.75
CA ASN A 28 -5.16 18.64 -9.99
C ASN A 28 -6.19 18.37 -8.90
N SER A 29 -5.71 17.79 -7.80
CA SER A 29 -6.58 17.46 -6.69
C SER A 29 -7.91 16.93 -7.20
N GLY A 30 -7.95 15.63 -7.40
CA GLY A 30 -9.16 14.97 -7.88
C GLY A 30 -8.82 13.77 -8.77
N LYS A 31 -7.87 13.98 -9.67
CA LYS A 31 -7.45 12.92 -10.56
C LYS A 31 -6.47 12.00 -9.84
N PHE A 32 -6.47 10.74 -10.25
CA PHE A 32 -5.59 9.76 -9.66
C PHE A 32 -4.58 9.23 -10.68
N LEU A 33 -3.38 8.99 -10.20
CA LEU A 33 -2.32 8.47 -11.06
C LEU A 33 -2.17 6.97 -10.85
N ARG A 34 -2.59 6.22 -11.86
CA ARG A 34 -2.53 4.77 -11.80
C ARG A 34 -1.07 4.32 -11.86
N ARG A 35 -0.68 3.55 -10.85
CA ARG A 35 0.68 3.04 -10.78
C ARG A 35 0.69 1.63 -10.19
N TYR A 36 1.83 0.98 -10.31
CA TYR A 36 1.98 -0.37 -9.80
C TYR A 36 2.71 -0.37 -8.46
N PHE A 37 1.92 -0.39 -7.39
CA PHE A 37 2.47 -0.40 -6.05
C PHE A 37 3.00 -1.78 -5.67
N ILE A 38 4.02 -1.79 -4.82
CA ILE A 38 4.62 -3.02 -4.37
C ILE A 38 5.05 -2.89 -2.92
N LEU A 39 4.35 -3.61 -2.05
CA LEU A 39 4.66 -3.57 -0.63
C LEU A 39 5.87 -4.46 -0.35
N ASP A 40 7.01 -3.80 -0.14
CA ASP A 40 8.24 -4.52 0.15
C ASP A 40 8.56 -4.40 1.63
N THR A 41 8.55 -5.54 2.31
CA THR A 41 8.84 -5.59 3.73
C THR A 41 10.35 -5.50 3.98
N GLN A 42 11.11 -5.87 2.94
CA GLN A 42 12.55 -5.85 3.03
C GLN A 42 13.07 -4.40 2.90
N ALA A 43 12.44 -3.67 2.00
CA ALA A 43 12.83 -2.28 1.77
C ALA A 43 12.21 -1.40 2.85
N ASN A 44 11.10 -1.89 3.40
CA ASN A 44 10.40 -1.17 4.45
C ASN A 44 9.88 0.16 3.88
N CYS A 45 9.65 0.16 2.58
CA CYS A 45 9.15 1.35 1.90
C CYS A 45 8.23 0.90 0.76
N LEU A 46 7.35 1.81 0.37
CA LEU A 46 6.41 1.53 -0.71
C LEU A 46 6.87 2.24 -1.98
N LEU A 47 6.99 1.46 -3.04
CA LEU A 47 7.41 1.99 -4.33
C LEU A 47 6.39 1.60 -5.41
N TRP A 48 5.98 2.60 -6.17
CA TRP A 48 5.03 2.38 -7.24
C TRP A 48 5.67 2.80 -8.56
N TYR A 49 5.64 1.89 -9.51
CA TYR A 49 6.23 2.15 -10.82
C TYR A 49 5.14 2.21 -11.90
N MET A 50 5.25 3.22 -12.75
CA MET A 50 4.30 3.40 -13.83
C MET A 50 3.85 2.05 -14.39
N ASP A 51 4.77 1.10 -14.39
CA ASP A 51 4.48 -0.23 -14.90
C ASP A 51 5.35 -1.25 -14.16
N ASN A 52 4.93 -2.50 -14.24
CA ASN A 52 5.66 -3.58 -13.59
C ASN A 52 7.16 -3.38 -13.81
N PRO A 53 7.96 -3.83 -12.81
CA PRO A 53 9.40 -3.71 -12.88
C PRO A 53 9.99 -4.74 -13.86
N GLN A 54 9.27 -5.84 -14.00
CA GLN A 54 9.71 -6.90 -14.90
C GLN A 54 9.71 -6.40 -16.34
N ASN A 55 9.11 -5.24 -16.54
CA ASN A 55 9.03 -4.66 -17.87
C ASN A 55 10.04 -3.51 -17.97
N LEU A 56 10.25 -2.84 -16.84
CA LEU A 56 11.19 -1.74 -16.79
C LEU A 56 12.61 -2.27 -17.00
N ALA A 57 13.57 -1.39 -16.78
CA ALA A 57 14.97 -1.75 -16.94
C ALA A 57 15.59 -1.98 -15.55
N VAL A 58 16.84 -2.42 -15.57
CA VAL A 58 17.56 -2.69 -14.33
C VAL A 58 17.77 -1.37 -13.57
N GLY A 59 18.28 -0.39 -14.30
CA GLY A 59 18.54 0.92 -13.72
C GLY A 59 17.27 1.78 -13.73
N ALA A 60 16.17 1.16 -13.36
CA ALA A 60 14.89 1.85 -13.31
C ALA A 60 14.72 2.51 -11.94
N GLY A 61 13.80 3.46 -11.90
CA GLY A 61 13.53 4.17 -10.65
C GLY A 61 12.09 3.91 -10.18
N ALA A 62 11.49 4.95 -9.62
CA ALA A 62 10.13 4.85 -9.13
C ALA A 62 9.43 6.21 -9.28
N VAL A 63 8.14 6.15 -9.55
CA VAL A 63 7.35 7.36 -9.72
C VAL A 63 7.20 8.06 -8.37
N GLY A 64 7.15 7.24 -7.32
CA GLY A 64 7.00 7.76 -5.97
C GLY A 64 7.28 6.67 -4.93
N SER A 65 7.82 7.11 -3.80
CA SER A 65 8.16 6.19 -2.73
C SER A 65 7.42 6.61 -1.45
N LEU A 66 7.13 5.62 -0.62
CA LEU A 66 6.44 5.85 0.64
C LEU A 66 7.09 5.04 1.75
N GLN A 67 7.81 5.74 2.61
CA GLN A 67 8.50 5.09 3.72
C GLN A 67 7.47 4.55 4.72
N LEU A 68 7.57 3.25 4.98
CA LEU A 68 6.68 2.61 5.91
C LEU A 68 6.82 3.27 7.29
N THR A 69 7.93 3.94 7.47
CA THR A 69 8.20 4.63 8.73
C THR A 69 7.16 5.71 8.97
N TYR A 70 6.50 6.11 7.90
CA TYR A 70 5.47 7.15 7.99
C TYR A 70 4.11 6.53 8.33
N ILE A 71 3.71 5.58 7.50
CA ILE A 71 2.43 4.91 7.70
C ILE A 71 2.31 4.49 9.17
N SER A 72 1.11 4.70 9.71
CA SER A 72 0.85 4.35 11.10
C SER A 72 -0.35 3.39 11.18
N LYS A 73 -1.36 3.71 10.38
CA LYS A 73 -2.57 2.90 10.35
C LYS A 73 -3.15 2.90 8.94
N VAL A 74 -3.79 1.79 8.59
CA VAL A 74 -4.40 1.67 7.28
C VAL A 74 -5.83 1.16 7.43
N SER A 75 -6.77 2.08 7.26
CA SER A 75 -8.18 1.75 7.38
C SER A 75 -8.91 2.08 6.07
N ILE A 76 -10.08 1.48 5.92
CA ILE A 76 -10.89 1.71 4.73
C ILE A 76 -11.54 3.10 4.82
N ALA A 77 -11.32 3.88 3.77
CA ALA A 77 -11.88 5.22 3.72
C ALA A 77 -13.40 5.15 3.87
N THR A 78 -14.03 6.32 3.88
CA THR A 78 -15.46 6.40 4.02
C THR A 78 -16.03 7.43 3.05
N PRO A 79 -17.39 7.42 2.93
CA PRO A 79 -18.07 8.35 2.04
C PRO A 79 -18.11 9.76 2.64
N LYS A 80 -17.54 9.87 3.84
CA LYS A 80 -17.49 11.15 4.52
C LYS A 80 -16.16 11.84 4.22
N GLN A 81 -15.20 11.04 3.75
CA GLN A 81 -13.89 11.55 3.42
C GLN A 81 -13.66 11.48 1.91
N LYS A 82 -13.95 10.33 1.35
CA LYS A 82 -13.79 10.13 -0.08
C LYS A 82 -14.87 9.17 -0.58
N PRO A 83 -16.07 9.73 -0.81
CA PRO A 83 -17.20 8.94 -1.30
C PRO A 83 -17.03 8.61 -2.79
N LYS A 84 -17.94 7.78 -3.27
CA LYS A 84 -17.91 7.38 -4.67
C LYS A 84 -16.78 6.37 -4.88
N THR A 85 -16.38 5.73 -3.79
CA THR A 85 -15.32 4.75 -3.84
C THR A 85 -15.67 3.53 -2.98
N PRO A 86 -15.85 2.37 -3.66
CA PRO A 86 -16.19 1.14 -2.96
C PRO A 86 -14.97 0.57 -2.26
N PHE A 87 -14.06 0.03 -3.05
CA PHE A 87 -12.84 -0.55 -2.52
C PHE A 87 -11.70 0.47 -2.49
N CYS A 88 -11.78 1.37 -1.52
CA CYS A 88 -10.76 2.40 -1.37
C CYS A 88 -10.33 2.43 0.10
N PHE A 89 -9.02 2.47 0.29
CA PHE A 89 -8.46 2.50 1.63
C PHE A 89 -7.58 3.73 1.82
N VAL A 90 -7.60 4.26 3.03
CA VAL A 90 -6.81 5.44 3.37
C VAL A 90 -5.61 5.02 4.21
N ILE A 91 -4.44 5.45 3.78
CA ILE A 91 -3.22 5.13 4.49
C ILE A 91 -2.91 6.23 5.51
N ASN A 92 -3.16 5.90 6.78
CA ASN A 92 -2.92 6.86 7.85
C ASN A 92 -1.43 6.86 8.20
N ALA A 93 -0.84 8.04 8.12
CA ALA A 93 0.57 8.21 8.41
C ALA A 93 0.74 9.27 9.51
N LEU A 94 1.89 9.93 9.47
CA LEU A 94 2.18 10.97 10.43
C LEU A 94 0.92 11.79 10.70
N SER A 95 0.54 12.57 9.71
CA SER A 95 -0.65 13.40 9.81
C SER A 95 -1.23 13.68 8.43
N GLN A 96 -1.21 12.64 7.59
CA GLN A 96 -1.73 12.76 6.25
C GLN A 96 -2.58 11.53 5.90
N ARG A 97 -3.44 11.71 4.92
CA ARG A 97 -4.31 10.62 4.48
C ARG A 97 -4.21 10.44 2.97
N TYR A 98 -3.73 9.27 2.57
CA TYR A 98 -3.57 8.96 1.17
C TYR A 98 -4.72 8.08 0.67
N PHE A 99 -5.38 8.55 -0.38
CA PHE A 99 -6.49 7.82 -0.95
C PHE A 99 -6.05 7.03 -2.20
N LEU A 100 -6.17 5.71 -2.09
CA LEU A 100 -5.79 4.84 -3.18
C LEU A 100 -7.00 4.01 -3.62
N GLN A 101 -6.99 3.62 -4.88
CA GLN A 101 -8.07 2.82 -5.44
C GLN A 101 -7.56 1.45 -5.88
N ALA A 102 -8.35 0.42 -5.60
CA ALA A 102 -7.98 -0.93 -5.98
C ALA A 102 -8.79 -1.35 -7.20
N ASN A 103 -8.47 -2.54 -7.70
CA ASN A 103 -9.15 -3.06 -8.87
C ASN A 103 -10.46 -3.72 -8.43
N ASP A 104 -10.34 -4.70 -7.55
CA ASP A 104 -11.49 -5.40 -7.05
C ASP A 104 -11.60 -5.20 -5.53
N GLN A 105 -12.37 -6.07 -4.90
CA GLN A 105 -12.56 -5.99 -3.47
C GLN A 105 -11.45 -6.76 -2.74
N LYS A 106 -10.90 -7.73 -3.44
CA LYS A 106 -9.82 -8.55 -2.88
C LYS A 106 -8.54 -7.72 -2.81
N ASP A 107 -8.07 -7.31 -4.00
CA ASP A 107 -6.87 -6.52 -4.08
C ASP A 107 -6.94 -5.37 -3.07
N LEU A 108 -8.15 -4.91 -2.83
CA LEU A 108 -8.37 -3.82 -1.89
C LEU A 108 -7.93 -4.27 -0.49
N LYS A 109 -8.72 -5.17 0.09
CA LYS A 109 -8.43 -5.68 1.41
C LYS A 109 -6.96 -6.11 1.47
N ASP A 110 -6.59 -6.96 0.54
CA ASP A 110 -5.22 -7.46 0.47
C ASP A 110 -4.25 -6.31 0.78
N TRP A 111 -4.35 -5.27 -0.03
CA TRP A 111 -3.49 -4.10 0.13
C TRP A 111 -3.60 -3.65 1.59
N VAL A 112 -4.81 -3.26 1.97
CA VAL A 112 -5.06 -2.80 3.32
C VAL A 112 -4.36 -3.74 4.31
N GLU A 113 -4.70 -5.01 4.22
CA GLU A 113 -4.11 -6.00 5.09
C GLU A 113 -2.59 -5.95 5.01
N ALA A 114 -2.09 -5.96 3.78
CA ALA A 114 -0.65 -5.91 3.56
C ALA A 114 -0.07 -4.66 4.22
N LEU A 115 -0.76 -3.54 4.00
CA LEU A 115 -0.32 -2.28 4.57
C LEU A 115 -0.56 -2.31 6.08
N ASN A 116 -1.35 -3.27 6.51
CA ASN A 116 -1.65 -3.41 7.92
C ASN A 116 -0.67 -4.40 8.56
N GLN A 117 0.03 -5.13 7.69
CA GLN A 117 1.01 -6.10 8.16
C GLN A 117 2.41 -5.51 8.11
N ALA A 118 2.73 -4.90 6.97
CA ALA A 118 4.04 -4.29 6.78
C ALA A 118 4.22 -3.16 7.79
N SER A 119 3.12 -2.47 8.07
CA SER A 119 3.14 -1.36 9.01
C SER A 119 2.85 -1.88 10.42
N LYS A 120 2.57 -3.17 10.50
CA LYS A 120 2.27 -3.79 11.78
C LYS A 120 1.43 -2.84 12.63
N SER A 121 0.14 -2.84 12.36
CA SER A 121 -0.78 -1.98 13.09
C SER A 121 -0.62 -2.19 14.60
N GLY A 122 -0.07 -3.36 14.94
CA GLY A 122 0.14 -3.70 16.33
C GLY A 122 1.32 -4.66 16.49
N PRO A 123 1.81 -4.77 17.75
CA PRO A 123 2.93 -5.63 18.05
C PRO A 123 2.50 -7.10 18.06
N SER A 124 1.88 -7.51 16.96
CA SER A 124 1.41 -8.88 16.83
C SER A 124 1.93 -9.49 15.53
N SER A 125 2.39 -10.73 15.64
CA SER A 125 2.91 -11.44 14.47
C SER A 125 2.34 -12.86 14.42
N GLY A 126 1.44 -13.06 13.48
CA GLY A 126 0.81 -14.36 13.32
C GLY A 126 -0.49 -14.44 14.11
N GLY A 1 22.51 -9.50 26.26
CA GLY A 1 23.48 -9.37 25.19
C GLY A 1 23.04 -8.31 24.19
N SER A 2 23.31 -7.05 24.56
CA SER A 2 22.95 -5.93 23.71
C SER A 2 21.43 -5.85 23.56
N SER A 3 20.91 -6.72 22.70
CA SER A 3 19.47 -6.75 22.45
C SER A 3 18.76 -7.38 23.65
N GLY A 4 19.15 -8.60 23.96
CA GLY A 4 18.55 -9.31 25.08
C GLY A 4 17.98 -10.67 24.64
N SER A 5 16.74 -10.90 24.99
CA SER A 5 16.07 -12.14 24.63
C SER A 5 14.87 -11.85 23.73
N SER A 6 14.73 -12.67 22.71
CA SER A 6 13.62 -12.51 21.77
C SER A 6 13.66 -13.64 20.73
N GLY A 7 12.48 -14.20 20.47
CA GLY A 7 12.36 -15.28 19.51
C GLY A 7 12.93 -14.86 18.15
N MET A 8 12.22 -13.95 17.51
CA MET A 8 12.64 -13.47 16.20
C MET A 8 11.74 -12.32 15.73
N PRO A 9 11.79 -11.20 16.50
CA PRO A 9 10.99 -10.03 16.17
C PRO A 9 11.58 -9.28 14.97
N TYR A 10 11.76 -10.01 13.88
CA TYR A 10 12.31 -9.43 12.68
C TYR A 10 11.44 -9.78 11.45
N VAL A 11 12.11 -9.95 10.33
CA VAL A 11 11.42 -10.28 9.09
C VAL A 11 10.28 -11.25 9.40
N ASP A 12 9.06 -10.78 9.19
CA ASP A 12 7.88 -11.58 9.44
C ASP A 12 7.33 -12.09 8.11
N ARG A 13 6.17 -12.73 8.18
CA ARG A 13 5.53 -13.26 7.00
C ARG A 13 4.62 -12.21 6.36
N GLN A 14 4.91 -10.96 6.67
CA GLN A 14 4.13 -9.86 6.13
C GLN A 14 3.69 -10.16 4.71
N ASN A 15 4.58 -10.83 3.98
CA ASN A 15 4.30 -11.18 2.60
C ASN A 15 4.14 -9.91 1.76
N ARG A 16 4.89 -9.85 0.68
CA ARG A 16 4.84 -8.70 -0.21
C ARG A 16 3.61 -8.78 -1.11
N ILE A 17 3.05 -7.60 -1.39
CA ILE A 17 1.87 -7.52 -2.23
C ILE A 17 2.17 -6.63 -3.44
N CYS A 18 1.43 -6.86 -4.50
CA CYS A 18 1.60 -6.08 -5.72
C CYS A 18 0.24 -5.93 -6.40
N GLY A 19 0.08 -4.82 -7.09
CA GLY A 19 -1.17 -4.54 -7.79
C GLY A 19 -1.27 -3.06 -8.14
N PHE A 20 -1.92 -2.80 -9.27
CA PHE A 20 -2.09 -1.42 -9.74
C PHE A 20 -3.15 -0.70 -8.91
N LEU A 21 -2.74 0.44 -8.37
CA LEU A 21 -3.64 1.25 -7.55
C LEU A 21 -3.75 2.65 -8.13
N ASP A 22 -4.95 3.21 -8.04
CA ASP A 22 -5.20 4.55 -8.55
C ASP A 22 -5.03 5.57 -7.42
N ILE A 23 -3.81 6.10 -7.32
CA ILE A 23 -3.51 7.08 -6.30
C ILE A 23 -4.02 8.46 -6.75
N GLU A 24 -4.77 9.09 -5.86
CA GLU A 24 -5.31 10.41 -6.15
C GLU A 24 -4.22 11.47 -6.10
N ASP A 25 -4.27 12.39 -7.05
CA ASP A 25 -3.29 13.46 -7.11
C ASP A 25 -3.99 14.80 -6.92
N ASN A 26 -3.19 15.84 -6.72
CA ASN A 26 -3.72 17.17 -6.52
C ASN A 26 -3.86 17.86 -7.87
N GLU A 27 -3.82 17.06 -8.93
CA GLU A 27 -3.95 17.58 -10.27
C GLU A 27 -5.26 18.36 -10.41
N ASN A 28 -6.36 17.64 -10.23
CA ASN A 28 -7.68 18.25 -10.34
C ASN A 28 -8.56 17.74 -9.20
N SER A 29 -7.90 17.22 -8.17
CA SER A 29 -8.61 16.70 -7.02
C SER A 29 -9.86 15.93 -7.47
N GLY A 30 -9.64 14.65 -7.73
CA GLY A 30 -10.73 13.79 -8.17
C GLY A 30 -10.24 12.74 -9.17
N LYS A 31 -9.08 13.03 -9.75
CA LYS A 31 -8.49 12.12 -10.72
C LYS A 31 -7.39 11.30 -10.04
N PHE A 32 -7.32 10.04 -10.43
CA PHE A 32 -6.32 9.14 -9.88
C PHE A 32 -5.18 8.90 -10.87
N LEU A 33 -4.02 8.56 -10.33
CA LEU A 33 -2.85 8.30 -11.15
C LEU A 33 -2.58 6.80 -11.19
N ARG A 34 -2.42 6.29 -12.40
CA ARG A 34 -2.16 4.87 -12.59
C ARG A 34 -0.71 4.55 -12.23
N ARG A 35 -0.54 4.02 -11.02
CA ARG A 35 0.79 3.66 -10.55
C ARG A 35 0.78 2.24 -9.99
N TYR A 36 1.87 1.52 -10.27
CA TYR A 36 2.00 0.15 -9.80
C TYR A 36 2.70 0.10 -8.45
N PHE A 37 1.89 0.01 -7.40
CA PHE A 37 2.41 -0.05 -6.05
C PHE A 37 2.86 -1.48 -5.69
N ILE A 38 3.89 -1.54 -4.86
CA ILE A 38 4.42 -2.83 -4.44
C ILE A 38 4.88 -2.73 -2.98
N LEU A 39 4.25 -3.54 -2.14
CA LEU A 39 4.59 -3.55 -0.73
C LEU A 39 5.86 -4.38 -0.51
N ASP A 40 6.95 -3.68 -0.26
CA ASP A 40 8.23 -4.33 -0.05
C ASP A 40 8.54 -4.35 1.45
N THR A 41 8.61 -5.55 2.00
CA THR A 41 8.89 -5.71 3.42
C THR A 41 10.39 -5.70 3.66
N GLN A 42 11.14 -6.02 2.61
CA GLN A 42 12.59 -6.06 2.69
C GLN A 42 13.15 -4.63 2.72
N ALA A 43 12.56 -3.78 1.90
CA ALA A 43 12.99 -2.39 1.83
C ALA A 43 12.41 -1.62 3.01
N ASN A 44 11.22 -2.02 3.41
CA ASN A 44 10.56 -1.38 4.54
C ASN A 44 9.98 -0.04 4.09
N CYS A 45 9.72 0.05 2.79
CA CYS A 45 9.18 1.26 2.21
C CYS A 45 8.30 0.88 1.03
N LEU A 46 7.29 1.71 0.78
CA LEU A 46 6.37 1.47 -0.31
C LEU A 46 6.88 2.17 -1.57
N LEU A 47 7.00 1.40 -2.64
CA LEU A 47 7.48 1.93 -3.90
C LEU A 47 6.47 1.62 -5.01
N TRP A 48 6.14 2.65 -5.77
CA TRP A 48 5.19 2.50 -6.85
C TRP A 48 5.85 3.00 -8.13
N TYR A 49 5.83 2.15 -9.15
CA TYR A 49 6.43 2.50 -10.43
C TYR A 49 5.35 2.73 -11.49
N MET A 50 5.57 3.75 -12.30
CA MET A 50 4.63 4.09 -13.35
C MET A 50 4.02 2.82 -13.97
N ASP A 51 4.88 1.84 -14.19
CA ASP A 51 4.45 0.58 -14.76
C ASP A 51 5.17 -0.57 -14.06
N ASN A 52 4.70 -1.78 -14.34
CA ASN A 52 5.28 -2.96 -13.75
C ASN A 52 6.81 -2.88 -13.83
N PRO A 53 7.48 -3.49 -12.81
CA PRO A 53 8.93 -3.48 -12.76
C PRO A 53 9.51 -4.46 -13.79
N GLN A 54 8.66 -5.33 -14.29
CA GLN A 54 9.08 -6.32 -15.27
C GLN A 54 9.36 -5.65 -16.61
N ASN A 55 8.75 -4.48 -16.79
CA ASN A 55 8.92 -3.73 -18.02
C ASN A 55 10.07 -2.73 -17.84
N LEU A 56 10.18 -2.21 -16.63
CA LEU A 56 11.23 -1.25 -16.31
C LEU A 56 12.59 -1.94 -16.39
N ALA A 57 13.60 -1.23 -15.92
CA ALA A 57 14.95 -1.76 -15.92
C ALA A 57 15.23 -2.44 -14.58
N VAL A 58 16.43 -3.01 -14.48
CA VAL A 58 16.84 -3.69 -13.26
C VAL A 58 17.36 -2.68 -12.25
N GLY A 59 16.74 -2.68 -11.08
CA GLY A 59 17.13 -1.76 -10.03
C GLY A 59 16.53 -0.37 -10.26
N ALA A 60 15.69 -0.29 -11.28
CA ALA A 60 15.04 0.97 -11.63
C ALA A 60 14.63 1.69 -10.34
N GLY A 61 14.47 3.00 -10.45
CA GLY A 61 14.08 3.81 -9.32
C GLY A 61 12.58 3.63 -9.00
N ALA A 62 11.92 4.73 -8.74
CA ALA A 62 10.51 4.72 -8.42
C ALA A 62 9.92 6.11 -8.59
N VAL A 63 8.76 6.17 -9.23
CA VAL A 63 8.10 7.45 -9.46
C VAL A 63 7.67 8.04 -8.12
N GLY A 64 7.75 7.22 -7.09
CA GLY A 64 7.38 7.64 -5.75
C GLY A 64 7.74 6.59 -4.71
N SER A 65 7.81 7.03 -3.47
CA SER A 65 8.14 6.13 -2.37
C SER A 65 7.39 6.55 -1.10
N LEU A 66 7.18 5.58 -0.22
CA LEU A 66 6.49 5.83 1.03
C LEU A 66 7.09 4.95 2.12
N GLN A 67 8.00 5.55 2.88
CA GLN A 67 8.66 4.83 3.96
C GLN A 67 7.64 4.37 4.99
N LEU A 68 7.63 3.08 5.24
CA LEU A 68 6.70 2.50 6.20
C LEU A 68 6.86 3.23 7.54
N THR A 69 8.01 3.85 7.72
CA THR A 69 8.28 4.58 8.94
C THR A 69 7.23 5.67 9.17
N TYR A 70 6.61 6.07 8.08
CA TYR A 70 5.58 7.10 8.14
C TYR A 70 4.21 6.49 8.43
N ILE A 71 3.79 5.59 7.56
CA ILE A 71 2.51 4.93 7.72
C ILE A 71 2.31 4.55 9.19
N SER A 72 1.10 4.74 9.65
CA SER A 72 0.76 4.43 11.04
C SER A 72 -0.42 3.45 11.08
N LYS A 73 -1.44 3.76 10.30
CA LYS A 73 -2.62 2.93 10.24
C LYS A 73 -3.16 2.91 8.81
N VAL A 74 -3.74 1.78 8.44
CA VAL A 74 -4.29 1.62 7.10
C VAL A 74 -5.74 1.14 7.21
N SER A 75 -6.65 2.10 7.10
CA SER A 75 -8.07 1.79 7.19
C SER A 75 -8.74 2.04 5.83
N ILE A 76 -9.95 1.51 5.70
CA ILE A 76 -10.71 1.67 4.48
C ILE A 76 -11.24 3.10 4.39
N ALA A 77 -11.05 3.70 3.22
CA ALA A 77 -11.49 5.06 2.99
C ALA A 77 -13.02 5.10 3.01
N THR A 78 -13.56 6.32 3.05
CA THR A 78 -15.00 6.51 3.07
C THR A 78 -15.42 7.50 1.98
N PRO A 79 -16.76 7.66 1.84
CA PRO A 79 -17.31 8.57 0.85
C PRO A 79 -17.15 10.01 1.29
N LYS A 80 -17.14 10.21 2.60
CA LYS A 80 -17.00 11.55 3.16
C LYS A 80 -15.59 12.07 2.84
N GLN A 81 -14.68 11.14 2.60
CA GLN A 81 -13.31 11.50 2.30
C GLN A 81 -13.06 11.39 0.79
N LYS A 82 -13.40 10.23 0.25
CA LYS A 82 -13.22 9.99 -1.18
C LYS A 82 -14.31 9.02 -1.66
N PRO A 83 -15.48 9.61 -2.04
CA PRO A 83 -16.59 8.82 -2.53
C PRO A 83 -16.33 8.33 -3.95
N LYS A 84 -17.29 7.56 -4.46
CA LYS A 84 -17.19 7.03 -5.81
C LYS A 84 -16.18 5.88 -5.81
N THR A 85 -15.82 5.43 -4.62
CA THR A 85 -14.88 4.34 -4.47
C THR A 85 -15.35 3.35 -3.40
N PRO A 86 -15.71 2.14 -3.87
CA PRO A 86 -16.19 1.11 -2.96
C PRO A 86 -15.03 0.50 -2.16
N PHE A 87 -14.05 -0.02 -2.91
CA PHE A 87 -12.89 -0.63 -2.28
C PHE A 87 -11.69 0.33 -2.31
N CYS A 88 -11.72 1.30 -1.41
CA CYS A 88 -10.65 2.28 -1.33
C CYS A 88 -10.10 2.26 0.09
N PHE A 89 -8.78 2.35 0.20
CA PHE A 89 -8.12 2.36 1.49
C PHE A 89 -7.26 3.61 1.66
N VAL A 90 -7.34 4.19 2.85
CA VAL A 90 -6.58 5.38 3.15
C VAL A 90 -5.40 5.01 4.07
N ILE A 91 -4.20 5.25 3.56
CA ILE A 91 -3.00 4.95 4.31
C ILE A 91 -2.70 6.10 5.27
N ASN A 92 -2.97 5.85 6.55
CA ASN A 92 -2.75 6.85 7.57
C ASN A 92 -1.27 6.84 7.97
N ALA A 93 -0.67 8.02 7.90
CA ALA A 93 0.74 8.17 8.25
C ALA A 93 0.88 9.25 9.32
N LEU A 94 2.00 9.97 9.24
CA LEU A 94 2.27 11.03 10.19
C LEU A 94 0.98 11.79 10.50
N SER A 95 0.51 12.53 9.51
CA SER A 95 -0.71 13.30 9.66
C SER A 95 -1.36 13.53 8.30
N GLN A 96 -1.05 12.63 7.36
CA GLN A 96 -1.60 12.73 6.02
C GLN A 96 -2.51 11.54 5.74
N ARG A 97 -3.15 11.58 4.58
CA ARG A 97 -4.05 10.53 4.18
C ARG A 97 -3.97 10.29 2.67
N TYR A 98 -3.46 9.12 2.30
CA TYR A 98 -3.33 8.77 0.90
C TYR A 98 -4.55 7.99 0.40
N PHE A 99 -5.22 8.58 -0.58
CA PHE A 99 -6.40 7.96 -1.15
C PHE A 99 -6.05 7.16 -2.41
N LEU A 100 -6.25 5.86 -2.32
CA LEU A 100 -5.95 4.97 -3.44
C LEU A 100 -7.20 4.15 -3.77
N GLN A 101 -7.21 3.63 -4.99
CA GLN A 101 -8.33 2.82 -5.45
C GLN A 101 -7.85 1.45 -5.91
N ALA A 102 -8.54 0.42 -5.43
CA ALA A 102 -8.19 -0.94 -5.79
C ALA A 102 -9.02 -1.38 -6.99
N ASN A 103 -8.73 -2.58 -7.46
CA ASN A 103 -9.44 -3.12 -8.61
C ASN A 103 -10.73 -3.80 -8.13
N ASP A 104 -10.56 -4.72 -7.19
CA ASP A 104 -11.69 -5.45 -6.64
C ASP A 104 -11.73 -5.25 -5.13
N GLN A 105 -12.50 -6.11 -4.47
CA GLN A 105 -12.63 -6.04 -3.03
C GLN A 105 -11.45 -6.75 -2.35
N LYS A 106 -10.91 -7.73 -3.05
CA LYS A 106 -9.79 -8.50 -2.54
C LYS A 106 -8.55 -7.58 -2.47
N ASP A 107 -8.07 -7.20 -3.64
CA ASP A 107 -6.91 -6.34 -3.73
C ASP A 107 -7.00 -5.26 -2.66
N LEU A 108 -8.17 -4.64 -2.57
CA LEU A 108 -8.41 -3.60 -1.59
C LEU A 108 -8.06 -4.12 -0.20
N LYS A 109 -8.83 -5.10 0.24
CA LYS A 109 -8.62 -5.69 1.55
C LYS A 109 -7.15 -6.15 1.67
N ASP A 110 -6.74 -6.96 0.71
CA ASP A 110 -5.38 -7.48 0.70
C ASP A 110 -4.41 -6.32 0.95
N TRP A 111 -4.39 -5.38 0.02
CA TRP A 111 -3.51 -4.23 0.13
C TRP A 111 -3.60 -3.71 1.56
N VAL A 112 -4.82 -3.41 1.98
CA VAL A 112 -5.06 -2.91 3.33
C VAL A 112 -4.38 -3.83 4.34
N GLU A 113 -4.62 -5.13 4.16
CA GLU A 113 -4.04 -6.12 5.05
C GLU A 113 -2.51 -6.06 4.99
N ALA A 114 -2.00 -6.06 3.76
CA ALA A 114 -0.57 -6.01 3.55
C ALA A 114 -0.01 -4.74 4.19
N LEU A 115 -0.72 -3.65 3.98
CA LEU A 115 -0.30 -2.36 4.52
C LEU A 115 -0.54 -2.36 6.03
N ASN A 116 -1.34 -3.33 6.49
CA ASN A 116 -1.64 -3.44 7.90
C ASN A 116 -0.61 -4.35 8.57
N GLN A 117 0.09 -5.11 7.74
CA GLN A 117 1.10 -6.02 8.23
C GLN A 117 2.49 -5.37 8.16
N ALA A 118 2.89 -5.04 6.93
CA ALA A 118 4.17 -4.41 6.72
C ALA A 118 4.34 -3.22 7.67
N SER A 119 3.20 -2.69 8.09
CA SER A 119 3.20 -1.56 9.00
C SER A 119 3.48 -2.03 10.43
N LYS A 120 2.69 -3.00 10.86
CA LYS A 120 2.84 -3.54 12.20
C LYS A 120 4.16 -4.29 12.29
N SER A 121 4.79 -4.48 11.13
CA SER A 121 6.06 -5.18 11.07
C SER A 121 7.19 -4.18 10.82
N GLY A 122 6.99 -2.97 11.32
CA GLY A 122 7.99 -1.93 11.17
C GLY A 122 9.10 -2.07 12.19
N PRO A 123 9.65 -0.90 12.63
CA PRO A 123 10.73 -0.89 13.61
C PRO A 123 10.20 -1.20 15.01
N SER A 124 8.95 -0.82 15.24
CA SER A 124 8.31 -1.06 16.52
C SER A 124 6.79 -1.02 16.37
N SER A 125 6.32 0.11 15.87
CA SER A 125 4.88 0.29 15.67
C SER A 125 4.11 -0.23 16.88
N GLY A 126 3.95 0.64 17.87
CA GLY A 126 3.24 0.27 19.08
C GLY A 126 2.44 1.46 19.64
N GLY A 1 6.35 -16.68 14.35
CA GLY A 1 5.44 -17.81 14.32
C GLY A 1 3.98 -17.34 14.44
N SER A 2 3.08 -18.13 13.87
CA SER A 2 1.67 -17.81 13.91
C SER A 2 0.89 -18.97 14.54
N SER A 3 1.03 -20.13 13.93
CA SER A 3 0.34 -21.32 14.42
C SER A 3 -1.17 -21.14 14.28
N GLY A 4 -1.80 -22.17 13.73
CA GLY A 4 -3.24 -22.14 13.52
C GLY A 4 -3.64 -21.10 12.48
N SER A 5 -4.89 -20.67 12.55
CA SER A 5 -5.40 -19.69 11.62
C SER A 5 -4.91 -18.29 12.02
N SER A 6 -4.52 -17.53 11.01
CA SER A 6 -4.03 -16.17 11.24
C SER A 6 -4.91 -15.47 12.29
N GLY A 7 -6.10 -15.11 11.86
CA GLY A 7 -7.04 -14.44 12.76
C GLY A 7 -7.61 -13.19 12.09
N MET A 8 -6.89 -12.09 12.24
CA MET A 8 -7.32 -10.82 11.67
C MET A 8 -7.10 -10.81 10.15
N PRO A 9 -5.84 -11.14 9.74
CA PRO A 9 -5.50 -11.17 8.34
C PRO A 9 -6.09 -12.40 7.65
N TYR A 10 -6.02 -12.39 6.33
CA TYR A 10 -6.54 -13.49 5.54
C TYR A 10 -5.58 -13.87 4.42
N VAL A 11 -5.93 -14.95 3.73
CA VAL A 11 -5.11 -15.42 2.62
C VAL A 11 -3.72 -15.79 3.15
N ASP A 12 -2.99 -16.56 2.35
CA ASP A 12 -1.66 -16.99 2.72
C ASP A 12 -0.63 -16.08 2.04
N ARG A 13 -1.09 -14.92 1.62
CA ARG A 13 -0.22 -13.97 0.94
C ARG A 13 -0.24 -12.62 1.68
N GLN A 14 0.10 -12.69 2.96
CA GLN A 14 0.12 -11.49 3.78
C GLN A 14 1.54 -10.90 3.81
N ASN A 15 2.23 -11.05 2.69
CA ASN A 15 3.59 -10.54 2.58
C ASN A 15 3.68 -9.63 1.35
N ARG A 16 4.87 -9.61 0.76
CA ARG A 16 5.10 -8.78 -0.42
C ARG A 16 3.87 -8.81 -1.33
N ILE A 17 3.20 -7.67 -1.41
CA ILE A 17 2.02 -7.55 -2.25
C ILE A 17 2.35 -6.70 -3.46
N CYS A 18 1.63 -6.97 -4.55
CA CYS A 18 1.83 -6.23 -5.79
C CYS A 18 0.49 -6.11 -6.50
N GLY A 19 0.28 -4.96 -7.12
CA GLY A 19 -0.94 -4.71 -7.85
C GLY A 19 -1.01 -3.25 -8.35
N PHE A 20 -2.08 -2.96 -9.07
CA PHE A 20 -2.27 -1.62 -9.59
C PHE A 20 -3.28 -0.84 -8.76
N LEU A 21 -2.80 0.27 -8.20
CA LEU A 21 -3.65 1.12 -7.37
C LEU A 21 -3.70 2.52 -7.97
N ASP A 22 -4.87 3.14 -7.85
CA ASP A 22 -5.05 4.49 -8.37
C ASP A 22 -4.91 5.50 -7.22
N ILE A 23 -3.73 6.09 -7.15
CA ILE A 23 -3.45 7.08 -6.12
C ILE A 23 -3.89 8.46 -6.61
N GLU A 24 -4.54 9.19 -5.72
CA GLU A 24 -5.02 10.53 -6.05
C GLU A 24 -3.86 11.52 -6.02
N ASP A 25 -3.76 12.30 -7.08
CA ASP A 25 -2.71 13.29 -7.20
C ASP A 25 -3.05 14.49 -6.30
N ASN A 26 -2.01 15.17 -5.83
CA ASN A 26 -2.18 16.33 -4.98
C ASN A 26 -2.50 17.55 -5.85
N GLU A 27 -1.96 17.53 -7.06
CA GLU A 27 -2.17 18.62 -7.99
C GLU A 27 -3.25 18.25 -9.01
N ASN A 28 -4.50 18.30 -8.54
CA ASN A 28 -5.62 17.96 -9.40
C ASN A 28 -6.88 17.85 -8.55
N SER A 29 -8.01 18.16 -9.18
CA SER A 29 -9.29 18.09 -8.49
C SER A 29 -9.78 16.65 -8.45
N GLY A 30 -9.08 15.84 -7.66
CA GLY A 30 -9.44 14.44 -7.53
C GLY A 30 -9.07 13.65 -8.78
N LYS A 31 -7.78 13.43 -8.94
CA LYS A 31 -7.27 12.70 -10.09
C LYS A 31 -6.39 11.54 -9.60
N PHE A 32 -6.72 10.35 -10.08
CA PHE A 32 -5.98 9.16 -9.71
C PHE A 32 -4.96 8.79 -10.79
N LEU A 33 -3.71 8.69 -10.36
CA LEU A 33 -2.64 8.35 -11.28
C LEU A 33 -2.39 6.84 -11.23
N ARG A 34 -2.56 6.20 -12.37
CA ARG A 34 -2.36 4.77 -12.47
C ARG A 34 -0.90 4.41 -12.15
N ARG A 35 -0.69 3.96 -10.92
CA ARG A 35 0.64 3.58 -10.47
C ARG A 35 0.62 2.16 -9.92
N TYR A 36 1.70 1.44 -10.20
CA TYR A 36 1.83 0.07 -9.73
C TYR A 36 2.56 0.00 -8.39
N PHE A 37 1.79 -0.08 -7.34
CA PHE A 37 2.34 -0.14 -5.99
C PHE A 37 2.79 -1.56 -5.65
N ILE A 38 3.85 -1.64 -4.86
CA ILE A 38 4.38 -2.93 -4.45
C ILE A 38 4.87 -2.85 -3.00
N LEU A 39 4.15 -3.55 -2.13
CA LEU A 39 4.49 -3.55 -0.72
C LEU A 39 5.72 -4.44 -0.50
N ASP A 40 6.85 -3.79 -0.27
CA ASP A 40 8.08 -4.50 -0.05
C ASP A 40 8.43 -4.46 1.44
N THR A 41 8.42 -5.65 2.04
CA THR A 41 8.73 -5.77 3.46
C THR A 41 10.25 -5.75 3.68
N GLN A 42 10.98 -5.98 2.60
CA GLN A 42 12.42 -6.00 2.66
C GLN A 42 12.97 -4.57 2.58
N ALA A 43 12.32 -3.77 1.75
CA ALA A 43 12.73 -2.39 1.56
C ALA A 43 12.17 -1.54 2.72
N ASN A 44 11.15 -2.08 3.36
CA ASN A 44 10.52 -1.38 4.47
C ASN A 44 9.95 -0.05 3.98
N CYS A 45 9.79 0.04 2.67
CA CYS A 45 9.26 1.24 2.06
C CYS A 45 8.34 0.84 0.90
N LEU A 46 7.39 1.72 0.60
CA LEU A 46 6.45 1.46 -0.48
C LEU A 46 6.96 2.12 -1.76
N LEU A 47 7.05 1.31 -2.81
CA LEU A 47 7.52 1.81 -4.08
C LEU A 47 6.47 1.51 -5.16
N TRP A 48 6.02 2.57 -5.80
CA TRP A 48 5.01 2.43 -6.85
C TRP A 48 5.64 2.89 -8.17
N TYR A 49 5.47 2.07 -9.19
CA TYR A 49 6.01 2.38 -10.51
C TYR A 49 4.88 2.51 -11.54
N MET A 50 5.11 3.42 -12.49
CA MET A 50 4.12 3.65 -13.54
C MET A 50 3.60 2.32 -14.10
N ASP A 51 4.47 1.32 -14.08
CA ASP A 51 4.11 0.01 -14.59
C ASP A 51 4.96 -1.05 -13.88
N ASN A 52 4.58 -2.31 -14.10
CA ASN A 52 5.30 -3.42 -13.50
C ASN A 52 6.79 -3.26 -13.76
N PRO A 53 7.60 -3.76 -12.78
CA PRO A 53 9.05 -3.69 -12.91
C PRO A 53 9.57 -4.72 -13.92
N GLN A 54 8.66 -5.56 -14.38
CA GLN A 54 9.02 -6.59 -15.34
C GLN A 54 9.03 -6.01 -16.75
N ASN A 55 8.51 -4.79 -16.86
CA ASN A 55 8.45 -4.11 -18.14
C ASN A 55 9.42 -2.93 -18.14
N LEU A 56 9.80 -2.52 -16.93
CA LEU A 56 10.71 -1.41 -16.77
C LEU A 56 12.15 -1.88 -17.06
N ALA A 57 13.09 -1.00 -16.80
CA ALA A 57 14.49 -1.31 -17.04
C ALA A 57 15.16 -1.68 -15.71
N VAL A 58 16.42 -2.08 -15.80
CA VAL A 58 17.18 -2.45 -14.62
C VAL A 58 17.49 -1.20 -13.80
N GLY A 59 18.04 -0.22 -14.47
CA GLY A 59 18.39 1.03 -13.81
C GLY A 59 17.19 1.98 -13.74
N ALA A 60 16.05 1.41 -13.39
CA ALA A 60 14.82 2.18 -13.29
C ALA A 60 14.56 2.52 -11.82
N GLY A 61 13.48 3.26 -11.60
CA GLY A 61 13.11 3.65 -10.26
C GLY A 61 11.59 3.78 -10.13
N ALA A 62 11.17 4.48 -9.08
CA ALA A 62 9.76 4.68 -8.83
C ALA A 62 9.44 6.17 -8.88
N VAL A 63 8.23 6.48 -9.33
CA VAL A 63 7.79 7.86 -9.44
C VAL A 63 7.66 8.45 -8.03
N GLY A 64 7.44 7.57 -7.07
CA GLY A 64 7.30 7.99 -5.68
C GLY A 64 7.48 6.80 -4.73
N SER A 65 7.78 7.14 -3.48
CA SER A 65 7.98 6.12 -2.47
C SER A 65 7.25 6.51 -1.19
N LEU A 66 7.14 5.53 -0.28
CA LEU A 66 6.47 5.77 0.98
C LEU A 66 7.12 4.90 2.06
N GLN A 67 7.96 5.55 2.85
CA GLN A 67 8.66 4.84 3.93
C GLN A 67 7.66 4.34 4.96
N LEU A 68 7.65 3.03 5.13
CA LEU A 68 6.74 2.40 6.09
C LEU A 68 6.83 3.15 7.42
N THR A 69 8.00 3.69 7.68
CA THR A 69 8.22 4.44 8.91
C THR A 69 7.17 5.53 9.07
N TYR A 70 6.70 6.03 7.94
CA TYR A 70 5.68 7.06 7.95
C TYR A 70 4.30 6.50 8.29
N ILE A 71 3.85 5.59 7.44
CA ILE A 71 2.56 4.97 7.64
C ILE A 71 2.37 4.63 9.12
N SER A 72 1.16 4.84 9.61
CA SER A 72 0.85 4.56 10.99
C SER A 72 -0.32 3.58 11.09
N LYS A 73 -1.32 3.82 10.25
CA LYS A 73 -2.50 2.97 10.23
C LYS A 73 -3.07 2.94 8.81
N VAL A 74 -3.66 1.81 8.47
CA VAL A 74 -4.25 1.64 7.15
C VAL A 74 -5.70 1.17 7.30
N SER A 75 -6.61 2.12 7.21
CA SER A 75 -8.03 1.82 7.34
C SER A 75 -8.74 2.10 6.02
N ILE A 76 -9.96 1.58 5.91
CA ILE A 76 -10.75 1.77 4.71
C ILE A 76 -11.30 3.20 4.70
N ALA A 77 -11.14 3.84 3.55
CA ALA A 77 -11.60 5.21 3.38
C ALA A 77 -13.14 5.24 3.49
N THR A 78 -13.62 6.17 4.30
CA THR A 78 -15.05 6.31 4.48
C THR A 78 -15.64 7.31 3.48
N PRO A 79 -16.99 7.37 3.46
CA PRO A 79 -17.68 8.28 2.55
C PRO A 79 -17.60 9.71 3.05
N LYS A 80 -16.93 9.89 4.18
CA LYS A 80 -16.76 11.20 4.76
C LYS A 80 -15.44 11.81 4.28
N GLN A 81 -14.62 10.96 3.68
CA GLN A 81 -13.33 11.41 3.17
C GLN A 81 -13.29 11.28 1.64
N LYS A 82 -13.63 10.09 1.17
CA LYS A 82 -13.63 9.83 -0.26
C LYS A 82 -14.71 8.78 -0.57
N PRO A 83 -15.97 9.28 -0.71
CA PRO A 83 -17.08 8.41 -1.01
C PRO A 83 -17.06 7.98 -2.48
N LYS A 84 -18.14 7.32 -2.89
CA LYS A 84 -18.25 6.85 -4.26
C LYS A 84 -17.16 5.81 -4.53
N THR A 85 -16.55 5.34 -3.45
CA THR A 85 -15.51 4.34 -3.56
C THR A 85 -15.78 3.17 -2.62
N PRO A 86 -16.02 1.99 -3.24
CA PRO A 86 -16.31 0.78 -2.48
C PRO A 86 -15.03 0.22 -1.85
N PHE A 87 -14.10 -0.18 -2.71
CA PHE A 87 -12.84 -0.73 -2.24
C PHE A 87 -11.73 0.33 -2.31
N CYS A 88 -11.78 1.24 -1.34
CA CYS A 88 -10.78 2.30 -1.27
C CYS A 88 -10.25 2.36 0.17
N PHE A 89 -8.92 2.33 0.27
CA PHE A 89 -8.28 2.38 1.58
C PHE A 89 -7.43 3.65 1.71
N VAL A 90 -7.40 4.16 2.93
CA VAL A 90 -6.62 5.36 3.21
C VAL A 90 -5.42 5.00 4.10
N ILE A 91 -4.24 5.32 3.58
CA ILE A 91 -3.01 5.04 4.31
C ILE A 91 -2.73 6.17 5.29
N ASN A 92 -2.99 5.89 6.57
CA ASN A 92 -2.76 6.88 7.61
C ASN A 92 -1.27 6.92 7.95
N ALA A 93 -0.70 8.11 7.82
CA ALA A 93 0.71 8.29 8.12
C ALA A 93 0.86 9.43 9.14
N LEU A 94 1.99 10.12 9.04
CA LEU A 94 2.27 11.22 9.94
C LEU A 94 0.99 12.01 10.19
N SER A 95 0.64 12.83 9.20
CA SER A 95 -0.56 13.65 9.30
C SER A 95 -1.16 13.87 7.90
N GLN A 96 -1.10 12.82 7.11
CA GLN A 96 -1.62 12.88 5.75
C GLN A 96 -2.45 11.62 5.44
N ARG A 97 -3.31 11.74 4.44
CA ARG A 97 -4.14 10.63 4.05
C ARG A 97 -4.02 10.38 2.54
N TYR A 98 -3.47 9.22 2.20
CA TYR A 98 -3.29 8.86 0.80
C TYR A 98 -4.49 8.06 0.29
N PHE A 99 -5.20 8.64 -0.67
CA PHE A 99 -6.36 7.99 -1.25
C PHE A 99 -5.96 7.16 -2.47
N LEU A 100 -6.16 5.85 -2.33
CA LEU A 100 -5.82 4.93 -3.41
C LEU A 100 -7.06 4.12 -3.77
N GLN A 101 -7.11 3.69 -5.03
CA GLN A 101 -8.23 2.91 -5.51
C GLN A 101 -7.74 1.56 -6.05
N ALA A 102 -8.42 0.51 -5.61
CA ALA A 102 -8.06 -0.83 -6.03
C ALA A 102 -8.93 -1.24 -7.22
N ASN A 103 -8.75 -2.48 -7.65
CA ASN A 103 -9.52 -2.99 -8.78
C ASN A 103 -10.77 -3.70 -8.26
N ASP A 104 -10.55 -4.70 -7.41
CA ASP A 104 -11.64 -5.45 -6.83
C ASP A 104 -11.66 -5.27 -5.32
N GLN A 105 -12.37 -6.16 -4.65
CA GLN A 105 -12.46 -6.11 -3.20
C GLN A 105 -11.26 -6.81 -2.56
N LYS A 106 -10.70 -7.74 -3.31
CA LYS A 106 -9.55 -8.50 -2.84
C LYS A 106 -8.34 -7.56 -2.73
N ASP A 107 -7.86 -7.14 -3.88
CA ASP A 107 -6.71 -6.24 -3.93
C ASP A 107 -6.83 -5.21 -2.81
N LEU A 108 -7.98 -4.57 -2.76
CA LEU A 108 -8.24 -3.55 -1.74
C LEU A 108 -7.90 -4.12 -0.37
N LYS A 109 -8.70 -5.10 0.05
CA LYS A 109 -8.49 -5.73 1.34
C LYS A 109 -7.03 -6.18 1.46
N ASP A 110 -6.63 -7.02 0.53
CA ASP A 110 -5.27 -7.53 0.51
C ASP A 110 -4.30 -6.39 0.80
N TRP A 111 -4.40 -5.34 -0.01
CA TRP A 111 -3.55 -4.17 0.14
C TRP A 111 -3.65 -3.70 1.59
N VAL A 112 -4.87 -3.37 1.98
CA VAL A 112 -5.13 -2.89 3.33
C VAL A 112 -4.43 -3.83 4.33
N GLU A 113 -4.71 -5.11 4.19
CA GLU A 113 -4.11 -6.10 5.07
C GLU A 113 -2.59 -6.05 4.98
N ALA A 114 -2.09 -6.05 3.75
CA ALA A 114 -0.67 -5.99 3.51
C ALA A 114 -0.09 -4.74 4.17
N LEU A 115 -0.82 -3.64 4.03
CA LEU A 115 -0.39 -2.37 4.60
C LEU A 115 -0.62 -2.41 6.11
N ASN A 116 -1.43 -3.37 6.54
CA ASN A 116 -1.74 -3.51 7.96
C ASN A 116 -0.68 -4.41 8.61
N GLN A 117 0.04 -5.13 7.77
CA GLN A 117 1.08 -6.02 8.25
C GLN A 117 2.42 -5.29 8.29
N ALA A 118 2.86 -4.85 7.12
CA ALA A 118 4.12 -4.13 7.01
C ALA A 118 4.22 -3.11 8.13
N SER A 119 3.12 -2.40 8.34
CA SER A 119 3.08 -1.38 9.38
C SER A 119 3.40 -2.00 10.74
N LYS A 120 2.76 -3.14 11.00
CA LYS A 120 2.96 -3.84 12.26
C LYS A 120 4.19 -4.76 12.13
N SER A 121 4.87 -4.61 11.01
CA SER A 121 6.05 -5.42 10.75
C SER A 121 5.69 -6.90 10.77
N GLY A 122 4.46 -7.17 10.38
CA GLY A 122 3.97 -8.54 10.33
C GLY A 122 3.94 -9.15 11.74
N PRO A 123 3.67 -10.48 11.78
CA PRO A 123 3.62 -11.20 13.04
C PRO A 123 5.03 -11.43 13.61
N SER A 124 5.97 -11.63 12.69
CA SER A 124 7.34 -11.86 13.09
C SER A 124 8.22 -12.03 11.84
N SER A 125 9.27 -11.22 11.78
CA SER A 125 10.19 -11.27 10.65
C SER A 125 9.47 -10.84 9.37
N GLY A 126 10.06 -9.84 8.72
CA GLY A 126 9.49 -9.32 7.49
C GLY A 126 8.48 -8.21 7.78
N GLY A 1 34.27 -3.34 5.71
CA GLY A 1 32.93 -2.82 5.46
C GLY A 1 32.03 -3.00 6.68
N SER A 2 31.08 -2.08 6.80
CA SER A 2 30.15 -2.12 7.92
C SER A 2 29.22 -3.33 7.77
N SER A 3 28.77 -3.82 8.91
CA SER A 3 27.86 -4.96 8.93
C SER A 3 26.86 -4.82 10.07
N GLY A 4 25.61 -4.59 9.69
CA GLY A 4 24.55 -4.44 10.67
C GLY A 4 23.95 -5.80 11.05
N SER A 5 23.99 -6.09 12.34
CA SER A 5 23.46 -7.34 12.84
C SER A 5 21.99 -7.50 12.43
N SER A 6 21.77 -8.41 11.50
CA SER A 6 20.43 -8.67 11.01
C SER A 6 19.95 -10.05 11.47
N GLY A 7 18.78 -10.05 12.09
CA GLY A 7 18.20 -11.30 12.59
C GLY A 7 17.40 -12.00 11.50
N MET A 8 18.09 -12.90 10.80
CA MET A 8 17.45 -13.65 9.73
C MET A 8 16.68 -12.72 8.78
N PRO A 9 17.41 -12.23 7.74
CA PRO A 9 16.80 -11.34 6.77
C PRO A 9 15.88 -12.10 5.82
N TYR A 10 15.77 -13.41 6.06
CA TYR A 10 14.94 -14.26 5.24
C TYR A 10 13.94 -15.03 6.10
N VAL A 11 12.79 -15.31 5.50
CA VAL A 11 11.74 -16.05 6.19
C VAL A 11 11.25 -15.22 7.38
N ASP A 12 10.54 -14.15 7.06
CA ASP A 12 10.01 -13.26 8.07
C ASP A 12 9.52 -11.97 7.43
N ARG A 13 8.23 -11.71 7.60
CA ARG A 13 7.62 -10.52 7.03
C ARG A 13 7.83 -10.49 5.52
N GLN A 14 7.37 -11.54 4.86
CA GLN A 14 7.50 -11.64 3.42
C GLN A 14 6.17 -11.32 2.73
N ASN A 15 5.45 -10.39 3.33
CA ASN A 15 4.16 -9.98 2.80
C ASN A 15 4.38 -8.99 1.65
N ARG A 16 4.76 -9.53 0.50
CA ARG A 16 5.01 -8.70 -0.67
C ARG A 16 3.79 -8.73 -1.60
N ILE A 17 3.05 -7.63 -1.58
CA ILE A 17 1.87 -7.50 -2.41
C ILE A 17 2.17 -6.59 -3.59
N CYS A 18 1.49 -6.86 -4.70
CA CYS A 18 1.68 -6.07 -5.91
C CYS A 18 0.34 -5.99 -6.64
N GLY A 19 0.19 -4.92 -7.41
CA GLY A 19 -1.03 -4.72 -8.17
C GLY A 19 -1.09 -3.30 -8.75
N PHE A 20 -2.23 -2.98 -9.34
CA PHE A 20 -2.42 -1.67 -9.94
C PHE A 20 -3.40 -0.84 -9.11
N LEU A 21 -2.88 0.21 -8.51
CA LEU A 21 -3.70 1.10 -7.69
C LEU A 21 -3.75 2.48 -8.33
N ASP A 22 -4.63 3.32 -7.79
CA ASP A 22 -4.79 4.67 -8.31
C ASP A 22 -4.73 5.66 -7.15
N ILE A 23 -3.53 6.18 -6.91
CA ILE A 23 -3.34 7.14 -5.83
C ILE A 23 -3.65 8.54 -6.35
N GLU A 24 -4.58 9.20 -5.65
CA GLU A 24 -4.98 10.55 -6.03
C GLU A 24 -3.78 11.49 -5.97
N ASP A 25 -3.68 12.33 -6.99
CA ASP A 25 -2.58 13.28 -7.08
C ASP A 25 -3.16 14.70 -7.19
N ASN A 26 -2.26 15.67 -7.14
CA ASN A 26 -2.67 17.06 -7.24
C ASN A 26 -2.67 17.50 -8.71
N GLU A 27 -2.71 16.49 -9.58
CA GLU A 27 -2.73 16.75 -11.01
C GLU A 27 -4.14 17.15 -11.46
N ASN A 28 -4.44 18.43 -11.28
CA ASN A 28 -5.74 18.95 -11.66
C ASN A 28 -6.73 18.71 -10.52
N SER A 29 -6.20 18.26 -9.40
CA SER A 29 -7.02 17.98 -8.23
C SER A 29 -8.25 17.17 -8.64
N GLY A 30 -8.16 15.86 -8.44
CA GLY A 30 -9.25 14.97 -8.79
C GLY A 30 -8.84 14.01 -9.90
N LYS A 31 -7.54 13.76 -9.98
CA LYS A 31 -7.01 12.86 -10.99
C LYS A 31 -6.03 11.88 -10.34
N PHE A 32 -6.35 10.60 -10.48
CA PHE A 32 -5.52 9.56 -9.90
C PHE A 32 -4.45 9.11 -10.90
N LEU A 33 -3.26 8.86 -10.37
CA LEU A 33 -2.15 8.43 -11.18
C LEU A 33 -2.02 6.90 -11.11
N ARG A 34 -2.40 6.25 -12.21
CA ARG A 34 -2.34 4.81 -12.27
C ARG A 34 -0.88 4.33 -12.27
N ARG A 35 -0.49 3.74 -11.15
CA ARG A 35 0.87 3.24 -11.00
C ARG A 35 0.85 1.89 -10.30
N TYR A 36 1.90 1.11 -10.55
CA TYR A 36 2.03 -0.20 -9.95
C TYR A 36 2.71 -0.11 -8.58
N PHE A 37 1.93 -0.42 -7.55
CA PHE A 37 2.43 -0.39 -6.19
C PHE A 37 2.92 -1.77 -5.75
N ILE A 38 4.08 -1.78 -5.11
CA ILE A 38 4.66 -3.02 -4.63
C ILE A 38 5.07 -2.85 -3.16
N LEU A 39 4.37 -3.58 -2.31
CA LEU A 39 4.65 -3.52 -0.88
C LEU A 39 5.95 -4.28 -0.59
N ASP A 40 7.02 -3.52 -0.41
CA ASP A 40 8.31 -4.10 -0.12
C ASP A 40 8.55 -4.09 1.39
N THR A 41 8.60 -5.28 1.96
CA THR A 41 8.83 -5.41 3.39
C THR A 41 10.32 -5.28 3.72
N GLN A 42 11.12 -6.04 2.99
CA GLN A 42 12.56 -6.01 3.18
C GLN A 42 13.07 -4.56 3.21
N ALA A 43 12.47 -3.75 2.35
CA ALA A 43 12.85 -2.35 2.26
C ALA A 43 12.14 -1.57 3.37
N ASN A 44 10.99 -2.07 3.77
CA ASN A 44 10.22 -1.43 4.82
C ASN A 44 9.71 -0.07 4.32
N CYS A 45 9.42 -0.02 3.03
CA CYS A 45 8.94 1.20 2.42
C CYS A 45 7.98 0.83 1.29
N LEU A 46 7.34 1.86 0.73
CA LEU A 46 6.40 1.65 -0.36
C LEU A 46 6.93 2.34 -1.61
N LEU A 47 7.00 1.57 -2.69
CA LEU A 47 7.48 2.10 -3.96
C LEU A 47 6.53 1.67 -5.07
N TRP A 48 6.04 2.67 -5.81
CA TRP A 48 5.11 2.42 -6.90
C TRP A 48 5.80 2.84 -8.19
N TYR A 49 5.73 1.97 -9.18
CA TYR A 49 6.34 2.24 -10.48
C TYR A 49 5.26 2.42 -11.56
N MET A 50 5.59 3.24 -12.53
CA MET A 50 4.68 3.50 -13.63
C MET A 50 3.99 2.21 -14.09
N ASP A 51 4.73 1.12 -13.99
CA ASP A 51 4.21 -0.18 -14.38
C ASP A 51 5.07 -1.29 -13.76
N ASN A 52 4.57 -2.50 -13.86
CA ASN A 52 5.28 -3.65 -13.32
C ASN A 52 6.74 -3.60 -13.75
N PRO A 53 7.63 -4.00 -12.81
CA PRO A 53 9.06 -4.01 -13.08
C PRO A 53 9.44 -5.17 -14.00
N GLN A 54 8.49 -6.06 -14.20
CA GLN A 54 8.70 -7.22 -15.06
C GLN A 54 8.73 -6.80 -16.52
N ASN A 55 8.25 -5.60 -16.77
CA ASN A 55 8.20 -5.06 -18.13
C ASN A 55 9.18 -3.89 -18.23
N LEU A 56 9.60 -3.40 -17.07
CA LEU A 56 10.52 -2.28 -17.02
C LEU A 56 11.94 -2.78 -17.35
N ALA A 57 12.90 -1.87 -17.21
CA ALA A 57 14.28 -2.21 -17.47
C ALA A 57 14.99 -2.53 -16.14
N VAL A 58 16.22 -2.99 -16.27
CA VAL A 58 17.01 -3.34 -15.10
C VAL A 58 17.34 -2.08 -14.31
N GLY A 59 17.64 -1.02 -15.05
CA GLY A 59 17.96 0.26 -14.43
C GLY A 59 16.71 1.10 -14.20
N ALA A 60 15.60 0.41 -14.01
CA ALA A 60 14.33 1.08 -13.77
C ALA A 60 14.35 1.74 -12.40
N GLY A 61 13.30 2.49 -12.12
CA GLY A 61 13.19 3.19 -10.85
C GLY A 61 11.74 3.21 -10.36
N ALA A 62 11.47 4.14 -9.46
CA ALA A 62 10.13 4.28 -8.90
C ALA A 62 9.62 5.70 -9.17
N VAL A 63 8.31 5.80 -9.34
CA VAL A 63 7.68 7.09 -9.60
C VAL A 63 7.68 7.91 -8.31
N GLY A 64 7.58 7.21 -7.19
CA GLY A 64 7.57 7.87 -5.90
C GLY A 64 8.12 6.94 -4.81
N SER A 65 7.59 7.13 -3.61
CA SER A 65 8.03 6.32 -2.47
C SER A 65 7.24 6.71 -1.22
N LEU A 66 7.12 5.77 -0.31
CA LEU A 66 6.41 6.00 0.93
C LEU A 66 7.00 5.11 2.03
N GLN A 67 7.88 5.71 2.82
CA GLN A 67 8.52 4.98 3.90
C GLN A 67 7.47 4.49 4.90
N LEU A 68 7.60 3.23 5.27
CA LEU A 68 6.67 2.63 6.23
C LEU A 68 6.78 3.36 7.56
N THR A 69 7.86 4.11 7.71
CA THR A 69 8.09 4.87 8.93
C THR A 69 7.01 5.94 9.11
N TYR A 70 6.41 6.32 7.99
CA TYR A 70 5.37 7.34 8.01
C TYR A 70 4.01 6.71 8.33
N ILE A 71 3.65 5.71 7.54
CA ILE A 71 2.38 5.02 7.73
C ILE A 71 2.23 4.66 9.21
N SER A 72 1.02 4.85 9.71
CA SER A 72 0.72 4.53 11.11
C SER A 72 -0.43 3.54 11.18
N LYS A 73 -1.44 3.77 10.35
CA LYS A 73 -2.60 2.91 10.32
C LYS A 73 -3.20 2.91 8.91
N VAL A 74 -3.76 1.77 8.54
CA VAL A 74 -4.37 1.62 7.23
C VAL A 74 -5.80 1.11 7.38
N SER A 75 -6.74 2.04 7.27
CA SER A 75 -8.14 1.71 7.40
C SER A 75 -8.89 2.07 6.11
N ILE A 76 -10.06 1.49 5.96
CA ILE A 76 -10.88 1.73 4.78
C ILE A 76 -11.52 3.12 4.88
N ALA A 77 -11.23 3.94 3.88
CA ALA A 77 -11.76 5.29 3.85
C ALA A 77 -13.21 5.28 4.33
N THR A 78 -13.47 6.11 5.34
CA THR A 78 -14.81 6.20 5.90
C THR A 78 -15.74 6.94 4.94
N PRO A 79 -17.07 6.73 5.15
CA PRO A 79 -18.07 7.38 4.32
C PRO A 79 -18.22 8.85 4.68
N LYS A 80 -17.17 9.62 4.36
CA LYS A 80 -17.18 11.04 4.64
C LYS A 80 -15.89 11.66 4.12
N GLN A 81 -14.80 10.91 4.25
CA GLN A 81 -13.50 11.38 3.79
C GLN A 81 -13.41 11.25 2.27
N LYS A 82 -13.72 10.05 1.78
CA LYS A 82 -13.67 9.79 0.36
C LYS A 82 -14.73 8.75 0.01
N PRO A 83 -16.01 9.21 0.04
CA PRO A 83 -17.13 8.33 -0.28
C PRO A 83 -17.23 8.08 -1.78
N LYS A 84 -18.24 7.33 -2.17
CA LYS A 84 -18.46 7.01 -3.57
C LYS A 84 -17.62 5.79 -3.95
N THR A 85 -16.34 5.85 -3.61
CA THR A 85 -15.43 4.77 -3.90
C THR A 85 -15.81 3.52 -3.09
N PRO A 86 -15.91 2.38 -3.82
CA PRO A 86 -16.26 1.11 -3.20
C PRO A 86 -15.08 0.55 -2.39
N PHE A 87 -14.09 0.06 -3.13
CA PHE A 87 -12.91 -0.51 -2.50
C PHE A 87 -11.76 0.50 -2.48
N CYS A 88 -11.82 1.40 -1.51
CA CYS A 88 -10.81 2.42 -1.37
C CYS A 88 -10.35 2.44 0.10
N PHE A 89 -9.04 2.42 0.28
CA PHE A 89 -8.46 2.44 1.61
C PHE A 89 -7.60 3.67 1.82
N VAL A 90 -7.66 4.21 3.03
CA VAL A 90 -6.89 5.39 3.37
C VAL A 90 -5.69 4.98 4.22
N ILE A 91 -4.51 5.34 3.73
CA ILE A 91 -3.28 5.03 4.44
C ILE A 91 -2.95 6.15 5.42
N ASN A 92 -3.18 5.88 6.69
CA ASN A 92 -2.92 6.85 7.74
C ASN A 92 -1.42 6.86 8.05
N ALA A 93 -0.85 8.05 7.99
CA ALA A 93 0.57 8.21 8.27
C ALA A 93 0.77 9.30 9.33
N LEU A 94 1.84 10.05 9.16
CA LEU A 94 2.14 11.12 10.09
C LEU A 94 0.85 11.83 10.49
N SER A 95 0.32 12.61 9.55
CA SER A 95 -0.91 13.34 9.80
C SER A 95 -1.64 13.57 8.48
N GLN A 96 -1.34 12.72 7.50
CA GLN A 96 -1.97 12.83 6.20
C GLN A 96 -2.82 11.60 5.92
N ARG A 97 -3.54 11.65 4.81
CA ARG A 97 -4.40 10.55 4.41
C ARG A 97 -4.31 10.31 2.90
N TYR A 98 -3.67 9.22 2.54
CA TYR A 98 -3.51 8.87 1.14
C TYR A 98 -4.68 8.00 0.65
N PHE A 99 -5.31 8.46 -0.41
CA PHE A 99 -6.44 7.75 -0.99
C PHE A 99 -6.00 6.92 -2.20
N LEU A 100 -6.15 5.62 -2.08
CA LEU A 100 -5.78 4.71 -3.16
C LEU A 100 -7.00 3.87 -3.55
N GLN A 101 -7.05 3.52 -4.82
CA GLN A 101 -8.14 2.71 -5.33
C GLN A 101 -7.64 1.33 -5.75
N ALA A 102 -8.43 0.32 -5.41
CA ALA A 102 -8.08 -1.05 -5.75
C ALA A 102 -8.87 -1.49 -6.97
N ASN A 103 -8.54 -2.68 -7.46
CA ASN A 103 -9.21 -3.23 -8.63
C ASN A 103 -10.49 -3.94 -8.18
N ASP A 104 -10.31 -4.91 -7.29
CA ASP A 104 -11.43 -5.67 -6.77
C ASP A 104 -11.58 -5.41 -5.27
N GLN A 105 -12.51 -6.13 -4.68
CA GLN A 105 -12.77 -5.98 -3.25
C GLN A 105 -11.73 -6.75 -2.44
N LYS A 106 -11.14 -7.76 -3.09
CA LYS A 106 -10.14 -8.57 -2.44
C LYS A 106 -8.82 -7.79 -2.36
N ASP A 107 -8.29 -7.49 -3.53
CA ASP A 107 -7.04 -6.75 -3.62
C ASP A 107 -7.10 -5.56 -2.65
N LEU A 108 -8.26 -4.92 -2.63
CA LEU A 108 -8.46 -3.78 -1.76
C LEU A 108 -8.08 -4.14 -0.33
N LYS A 109 -8.80 -5.10 0.21
CA LYS A 109 -8.55 -5.55 1.57
C LYS A 109 -7.10 -6.04 1.68
N ASP A 110 -6.69 -6.79 0.67
CA ASP A 110 -5.33 -7.32 0.64
C ASP A 110 -4.34 -6.18 0.88
N TRP A 111 -4.38 -5.20 0.00
CA TRP A 111 -3.50 -4.06 0.12
C TRP A 111 -3.56 -3.55 1.56
N VAL A 112 -4.78 -3.37 2.04
CA VAL A 112 -4.98 -2.90 3.40
C VAL A 112 -4.27 -3.83 4.38
N GLU A 113 -4.55 -5.12 4.23
CA GLU A 113 -3.95 -6.12 5.10
C GLU A 113 -2.42 -6.04 4.99
N ALA A 114 -1.93 -6.03 3.77
CA ALA A 114 -0.50 -5.97 3.53
C ALA A 114 0.06 -4.68 4.15
N LEU A 115 -0.67 -3.59 3.92
CA LEU A 115 -0.26 -2.30 4.45
C LEU A 115 -0.46 -2.30 5.97
N ASN A 116 -1.19 -3.29 6.44
CA ASN A 116 -1.46 -3.40 7.87
C ASN A 116 -0.38 -4.27 8.52
N GLN A 117 0.29 -5.05 7.69
CA GLN A 117 1.35 -5.93 8.16
C GLN A 117 2.71 -5.27 7.97
N ALA A 118 2.96 -4.86 6.73
CA ALA A 118 4.22 -4.21 6.40
C ALA A 118 4.48 -3.07 7.38
N SER A 119 3.40 -2.39 7.74
CA SER A 119 3.49 -1.27 8.66
C SER A 119 3.36 -1.77 10.10
N LYS A 120 2.78 -2.96 10.23
CA LYS A 120 2.59 -3.55 11.53
C LYS A 120 2.20 -2.46 12.54
N SER A 121 1.51 -1.45 12.03
CA SER A 121 1.07 -0.35 12.86
C SER A 121 2.18 0.04 13.84
N GLY A 122 3.41 -0.05 13.35
CA GLY A 122 4.57 0.28 14.18
C GLY A 122 5.86 0.16 13.37
N PRO A 123 6.92 0.85 13.88
CA PRO A 123 8.21 0.83 13.22
C PRO A 123 8.93 -0.51 13.46
N SER A 124 8.22 -1.59 13.12
CA SER A 124 8.77 -2.91 13.30
C SER A 124 9.48 -3.02 14.64
N SER A 125 8.69 -3.16 15.69
CA SER A 125 9.23 -3.26 17.04
C SER A 125 9.92 -4.62 17.22
N GLY A 126 9.13 -5.67 17.03
CA GLY A 126 9.65 -7.02 17.17
C GLY A 126 9.64 -7.47 18.63
N GLY A 1 20.34 -10.84 26.49
CA GLY A 1 20.39 -9.64 25.66
C GLY A 1 19.61 -9.84 24.36
N SER A 2 19.63 -8.81 23.52
CA SER A 2 18.93 -8.86 22.25
C SER A 2 17.46 -9.23 22.48
N SER A 3 16.61 -8.21 22.39
CA SER A 3 15.19 -8.40 22.58
C SER A 3 14.93 -9.03 23.95
N GLY A 4 13.67 -8.96 24.37
CA GLY A 4 13.28 -9.51 25.65
C GLY A 4 11.79 -9.28 25.92
N SER A 5 11.45 -8.01 26.13
CA SER A 5 10.08 -7.63 26.40
C SER A 5 9.36 -7.31 25.09
N SER A 6 8.49 -8.22 24.67
CA SER A 6 7.74 -8.03 23.45
C SER A 6 6.92 -6.75 23.52
N GLY A 7 6.05 -6.70 24.53
CA GLY A 7 5.20 -5.54 24.72
C GLY A 7 3.87 -5.70 23.98
N MET A 8 3.97 -5.88 22.67
CA MET A 8 2.80 -6.06 21.84
C MET A 8 3.17 -6.59 20.46
N PRO A 9 3.17 -7.95 20.36
CA PRO A 9 3.49 -8.61 19.11
C PRO A 9 2.35 -8.49 18.10
N TYR A 10 2.57 -9.08 16.93
CA TYR A 10 1.56 -9.05 15.88
C TYR A 10 1.86 -10.10 14.81
N VAL A 11 0.93 -10.22 13.87
CA VAL A 11 1.09 -11.18 12.78
C VAL A 11 2.40 -10.91 12.06
N ASP A 12 3.15 -11.99 11.84
CA ASP A 12 4.43 -11.88 11.15
C ASP A 12 4.21 -12.11 9.66
N ARG A 13 5.33 -12.35 8.97
CA ARG A 13 5.28 -12.59 7.53
C ARG A 13 4.38 -11.54 6.85
N GLN A 14 4.80 -10.29 6.97
CA GLN A 14 4.05 -9.20 6.37
C GLN A 14 3.55 -9.59 4.98
N ASN A 15 4.38 -10.38 4.29
CA ASN A 15 4.03 -10.83 2.96
C ASN A 15 3.91 -9.62 2.03
N ARG A 16 4.67 -9.66 0.95
CA ARG A 16 4.65 -8.58 -0.01
C ARG A 16 3.41 -8.67 -0.90
N ILE A 17 2.94 -7.52 -1.33
CA ILE A 17 1.75 -7.45 -2.18
C ILE A 17 2.05 -6.57 -3.39
N CYS A 18 1.35 -6.86 -4.48
CA CYS A 18 1.53 -6.10 -5.71
C CYS A 18 0.16 -5.90 -6.35
N GLY A 19 0.05 -4.81 -7.11
CA GLY A 19 -1.20 -4.50 -7.78
C GLY A 19 -1.25 -3.02 -8.18
N PHE A 20 -1.92 -2.76 -9.29
CA PHE A 20 -2.04 -1.40 -9.79
C PHE A 20 -3.05 -0.61 -8.96
N LEU A 21 -2.52 0.37 -8.23
CA LEU A 21 -3.35 1.21 -7.39
C LEU A 21 -3.39 2.63 -7.97
N ASP A 22 -4.52 3.29 -7.75
CA ASP A 22 -4.70 4.65 -8.24
C ASP A 22 -4.62 5.62 -7.07
N ILE A 23 -3.43 6.19 -6.88
CA ILE A 23 -3.22 7.13 -5.81
C ILE A 23 -3.53 8.54 -6.30
N GLU A 24 -4.22 9.30 -5.45
CA GLU A 24 -4.60 10.66 -5.79
C GLU A 24 -3.38 11.59 -5.66
N ASP A 25 -3.09 12.28 -6.76
CA ASP A 25 -1.97 13.19 -6.78
C ASP A 25 -2.48 14.63 -6.65
N ASN A 26 -1.55 15.54 -6.45
CA ASN A 26 -1.90 16.95 -6.32
C ASN A 26 -1.99 17.59 -7.70
N GLU A 27 -1.91 16.74 -8.71
CA GLU A 27 -1.99 17.20 -10.09
C GLU A 27 -3.14 18.19 -10.25
N ASN A 28 -4.32 17.74 -9.85
CA ASN A 28 -5.51 18.58 -9.95
C ASN A 28 -6.48 18.22 -8.81
N SER A 29 -7.77 18.30 -9.12
CA SER A 29 -8.79 17.99 -8.15
C SER A 29 -9.69 16.86 -8.67
N GLY A 30 -9.27 15.64 -8.40
CA GLY A 30 -10.02 14.48 -8.84
C GLY A 30 -9.25 13.71 -9.92
N LYS A 31 -7.95 13.60 -9.71
CA LYS A 31 -7.10 12.90 -10.65
C LYS A 31 -6.23 11.89 -9.89
N PHE A 32 -6.21 10.68 -10.40
CA PHE A 32 -5.41 9.62 -9.78
C PHE A 32 -4.36 9.07 -10.75
N LEU A 33 -3.13 9.03 -10.28
CA LEU A 33 -2.03 8.53 -11.09
C LEU A 33 -1.96 7.01 -10.95
N ARG A 34 -2.36 6.33 -12.02
CA ARG A 34 -2.34 4.87 -12.03
C ARG A 34 -0.90 4.37 -12.08
N ARG A 35 -0.48 3.75 -10.99
CA ARG A 35 0.87 3.22 -10.90
C ARG A 35 0.85 1.85 -10.20
N TYR A 36 1.83 1.02 -10.57
CA TYR A 36 1.93 -0.31 -9.99
C TYR A 36 2.67 -0.27 -8.66
N PHE A 37 1.91 -0.50 -7.60
CA PHE A 37 2.47 -0.49 -6.26
C PHE A 37 3.00 -1.88 -5.88
N ILE A 38 3.99 -1.88 -4.99
CA ILE A 38 4.58 -3.12 -4.54
C ILE A 38 5.04 -2.97 -3.09
N LEU A 39 4.33 -3.65 -2.21
CA LEU A 39 4.65 -3.60 -0.79
C LEU A 39 5.89 -4.45 -0.52
N ASP A 40 7.00 -3.76 -0.33
CA ASP A 40 8.26 -4.44 -0.06
C ASP A 40 8.56 -4.37 1.44
N THR A 41 8.57 -5.55 2.06
CA THR A 41 8.84 -5.64 3.48
C THR A 41 10.35 -5.62 3.74
N GLN A 42 11.11 -5.94 2.70
CA GLN A 42 12.55 -5.96 2.80
C GLN A 42 13.10 -4.53 2.79
N ALA A 43 12.53 -3.72 1.91
CA ALA A 43 12.95 -2.34 1.77
C ALA A 43 12.32 -1.51 2.89
N ASN A 44 11.20 -2.01 3.39
CA ASN A 44 10.49 -1.33 4.46
C ASN A 44 9.93 -0.01 3.92
N CYS A 45 9.65 0.00 2.64
CA CYS A 45 9.11 1.19 1.99
C CYS A 45 8.21 0.75 0.84
N LEU A 46 7.31 1.66 0.46
CA LEU A 46 6.39 1.38 -0.63
C LEU A 46 6.88 2.07 -1.90
N LEU A 47 6.99 1.28 -2.96
CA LEU A 47 7.45 1.81 -4.24
C LEU A 47 6.41 1.46 -5.31
N TRP A 48 5.96 2.50 -6.00
CA TRP A 48 4.98 2.33 -7.06
C TRP A 48 5.62 2.77 -8.38
N TYR A 49 5.58 1.86 -9.34
CA TYR A 49 6.15 2.14 -10.64
C TYR A 49 5.08 2.16 -11.73
N MET A 50 5.34 2.92 -12.78
CA MET A 50 4.39 3.04 -13.88
C MET A 50 3.88 1.65 -14.30
N ASP A 51 4.78 0.69 -14.28
CA ASP A 51 4.43 -0.67 -14.65
C ASP A 51 5.37 -1.65 -13.92
N ASN A 52 5.01 -2.92 -14.02
CA ASN A 52 5.80 -3.96 -13.38
C ASN A 52 7.28 -3.70 -13.62
N PRO A 53 8.11 -4.02 -12.59
CA PRO A 53 9.55 -3.83 -12.70
C PRO A 53 10.19 -4.89 -13.59
N GLN A 54 9.48 -6.00 -13.73
CA GLN A 54 9.97 -7.10 -14.54
C GLN A 54 9.93 -6.71 -16.03
N ASN A 55 9.27 -5.59 -16.29
CA ASN A 55 9.15 -5.10 -17.66
C ASN A 55 10.05 -3.87 -17.83
N LEU A 56 10.25 -3.16 -16.73
CA LEU A 56 11.08 -1.98 -16.75
C LEU A 56 12.54 -2.37 -16.99
N ALA A 57 13.41 -1.39 -16.88
CA ALA A 57 14.83 -1.61 -17.09
C ALA A 57 15.55 -1.58 -15.74
N VAL A 58 16.70 -2.24 -15.70
CA VAL A 58 17.49 -2.29 -14.48
C VAL A 58 17.74 -0.86 -13.98
N GLY A 59 18.00 0.03 -14.93
CA GLY A 59 18.25 1.42 -14.59
C GLY A 59 16.94 2.20 -14.48
N ALA A 60 15.92 1.52 -13.98
CA ALA A 60 14.61 2.14 -13.82
C ALA A 60 14.43 2.55 -12.35
N GLY A 61 13.30 3.19 -12.09
CA GLY A 61 12.99 3.64 -10.74
C GLY A 61 11.48 3.77 -10.55
N ALA A 62 11.11 4.42 -9.44
CA ALA A 62 9.71 4.62 -9.13
C ALA A 62 9.38 6.11 -9.20
N VAL A 63 8.17 6.40 -9.65
CA VAL A 63 7.73 7.77 -9.77
C VAL A 63 7.58 8.39 -8.38
N GLY A 64 7.38 7.51 -7.41
CA GLY A 64 7.22 7.95 -6.03
C GLY A 64 7.54 6.82 -5.06
N SER A 65 7.67 7.19 -3.79
CA SER A 65 7.97 6.21 -2.76
C SER A 65 7.22 6.57 -1.47
N LEU A 66 7.17 5.61 -0.57
CA LEU A 66 6.49 5.80 0.71
C LEU A 66 7.22 5.02 1.80
N GLN A 67 7.73 5.77 2.77
CA GLN A 67 8.45 5.15 3.88
C GLN A 67 7.46 4.61 4.92
N LEU A 68 7.39 3.29 4.98
CA LEU A 68 6.49 2.64 5.93
C LEU A 68 6.53 3.39 7.27
N THR A 69 7.74 3.82 7.63
CA THR A 69 7.92 4.55 8.87
C THR A 69 6.79 5.55 9.08
N TYR A 70 6.41 6.21 7.99
CA TYR A 70 5.35 7.20 8.04
C TYR A 70 4.01 6.54 8.39
N ILE A 71 3.60 5.62 7.52
CA ILE A 71 2.34 4.92 7.71
C ILE A 71 2.19 4.55 9.20
N SER A 72 0.98 4.70 9.70
CA SER A 72 0.69 4.39 11.09
C SER A 72 -0.50 3.45 11.18
N LYS A 73 -1.51 3.76 10.38
CA LYS A 73 -2.73 2.95 10.36
C LYS A 73 -3.29 2.91 8.93
N VAL A 74 -3.84 1.76 8.58
CA VAL A 74 -4.41 1.58 7.26
C VAL A 74 -5.84 1.05 7.39
N SER A 75 -6.79 1.96 7.31
CA SER A 75 -8.19 1.60 7.43
C SER A 75 -8.93 1.93 6.13
N ILE A 76 -10.07 1.27 5.94
CA ILE A 76 -10.86 1.48 4.75
C ILE A 76 -11.51 2.87 4.81
N ALA A 77 -11.22 3.68 3.79
CA ALA A 77 -11.77 5.01 3.72
C ALA A 77 -13.22 5.00 4.19
N THR A 78 -13.48 5.81 5.20
CA THR A 78 -14.83 5.89 5.76
C THR A 78 -15.77 6.61 4.78
N PRO A 79 -17.09 6.39 4.99
CA PRO A 79 -18.10 7.00 4.14
C PRO A 79 -18.24 8.49 4.46
N LYS A 80 -17.21 9.24 4.14
CA LYS A 80 -17.21 10.67 4.38
C LYS A 80 -15.91 11.29 3.86
N GLN A 81 -14.84 10.54 4.04
CA GLN A 81 -13.53 11.00 3.59
C GLN A 81 -13.49 11.07 2.07
N LYS A 82 -13.64 9.91 1.44
CA LYS A 82 -13.62 9.84 -0.01
C LYS A 82 -14.57 8.73 -0.47
N PRO A 83 -15.89 9.01 -0.33
CA PRO A 83 -16.91 8.04 -0.71
C PRO A 83 -17.05 7.98 -2.24
N LYS A 84 -17.84 7.02 -2.69
CA LYS A 84 -18.07 6.85 -4.11
C LYS A 84 -16.89 6.08 -4.73
N THR A 85 -16.25 5.28 -3.89
CA THR A 85 -15.12 4.49 -4.34
C THR A 85 -15.27 3.03 -3.87
N PRO A 86 -15.42 2.13 -4.87
CA PRO A 86 -15.57 0.71 -4.58
C PRO A 86 -14.23 0.09 -4.18
N PHE A 87 -14.11 -0.17 -2.89
CA PHE A 87 -12.89 -0.77 -2.36
C PHE A 87 -11.75 0.25 -2.35
N CYS A 88 -11.83 1.19 -1.42
CA CYS A 88 -10.81 2.22 -1.31
C CYS A 88 -10.33 2.25 0.14
N PHE A 89 -9.02 2.23 0.30
CA PHE A 89 -8.42 2.25 1.62
C PHE A 89 -7.58 3.52 1.82
N VAL A 90 -7.64 4.04 3.04
CA VAL A 90 -6.89 5.25 3.36
C VAL A 90 -5.68 4.87 4.22
N ILE A 91 -4.51 5.26 3.74
CA ILE A 91 -3.27 4.97 4.45
C ILE A 91 -2.98 6.11 5.42
N ASN A 92 -3.23 5.84 6.70
CA ASN A 92 -2.99 6.83 7.74
C ASN A 92 -1.51 6.81 8.13
N ALA A 93 -0.87 7.97 7.98
CA ALA A 93 0.53 8.09 8.32
C ALA A 93 0.71 9.18 9.39
N LEU A 94 1.79 9.92 9.25
CA LEU A 94 2.08 11.00 10.18
C LEU A 94 0.78 11.70 10.57
N SER A 95 0.25 12.44 9.60
CA SER A 95 -1.00 13.17 9.82
C SER A 95 -1.70 13.43 8.49
N GLN A 96 -1.43 12.55 7.53
CA GLN A 96 -2.02 12.67 6.21
C GLN A 96 -2.89 11.45 5.91
N ARG A 97 -3.55 11.52 4.76
CA ARG A 97 -4.42 10.43 4.34
C ARG A 97 -4.33 10.22 2.83
N TYR A 98 -3.69 9.12 2.46
CA TYR A 98 -3.52 8.79 1.05
C TYR A 98 -4.69 7.96 0.53
N PHE A 99 -5.42 8.53 -0.41
CA PHE A 99 -6.57 7.85 -0.99
C PHE A 99 -6.15 7.04 -2.22
N LEU A 100 -6.10 5.72 -2.03
CA LEU A 100 -5.72 4.83 -3.11
C LEU A 100 -6.91 3.95 -3.48
N GLN A 101 -6.97 3.57 -4.75
CA GLN A 101 -8.04 2.73 -5.24
C GLN A 101 -7.49 1.41 -5.76
N ALA A 102 -8.25 0.35 -5.53
CA ALA A 102 -7.86 -0.98 -5.96
C ALA A 102 -8.69 -1.39 -7.17
N ASN A 103 -8.54 -2.64 -7.58
CA ASN A 103 -9.27 -3.16 -8.71
C ASN A 103 -10.59 -3.74 -8.24
N ASP A 104 -10.50 -4.76 -7.39
CA ASP A 104 -11.68 -5.41 -6.86
C ASP A 104 -11.74 -5.19 -5.35
N GLN A 105 -12.41 -6.10 -4.67
CA GLN A 105 -12.55 -6.02 -3.23
C GLN A 105 -11.40 -6.76 -2.54
N LYS A 106 -10.84 -7.72 -3.26
CA LYS A 106 -9.74 -8.51 -2.74
C LYS A 106 -8.50 -7.62 -2.60
N ASP A 107 -7.96 -7.22 -3.75
CA ASP A 107 -6.79 -6.38 -3.78
C ASP A 107 -6.91 -5.30 -2.71
N LEU A 108 -8.08 -4.65 -2.69
CA LEU A 108 -8.33 -3.60 -1.72
C LEU A 108 -8.01 -4.11 -0.32
N LYS A 109 -8.79 -5.09 0.11
CA LYS A 109 -8.59 -5.67 1.43
C LYS A 109 -7.13 -6.16 1.56
N ASP A 110 -6.73 -6.99 0.61
CA ASP A 110 -5.38 -7.51 0.61
C ASP A 110 -4.40 -6.38 0.88
N TRP A 111 -4.39 -5.41 -0.01
CA TRP A 111 -3.50 -4.27 0.12
C TRP A 111 -3.57 -3.79 1.57
N VAL A 112 -4.76 -3.40 1.97
CA VAL A 112 -4.97 -2.91 3.33
C VAL A 112 -4.28 -3.85 4.31
N GLU A 113 -4.60 -5.13 4.19
CA GLU A 113 -4.02 -6.13 5.06
C GLU A 113 -2.49 -6.04 5.03
N ALA A 114 -1.95 -5.98 3.82
CA ALA A 114 -0.50 -5.88 3.65
C ALA A 114 -0.01 -4.58 4.28
N LEU A 115 -0.70 -3.50 3.98
CA LEU A 115 -0.35 -2.19 4.50
C LEU A 115 -0.62 -2.17 6.01
N ASN A 116 -1.35 -3.18 6.46
CA ASN A 116 -1.68 -3.28 7.87
C ASN A 116 -0.59 -4.09 8.59
N GLN A 117 0.08 -4.93 7.82
CA GLN A 117 1.14 -5.76 8.37
C GLN A 117 2.48 -5.04 8.26
N ALA A 118 2.85 -4.71 7.04
CA ALA A 118 4.12 -4.02 6.80
C ALA A 118 4.22 -2.82 7.75
N SER A 119 3.07 -2.27 8.09
CA SER A 119 3.03 -1.13 8.99
C SER A 119 3.34 -1.57 10.42
N LYS A 120 2.69 -2.65 10.83
CA LYS A 120 2.90 -3.18 12.17
C LYS A 120 4.29 -3.81 12.26
N SER A 121 4.95 -3.87 11.10
CA SER A 121 6.29 -4.43 11.04
C SER A 121 6.23 -5.95 11.25
N GLY A 122 5.71 -6.34 12.41
CA GLY A 122 5.59 -7.74 12.75
C GLY A 122 6.97 -8.39 12.88
N PRO A 123 7.02 -9.48 13.68
CA PRO A 123 8.27 -10.20 13.90
C PRO A 123 8.61 -11.05 12.67
N SER A 124 9.73 -11.77 12.79
CA SER A 124 10.18 -12.63 11.72
C SER A 124 10.53 -14.01 12.26
N SER A 125 10.56 -14.98 11.35
CA SER A 125 10.88 -16.34 11.73
C SER A 125 12.12 -16.37 12.62
N GLY A 126 11.89 -16.62 13.90
CA GLY A 126 12.97 -16.67 14.86
C GLY A 126 12.56 -17.45 16.12
N GLY A 1 -10.15 -9.83 22.69
CA GLY A 1 -9.76 -10.55 21.50
C GLY A 1 -10.79 -10.34 20.38
N SER A 2 -10.28 -10.26 19.15
CA SER A 2 -11.14 -10.06 18.00
C SER A 2 -10.31 -10.14 16.71
N SER A 3 -9.32 -9.26 16.63
CA SER A 3 -8.45 -9.22 15.48
C SER A 3 -7.46 -10.38 15.52
N GLY A 4 -7.04 -10.81 14.34
CA GLY A 4 -6.09 -11.90 14.23
C GLY A 4 -6.73 -13.12 13.57
N SER A 5 -7.75 -13.65 14.23
CA SER A 5 -8.45 -14.81 13.71
C SER A 5 -8.67 -14.67 12.20
N SER A 6 -8.77 -15.81 11.55
CA SER A 6 -8.97 -15.83 10.11
C SER A 6 -9.50 -17.20 9.66
N GLY A 7 -10.04 -17.23 8.45
CA GLY A 7 -10.58 -18.46 7.91
C GLY A 7 -9.49 -19.27 7.20
N MET A 8 -8.46 -19.60 7.96
CA MET A 8 -7.35 -20.37 7.43
C MET A 8 -7.02 -19.94 5.99
N PRO A 9 -6.16 -18.90 5.88
CA PRO A 9 -5.77 -18.39 4.58
C PRO A 9 -4.77 -19.34 3.90
N TYR A 10 -4.39 -18.96 2.68
CA TYR A 10 -3.45 -19.77 1.92
C TYR A 10 -3.11 -19.09 0.59
N VAL A 11 -2.04 -19.57 -0.02
CA VAL A 11 -1.60 -19.03 -1.30
C VAL A 11 -1.71 -17.50 -1.26
N ASP A 12 -0.63 -16.87 -0.85
CA ASP A 12 -0.59 -15.42 -0.77
C ASP A 12 0.84 -14.96 -0.50
N ARG A 13 1.32 -14.06 -1.35
CA ARG A 13 2.66 -13.54 -1.22
C ARG A 13 2.71 -12.48 -0.11
N GLN A 14 2.33 -12.89 1.08
CA GLN A 14 2.32 -11.99 2.22
C GLN A 14 3.70 -11.36 2.41
N ASN A 15 4.70 -12.03 1.85
CA ASN A 15 6.07 -11.55 1.94
C ASN A 15 6.18 -10.20 1.23
N ARG A 16 5.18 -9.92 0.41
CA ARG A 16 5.15 -8.67 -0.34
C ARG A 16 4.06 -8.71 -1.40
N ILE A 17 3.14 -7.76 -1.30
CA ILE A 17 2.04 -7.68 -2.25
C ILE A 17 2.44 -6.79 -3.41
N CYS A 18 1.76 -6.98 -4.53
CA CYS A 18 2.05 -6.21 -5.73
C CYS A 18 0.74 -6.06 -6.52
N GLY A 19 0.65 -4.95 -7.24
CA GLY A 19 -0.54 -4.67 -8.04
C GLY A 19 -0.56 -3.21 -8.50
N PHE A 20 -1.75 -2.76 -8.87
CA PHE A 20 -1.92 -1.40 -9.33
C PHE A 20 -2.94 -0.64 -8.47
N LEU A 21 -2.56 0.55 -8.06
CA LEU A 21 -3.43 1.37 -7.23
C LEU A 21 -3.49 2.79 -7.82
N ASP A 22 -4.70 3.35 -7.81
CA ASP A 22 -4.90 4.69 -8.34
C ASP A 22 -4.79 5.69 -7.19
N ILE A 23 -3.59 6.21 -7.02
CA ILE A 23 -3.34 7.19 -5.97
C ILE A 23 -3.76 8.58 -6.45
N GLU A 24 -4.63 9.20 -5.68
CA GLU A 24 -5.12 10.53 -6.01
C GLU A 24 -4.04 11.57 -5.78
N ASP A 25 -3.68 12.28 -6.84
CA ASP A 25 -2.67 13.31 -6.75
C ASP A 25 -3.33 14.69 -6.78
N ASN A 26 -2.53 15.71 -6.50
CA ASN A 26 -3.03 17.07 -6.49
C ASN A 26 -2.88 17.67 -7.90
N GLU A 27 -2.66 16.78 -8.86
CA GLU A 27 -2.50 17.21 -10.24
C GLU A 27 -3.67 18.11 -10.65
N ASN A 28 -4.87 17.58 -10.52
CA ASN A 28 -6.06 18.33 -10.88
C ASN A 28 -7.18 18.01 -9.88
N SER A 29 -6.77 17.49 -8.73
CA SER A 29 -7.71 17.13 -7.69
C SER A 29 -8.92 16.41 -8.30
N GLY A 30 -8.77 15.10 -8.47
CA GLY A 30 -9.82 14.29 -9.04
C GLY A 30 -9.25 13.12 -9.83
N LYS A 31 -8.13 13.38 -10.48
CA LYS A 31 -7.47 12.36 -11.29
C LYS A 31 -6.50 11.58 -10.40
N PHE A 32 -6.49 10.28 -10.60
CA PHE A 32 -5.62 9.40 -9.84
C PHE A 32 -4.47 8.87 -10.70
N LEU A 33 -3.26 8.98 -10.16
CA LEU A 33 -2.08 8.52 -10.87
C LEU A 33 -1.99 7.00 -10.76
N ARG A 34 -2.45 6.34 -11.82
CA ARG A 34 -2.44 4.89 -11.86
C ARG A 34 -1.00 4.38 -11.93
N ARG A 35 -0.55 3.76 -10.84
CA ARG A 35 0.79 3.23 -10.77
C ARG A 35 0.77 1.82 -10.18
N TYR A 36 1.89 1.12 -10.37
CA TYR A 36 2.01 -0.24 -9.87
C TYR A 36 2.74 -0.25 -8.53
N PHE A 37 1.96 -0.25 -7.46
CA PHE A 37 2.52 -0.27 -6.13
C PHE A 37 3.07 -1.65 -5.78
N ILE A 38 4.09 -1.65 -4.92
CA ILE A 38 4.72 -2.89 -4.51
C ILE A 38 5.08 -2.80 -3.03
N LEU A 39 4.37 -3.56 -2.22
CA LEU A 39 4.62 -3.57 -0.79
C LEU A 39 5.90 -4.36 -0.50
N ASP A 40 6.96 -3.61 -0.24
CA ASP A 40 8.24 -4.21 0.05
C ASP A 40 8.52 -4.14 1.56
N THR A 41 8.55 -5.31 2.18
CA THR A 41 8.79 -5.38 3.61
C THR A 41 10.29 -5.24 3.91
N GLN A 42 11.09 -5.86 3.05
CA GLN A 42 12.53 -5.82 3.20
C GLN A 42 13.02 -4.37 3.18
N ALA A 43 12.43 -3.59 2.28
CA ALA A 43 12.81 -2.19 2.15
C ALA A 43 12.11 -1.38 3.24
N ASN A 44 11.00 -1.92 3.72
CA ASN A 44 10.22 -1.26 4.75
C ASN A 44 9.68 0.06 4.22
N CYS A 45 9.35 0.05 2.93
CA CYS A 45 8.82 1.24 2.28
C CYS A 45 7.91 0.79 1.14
N LEU A 46 7.19 1.76 0.59
CA LEU A 46 6.27 1.48 -0.51
C LEU A 46 6.78 2.17 -1.77
N LEU A 47 6.91 1.38 -2.83
CA LEU A 47 7.37 1.90 -4.10
C LEU A 47 6.40 1.49 -5.20
N TRP A 48 6.00 2.47 -6.00
CA TRP A 48 5.07 2.23 -7.09
C TRP A 48 5.73 2.71 -8.39
N TYR A 49 5.47 1.95 -9.45
CA TYR A 49 6.03 2.29 -10.75
C TYR A 49 4.95 2.25 -11.83
N MET A 50 5.00 3.25 -12.71
CA MET A 50 4.04 3.35 -13.79
C MET A 50 3.69 1.97 -14.34
N ASP A 51 4.69 1.09 -14.33
CA ASP A 51 4.50 -0.26 -14.83
C ASP A 51 5.46 -1.20 -14.09
N ASN A 52 5.10 -2.48 -14.09
CA ASN A 52 5.91 -3.49 -13.43
C ASN A 52 7.39 -3.20 -13.70
N PRO A 53 8.24 -3.58 -12.72
CA PRO A 53 9.68 -3.37 -12.84
C PRO A 53 10.29 -4.37 -13.81
N GLN A 54 9.55 -5.45 -14.06
CA GLN A 54 10.02 -6.48 -14.97
C GLN A 54 10.02 -5.97 -16.40
N ASN A 55 9.22 -4.93 -16.62
CA ASN A 55 9.11 -4.34 -17.94
C ASN A 55 10.04 -3.12 -18.03
N LEU A 56 10.19 -2.45 -16.90
CA LEU A 56 11.04 -1.27 -16.84
C LEU A 56 12.48 -1.68 -17.17
N ALA A 57 13.38 -0.72 -16.96
CA ALA A 57 14.79 -0.97 -17.22
C ALA A 57 15.52 -1.23 -15.91
N VAL A 58 16.52 -2.10 -15.99
CA VAL A 58 17.30 -2.45 -14.82
C VAL A 58 17.65 -1.18 -14.04
N GLY A 59 18.08 -0.18 -14.78
CA GLY A 59 18.45 1.10 -14.17
C GLY A 59 17.23 2.00 -14.00
N ALA A 60 16.11 1.37 -13.65
CA ALA A 60 14.88 2.11 -13.46
C ALA A 60 14.74 2.50 -12.00
N GLY A 61 13.90 3.50 -11.75
CA GLY A 61 13.68 3.98 -10.39
C GLY A 61 12.22 3.82 -9.99
N ALA A 62 11.73 4.78 -9.23
CA ALA A 62 10.36 4.75 -8.77
C ALA A 62 9.72 6.13 -8.98
N VAL A 63 8.53 6.11 -9.56
CA VAL A 63 7.81 7.34 -9.82
C VAL A 63 7.37 7.96 -8.50
N GLY A 64 7.30 7.12 -7.48
CA GLY A 64 6.89 7.57 -6.15
C GLY A 64 7.14 6.48 -5.11
N SER A 65 7.51 6.93 -3.92
CA SER A 65 7.78 6.01 -2.82
C SER A 65 7.04 6.48 -1.56
N LEU A 66 6.96 5.57 -0.60
CA LEU A 66 6.30 5.87 0.66
C LEU A 66 6.91 5.03 1.77
N GLN A 67 7.80 5.65 2.53
CA GLN A 67 8.45 4.96 3.63
C GLN A 67 7.43 4.51 4.67
N LEU A 68 7.58 3.27 5.10
CA LEU A 68 6.68 2.70 6.08
C LEU A 68 6.85 3.44 7.41
N THR A 69 8.06 3.94 7.62
CA THR A 69 8.36 4.67 8.84
C THR A 69 7.32 5.75 9.08
N TYR A 70 6.68 6.17 8.01
CA TYR A 70 5.66 7.20 8.10
C TYR A 70 4.30 6.61 8.43
N ILE A 71 3.84 5.73 7.54
CA ILE A 71 2.55 5.08 7.74
C ILE A 71 2.39 4.70 9.20
N SER A 72 1.16 4.85 9.69
CA SER A 72 0.86 4.53 11.07
C SER A 72 -0.27 3.50 11.14
N LYS A 73 -1.25 3.69 10.27
CA LYS A 73 -2.39 2.79 10.21
C LYS A 73 -2.99 2.81 8.81
N VAL A 74 -3.55 1.68 8.42
CA VAL A 74 -4.16 1.56 7.11
C VAL A 74 -5.59 1.05 7.26
N SER A 75 -6.53 1.99 7.23
CA SER A 75 -7.94 1.66 7.37
C SER A 75 -8.68 1.99 6.06
N ILE A 76 -9.89 1.45 5.96
CA ILE A 76 -10.70 1.67 4.78
C ILE A 76 -11.32 3.08 4.86
N ALA A 77 -11.16 3.82 3.78
CA ALA A 77 -11.68 5.18 3.71
C ALA A 77 -13.20 5.13 3.91
N THR A 78 -13.77 6.31 4.15
CA THR A 78 -15.20 6.43 4.37
C THR A 78 -15.80 7.48 3.44
N PRO A 79 -17.15 7.54 3.43
CA PRO A 79 -17.86 8.51 2.59
C PRO A 79 -17.76 9.91 3.19
N LYS A 80 -17.16 9.99 4.37
CA LYS A 80 -17.00 11.26 5.06
C LYS A 80 -15.69 11.90 4.62
N GLN A 81 -14.90 11.12 3.90
CA GLN A 81 -13.60 11.60 3.42
C GLN A 81 -13.59 11.63 1.88
N LYS A 82 -13.74 10.45 1.31
CA LYS A 82 -13.75 10.33 -0.14
C LYS A 82 -14.76 9.26 -0.55
N PRO A 83 -16.05 9.69 -0.66
CA PRO A 83 -17.12 8.78 -1.04
C PRO A 83 -17.06 8.47 -2.54
N LYS A 84 -17.98 7.62 -2.96
CA LYS A 84 -18.04 7.23 -4.36
C LYS A 84 -17.03 6.11 -4.63
N THR A 85 -16.25 5.81 -3.60
CA THR A 85 -15.24 4.77 -3.70
C THR A 85 -15.59 3.58 -2.80
N PRO A 86 -15.84 2.42 -3.44
CA PRO A 86 -16.19 1.21 -2.71
C PRO A 86 -14.96 0.61 -2.03
N PHE A 87 -14.08 0.04 -2.85
CA PHE A 87 -12.86 -0.58 -2.33
C PHE A 87 -11.71 0.42 -2.34
N CYS A 88 -11.77 1.35 -1.39
CA CYS A 88 -10.73 2.36 -1.29
C CYS A 88 -10.24 2.40 0.17
N PHE A 89 -8.92 2.43 0.31
CA PHE A 89 -8.33 2.47 1.64
C PHE A 89 -7.47 3.72 1.82
N VAL A 90 -7.47 4.24 3.04
CA VAL A 90 -6.70 5.42 3.36
C VAL A 90 -5.50 5.04 4.22
N ILE A 91 -4.33 5.44 3.75
CA ILE A 91 -3.10 5.15 4.46
C ILE A 91 -2.83 6.24 5.50
N ASN A 92 -3.08 5.90 6.75
CA ASN A 92 -2.87 6.84 7.84
C ASN A 92 -1.38 6.93 8.16
N ALA A 93 -0.84 8.13 8.05
CA ALA A 93 0.57 8.35 8.32
C ALA A 93 0.71 9.47 9.36
N LEU A 94 1.82 10.18 9.27
CA LEU A 94 2.09 11.28 10.19
C LEU A 94 0.79 12.05 10.45
N SER A 95 0.43 12.87 9.49
CA SER A 95 -0.77 13.67 9.59
C SER A 95 -1.39 13.88 8.21
N GLN A 96 -1.27 12.86 7.37
CA GLN A 96 -1.80 12.92 6.03
C GLN A 96 -2.63 11.67 5.73
N ARG A 97 -3.51 11.80 4.74
CA ARG A 97 -4.36 10.69 4.35
C ARG A 97 -4.29 10.48 2.83
N TYR A 98 -3.70 9.35 2.46
CA TYR A 98 -3.55 9.02 1.06
C TYR A 98 -4.75 8.19 0.57
N PHE A 99 -5.38 8.70 -0.48
CA PHE A 99 -6.53 8.02 -1.07
C PHE A 99 -6.13 7.18 -2.28
N LEU A 100 -6.11 5.87 -2.07
CA LEU A 100 -5.76 4.95 -3.12
C LEU A 100 -6.96 4.09 -3.49
N GLN A 101 -6.96 3.60 -4.72
CA GLN A 101 -8.05 2.77 -5.20
C GLN A 101 -7.51 1.44 -5.73
N ALA A 102 -8.26 0.39 -5.48
CA ALA A 102 -7.87 -0.95 -5.93
C ALA A 102 -8.63 -1.28 -7.21
N ASN A 103 -8.56 -2.56 -7.58
CA ASN A 103 -9.23 -3.03 -8.78
C ASN A 103 -10.54 -3.72 -8.39
N ASP A 104 -10.47 -4.48 -7.31
CA ASP A 104 -11.63 -5.20 -6.83
C ASP A 104 -11.71 -5.07 -5.30
N GLN A 105 -12.53 -5.91 -4.70
CA GLN A 105 -12.71 -5.91 -3.26
C GLN A 105 -11.58 -6.68 -2.59
N LYS A 106 -11.02 -7.63 -3.33
CA LYS A 106 -9.94 -8.45 -2.82
C LYS A 106 -8.66 -7.61 -2.75
N ASP A 107 -8.17 -7.25 -3.93
CA ASP A 107 -6.96 -6.45 -4.01
C ASP A 107 -7.02 -5.32 -2.97
N LEU A 108 -8.24 -4.88 -2.69
CA LEU A 108 -8.45 -3.83 -1.72
C LEU A 108 -8.04 -4.32 -0.33
N LYS A 109 -8.81 -5.27 0.17
CA LYS A 109 -8.54 -5.83 1.49
C LYS A 109 -7.08 -6.26 1.56
N ASP A 110 -6.66 -7.03 0.56
CA ASP A 110 -5.29 -7.52 0.50
C ASP A 110 -4.33 -6.35 0.76
N TRP A 111 -4.36 -5.38 -0.14
CA TRP A 111 -3.50 -4.22 -0.01
C TRP A 111 -3.58 -3.73 1.44
N VAL A 112 -4.79 -3.38 1.85
CA VAL A 112 -5.00 -2.90 3.21
C VAL A 112 -4.28 -3.82 4.18
N GLU A 113 -4.74 -5.06 4.23
CA GLU A 113 -4.15 -6.05 5.12
C GLU A 113 -2.62 -6.02 5.00
N ALA A 114 -2.15 -6.05 3.76
CA ALA A 114 -0.73 -6.03 3.50
C ALA A 114 -0.12 -4.77 4.12
N LEU A 115 -0.77 -3.65 3.89
CA LEU A 115 -0.32 -2.38 4.41
C LEU A 115 -0.47 -2.37 5.94
N ASN A 116 -1.27 -3.33 6.42
CA ASN A 116 -1.51 -3.43 7.85
C ASN A 116 -0.48 -4.38 8.46
N GLN A 117 0.15 -5.17 7.60
CA GLN A 117 1.16 -6.12 8.05
C GLN A 117 2.54 -5.48 7.98
N ALA A 118 2.72 -4.62 6.99
CA ALA A 118 3.99 -3.94 6.81
C ALA A 118 4.12 -2.82 7.85
N SER A 119 2.97 -2.41 8.37
CA SER A 119 2.95 -1.36 9.37
C SER A 119 2.88 -1.98 10.78
N LYS A 120 2.58 -3.26 10.82
CA LYS A 120 2.49 -3.98 12.08
C LYS A 120 1.89 -3.05 13.14
N SER A 121 0.57 -2.96 13.12
CA SER A 121 -0.13 -2.12 14.07
C SER A 121 -0.46 -2.92 15.34
N GLY A 122 0.26 -4.02 15.51
CA GLY A 122 0.05 -4.88 16.67
C GLY A 122 1.07 -6.01 16.70
N PRO A 123 0.89 -6.92 17.69
CA PRO A 123 1.79 -8.05 17.85
C PRO A 123 1.52 -9.11 16.78
N SER A 124 1.55 -8.67 15.52
CA SER A 124 1.32 -9.57 14.41
C SER A 124 2.52 -10.49 14.22
N SER A 125 2.21 -11.77 14.00
CA SER A 125 3.26 -12.76 13.79
C SER A 125 2.65 -14.07 13.31
N GLY A 126 3.50 -14.92 12.75
CA GLY A 126 3.06 -16.20 12.25
C GLY A 126 2.44 -17.05 13.36
N GLY A 1 -5.97 -26.55 26.26
CA GLY A 1 -6.46 -27.48 25.26
C GLY A 1 -6.68 -26.79 23.91
N SER A 2 -7.65 -25.89 23.90
CA SER A 2 -7.97 -25.15 22.69
C SER A 2 -9.06 -24.11 22.98
N SER A 3 -8.75 -22.87 22.65
CA SER A 3 -9.69 -21.78 22.87
C SER A 3 -9.69 -20.84 21.65
N GLY A 4 -10.83 -20.79 20.99
CA GLY A 4 -10.97 -19.94 19.82
C GLY A 4 -11.13 -20.78 18.55
N SER A 5 -11.11 -20.10 17.42
CA SER A 5 -11.26 -20.75 16.13
C SER A 5 -10.64 -19.89 15.03
N SER A 6 -10.47 -20.52 13.88
CA SER A 6 -9.89 -19.82 12.74
C SER A 6 -10.87 -18.76 12.21
N GLY A 7 -12.05 -19.24 11.85
CA GLY A 7 -13.09 -18.36 11.33
C GLY A 7 -12.68 -17.77 9.98
N MET A 8 -13.21 -18.37 8.92
CA MET A 8 -12.92 -17.93 7.58
C MET A 8 -11.44 -17.54 7.44
N PRO A 9 -10.61 -18.57 7.12
CA PRO A 9 -9.18 -18.35 6.95
C PRO A 9 -8.88 -17.65 5.63
N TYR A 10 -7.60 -17.37 5.41
CA TYR A 10 -7.18 -16.70 4.20
C TYR A 10 -5.65 -16.79 4.03
N VAL A 11 -5.19 -16.33 2.88
CA VAL A 11 -3.77 -16.35 2.59
C VAL A 11 -3.02 -15.59 3.68
N ASP A 12 -2.09 -16.30 4.31
CA ASP A 12 -1.29 -15.70 5.38
C ASP A 12 0.10 -15.39 4.85
N ARG A 13 0.70 -14.36 5.43
CA ARG A 13 2.03 -13.93 5.03
C ARG A 13 2.13 -13.88 3.50
N GLN A 14 1.27 -13.07 2.91
CA GLN A 14 1.24 -12.92 1.46
C GLN A 14 2.67 -12.78 0.93
N ASN A 15 3.51 -12.15 1.73
CA ASN A 15 4.90 -11.93 1.34
C ASN A 15 4.95 -11.07 0.08
N ARG A 16 5.10 -9.77 0.30
CA ARG A 16 5.16 -8.83 -0.81
C ARG A 16 3.86 -8.87 -1.62
N ILE A 17 3.22 -7.72 -1.71
CA ILE A 17 1.97 -7.61 -2.44
C ILE A 17 2.14 -6.59 -3.57
N CYS A 18 1.57 -6.93 -4.73
CA CYS A 18 1.65 -6.06 -5.88
C CYS A 18 0.24 -5.91 -6.47
N GLY A 19 0.03 -4.79 -7.13
CA GLY A 19 -1.27 -4.52 -7.75
C GLY A 19 -1.35 -3.06 -8.20
N PHE A 20 -2.04 -2.87 -9.32
CA PHE A 20 -2.22 -1.54 -9.87
C PHE A 20 -3.26 -0.74 -9.08
N LEU A 21 -2.79 0.33 -8.45
CA LEU A 21 -3.67 1.18 -7.67
C LEU A 21 -3.73 2.57 -8.31
N ASP A 22 -4.66 3.37 -7.81
CA ASP A 22 -4.83 4.73 -8.31
C ASP A 22 -4.73 5.72 -7.15
N ILE A 23 -3.52 6.21 -6.95
CA ILE A 23 -3.26 7.17 -5.89
C ILE A 23 -3.61 8.58 -6.37
N GLU A 24 -4.43 9.26 -5.60
CA GLU A 24 -4.84 10.62 -5.94
C GLU A 24 -3.61 11.48 -6.24
N ASP A 25 -3.63 12.08 -7.42
CA ASP A 25 -2.53 12.94 -7.84
C ASP A 25 -2.42 14.12 -6.88
N ASN A 26 -1.18 14.49 -6.59
CA ASN A 26 -0.93 15.60 -5.68
C ASN A 26 -1.26 16.92 -6.39
N GLU A 27 -1.14 16.88 -7.71
CA GLU A 27 -1.42 18.05 -8.52
C GLU A 27 -2.81 17.94 -9.16
N ASN A 28 -3.79 17.63 -8.32
CA ASN A 28 -5.15 17.49 -8.78
C ASN A 28 -5.99 16.82 -7.69
N SER A 29 -7.13 17.43 -7.40
CA SER A 29 -8.02 16.91 -6.39
C SER A 29 -9.23 16.23 -7.05
N GLY A 30 -8.99 15.01 -7.51
CA GLY A 30 -10.04 14.25 -8.17
C GLY A 30 -9.44 13.14 -9.04
N LYS A 31 -8.44 13.52 -9.81
CA LYS A 31 -7.78 12.57 -10.69
C LYS A 31 -6.75 11.77 -9.90
N PHE A 32 -6.54 10.53 -10.33
CA PHE A 32 -5.58 9.66 -9.66
C PHE A 32 -4.48 9.23 -10.64
N LEU A 33 -3.34 8.89 -10.05
CA LEU A 33 -2.20 8.45 -10.85
C LEU A 33 -2.01 6.95 -10.69
N ARG A 34 -2.46 6.21 -11.70
CA ARG A 34 -2.34 4.77 -11.67
C ARG A 34 -0.88 4.34 -11.75
N ARG A 35 -0.48 3.55 -10.77
CA ARG A 35 0.90 3.08 -10.71
C ARG A 35 0.95 1.65 -10.13
N TYR A 36 2.06 0.99 -10.38
CA TYR A 36 2.24 -0.37 -9.91
C TYR A 36 2.91 -0.38 -8.53
N PHE A 37 2.08 -0.45 -7.50
CA PHE A 37 2.58 -0.47 -6.14
C PHE A 37 3.06 -1.86 -5.75
N ILE A 38 4.10 -1.88 -4.93
CA ILE A 38 4.67 -3.14 -4.48
C ILE A 38 5.09 -3.02 -3.01
N LEU A 39 4.32 -3.67 -2.14
CA LEU A 39 4.61 -3.63 -0.72
C LEU A 39 5.83 -4.50 -0.43
N ASP A 40 6.96 -3.82 -0.25
CA ASP A 40 8.21 -4.51 0.04
C ASP A 40 8.50 -4.41 1.54
N THR A 41 8.52 -5.57 2.19
CA THR A 41 8.80 -5.62 3.61
C THR A 41 10.30 -5.54 3.88
N GLN A 42 11.06 -5.87 2.84
CA GLN A 42 12.52 -5.84 2.95
C GLN A 42 13.01 -4.39 2.87
N ALA A 43 12.38 -3.62 2.01
CA ALA A 43 12.74 -2.23 1.83
C ALA A 43 12.12 -1.39 2.94
N ASN A 44 10.95 -1.84 3.39
CA ASN A 44 10.24 -1.14 4.45
C ASN A 44 9.67 0.17 3.90
N CYS A 45 9.49 0.19 2.59
CA CYS A 45 8.96 1.37 1.92
C CYS A 45 8.15 0.91 0.71
N LEU A 46 7.11 1.68 0.42
CA LEU A 46 6.25 1.37 -0.72
C LEU A 46 6.76 2.10 -1.96
N LEU A 47 7.03 1.32 -3.00
CA LEU A 47 7.52 1.88 -4.25
C LEU A 47 6.55 1.53 -5.38
N TRP A 48 6.10 2.55 -6.07
CA TRP A 48 5.17 2.37 -7.18
C TRP A 48 5.83 2.89 -8.45
N TYR A 49 5.77 2.08 -9.50
CA TYR A 49 6.37 2.45 -10.76
C TYR A 49 5.29 2.57 -11.85
N MET A 50 5.43 3.62 -12.66
CA MET A 50 4.47 3.86 -13.73
C MET A 50 4.02 2.54 -14.37
N ASP A 51 4.97 1.63 -14.50
CA ASP A 51 4.68 0.33 -15.09
C ASP A 51 5.52 -0.74 -14.38
N ASN A 52 5.10 -1.98 -14.57
CA ASN A 52 5.80 -3.10 -13.97
C ASN A 52 7.32 -2.90 -14.11
N PRO A 53 8.06 -3.35 -13.08
CA PRO A 53 9.51 -3.22 -13.09
C PRO A 53 10.14 -4.25 -14.02
N GLN A 54 9.31 -5.17 -14.50
CA GLN A 54 9.77 -6.21 -15.39
C GLN A 54 9.90 -5.67 -16.82
N ASN A 55 9.30 -4.50 -17.02
CA ASN A 55 9.33 -3.86 -18.32
C ASN A 55 10.31 -2.69 -18.29
N LEU A 56 10.46 -2.12 -17.11
CA LEU A 56 11.36 -1.00 -16.93
C LEU A 56 12.80 -1.45 -17.17
N ALA A 57 13.74 -0.59 -16.83
CA ALA A 57 15.14 -0.88 -17.01
C ALA A 57 15.74 -1.36 -15.68
N VAL A 58 16.99 -1.77 -15.74
CA VAL A 58 17.69 -2.25 -14.55
C VAL A 58 17.95 -1.08 -13.61
N GLY A 59 18.53 -0.03 -14.18
CA GLY A 59 18.85 1.16 -13.40
C GLY A 59 17.65 2.12 -13.36
N ALA A 60 16.47 1.54 -13.16
CA ALA A 60 15.26 2.33 -13.10
C ALA A 60 15.05 2.84 -11.67
N GLY A 61 14.12 3.76 -11.53
CA GLY A 61 13.82 4.34 -10.24
C GLY A 61 12.35 4.11 -9.86
N ALA A 62 11.82 5.05 -9.07
CA ALA A 62 10.44 4.96 -8.64
C ALA A 62 9.77 6.32 -8.83
N VAL A 63 8.59 6.28 -9.44
CA VAL A 63 7.83 7.50 -9.68
C VAL A 63 7.33 8.06 -8.36
N GLY A 64 7.46 7.25 -7.32
CA GLY A 64 7.02 7.66 -5.99
C GLY A 64 7.30 6.56 -4.97
N SER A 65 7.65 6.99 -3.76
CA SER A 65 7.95 6.06 -2.69
C SER A 65 7.18 6.46 -1.42
N LEU A 66 7.08 5.51 -0.51
CA LEU A 66 6.38 5.75 0.74
C LEU A 66 7.02 4.91 1.85
N GLN A 67 7.82 5.58 2.67
CA GLN A 67 8.49 4.91 3.77
C GLN A 67 7.47 4.47 4.83
N LEU A 68 7.37 3.16 4.99
CA LEU A 68 6.45 2.59 5.96
C LEU A 68 6.61 3.32 7.30
N THR A 69 7.80 3.86 7.50
CA THR A 69 8.10 4.59 8.72
C THR A 69 7.05 5.68 8.97
N TYR A 70 6.36 6.04 7.89
CA TYR A 70 5.34 7.06 7.97
C TYR A 70 3.98 6.46 8.32
N ILE A 71 3.54 5.55 7.46
CA ILE A 71 2.26 4.89 7.66
C ILE A 71 2.11 4.52 9.15
N SER A 72 0.91 4.74 9.66
CA SER A 72 0.63 4.45 11.05
C SER A 72 -0.60 3.53 11.15
N LYS A 73 -1.60 3.84 10.33
CA LYS A 73 -2.83 3.06 10.32
C LYS A 73 -3.38 3.02 8.89
N VAL A 74 -3.95 1.88 8.54
CA VAL A 74 -4.52 1.70 7.22
C VAL A 74 -5.95 1.18 7.35
N SER A 75 -6.89 2.11 7.25
CA SER A 75 -8.31 1.76 7.36
C SER A 75 -9.02 2.11 6.06
N ILE A 76 -10.18 1.47 5.88
CA ILE A 76 -10.98 1.71 4.68
C ILE A 76 -11.59 3.10 4.75
N ALA A 77 -11.40 3.85 3.67
CA ALA A 77 -11.92 5.20 3.59
C ALA A 77 -13.44 5.16 3.79
N THR A 78 -14.04 6.34 3.71
CA THR A 78 -15.48 6.46 3.87
C THR A 78 -16.06 7.44 2.85
N PRO A 79 -17.42 7.45 2.76
CA PRO A 79 -18.10 8.33 1.83
C PRO A 79 -18.09 9.77 2.34
N LYS A 80 -17.63 9.93 3.57
CA LYS A 80 -17.57 11.24 4.18
C LYS A 80 -16.23 11.91 3.82
N GLN A 81 -15.36 11.11 3.23
CA GLN A 81 -14.05 11.60 2.83
C GLN A 81 -13.90 11.52 1.31
N LYS A 82 -13.93 10.30 0.81
CA LYS A 82 -13.80 10.07 -0.62
C LYS A 82 -14.77 8.97 -1.05
N PRO A 83 -16.03 9.40 -1.30
CA PRO A 83 -17.06 8.46 -1.72
C PRO A 83 -16.88 8.05 -3.19
N LYS A 84 -17.87 7.35 -3.71
CA LYS A 84 -17.83 6.90 -5.08
C LYS A 84 -16.72 5.86 -5.24
N THR A 85 -16.33 5.29 -4.12
CA THR A 85 -15.28 4.28 -4.11
C THR A 85 -15.60 3.16 -3.11
N PRO A 86 -15.91 1.96 -3.66
CA PRO A 86 -16.25 0.83 -2.84
C PRO A 86 -14.99 0.24 -2.19
N PHE A 87 -13.98 0.01 -3.03
CA PHE A 87 -12.73 -0.55 -2.56
C PHE A 87 -11.64 0.52 -2.51
N CYS A 88 -11.77 1.41 -1.55
CA CYS A 88 -10.80 2.48 -1.39
C CYS A 88 -10.36 2.52 0.08
N PHE A 89 -9.06 2.42 0.27
CA PHE A 89 -8.49 2.43 1.61
C PHE A 89 -7.61 3.67 1.82
N VAL A 90 -7.74 4.25 3.00
CA VAL A 90 -6.97 5.43 3.34
C VAL A 90 -5.76 5.02 4.18
N ILE A 91 -4.58 5.40 3.68
CA ILE A 91 -3.35 5.07 4.37
C ILE A 91 -3.00 6.20 5.35
N ASN A 92 -3.22 5.94 6.62
CA ASN A 92 -2.94 6.91 7.65
C ASN A 92 -1.45 6.85 8.01
N ALA A 93 -0.82 8.00 7.95
CA ALA A 93 0.60 8.11 8.26
C ALA A 93 0.82 9.19 9.32
N LEU A 94 1.91 9.93 9.15
CA LEU A 94 2.23 10.99 10.08
C LEU A 94 0.95 11.71 10.50
N SER A 95 0.40 12.47 9.56
CA SER A 95 -0.81 13.22 9.82
C SER A 95 -1.55 13.50 8.50
N GLN A 96 -1.52 12.50 7.62
CA GLN A 96 -2.17 12.64 6.33
C GLN A 96 -2.97 11.38 6.01
N ARG A 97 -3.68 11.43 4.89
CA ARG A 97 -4.50 10.30 4.46
C ARG A 97 -4.45 10.16 2.94
N TYR A 98 -3.80 9.10 2.49
CA TYR A 98 -3.68 8.85 1.06
C TYR A 98 -4.84 8.00 0.56
N PHE A 99 -5.52 8.52 -0.46
CA PHE A 99 -6.65 7.82 -1.04
C PHE A 99 -6.23 7.00 -2.26
N LEU A 100 -6.23 5.69 -2.08
CA LEU A 100 -5.83 4.79 -3.15
C LEU A 100 -7.06 3.98 -3.60
N GLN A 101 -7.08 3.66 -4.88
CA GLN A 101 -8.18 2.89 -5.44
C GLN A 101 -7.67 1.54 -5.97
N ALA A 102 -8.37 0.49 -5.58
CA ALA A 102 -8.01 -0.86 -6.01
C ALA A 102 -8.88 -1.26 -7.19
N ASN A 103 -8.56 -2.42 -7.75
CA ASN A 103 -9.31 -2.94 -8.89
C ASN A 103 -10.52 -3.72 -8.39
N ASP A 104 -10.24 -4.68 -7.51
CA ASP A 104 -11.29 -5.51 -6.95
C ASP A 104 -11.38 -5.24 -5.45
N GLN A 105 -12.23 -6.03 -4.79
CA GLN A 105 -12.42 -5.89 -3.36
C GLN A 105 -11.33 -6.64 -2.60
N LYS A 106 -10.80 -7.66 -3.26
CA LYS A 106 -9.74 -8.47 -2.66
C LYS A 106 -8.46 -7.64 -2.58
N ASP A 107 -7.89 -7.35 -3.74
CA ASP A 107 -6.67 -6.58 -3.81
C ASP A 107 -6.79 -5.37 -2.87
N LEU A 108 -8.01 -4.87 -2.74
CA LEU A 108 -8.27 -3.73 -1.88
C LEU A 108 -7.91 -4.09 -0.44
N LYS A 109 -8.72 -4.97 0.13
CA LYS A 109 -8.50 -5.40 1.50
C LYS A 109 -7.06 -5.90 1.66
N ASP A 110 -6.64 -6.71 0.69
CA ASP A 110 -5.29 -7.26 0.71
C ASP A 110 -4.30 -6.13 0.99
N TRP A 111 -4.27 -5.16 0.08
CA TRP A 111 -3.38 -4.04 0.22
C TRP A 111 -3.44 -3.55 1.68
N VAL A 112 -4.63 -3.12 2.06
CA VAL A 112 -4.84 -2.63 3.42
C VAL A 112 -4.17 -3.60 4.41
N GLU A 113 -4.57 -4.85 4.32
CA GLU A 113 -4.02 -5.88 5.20
C GLU A 113 -2.49 -5.88 5.12
N ALA A 114 -2.00 -5.96 3.89
CA ALA A 114 -0.57 -5.97 3.66
C ALA A 114 0.07 -4.73 4.31
N LEU A 115 -0.58 -3.60 4.08
CA LEU A 115 -0.10 -2.34 4.63
C LEU A 115 -0.24 -2.37 6.16
N ASN A 116 -1.11 -3.26 6.61
CA ASN A 116 -1.35 -3.39 8.04
C ASN A 116 -0.29 -4.32 8.64
N GLN A 117 0.30 -5.14 7.79
CA GLN A 117 1.32 -6.08 8.21
C GLN A 117 2.71 -5.47 8.01
N ALA A 118 2.86 -4.75 6.91
CA ALA A 118 4.13 -4.11 6.59
C ALA A 118 4.53 -3.17 7.73
N SER A 119 3.53 -2.80 8.52
CA SER A 119 3.76 -1.91 9.65
C SER A 119 3.15 -2.51 10.92
N LYS A 120 2.59 -3.69 10.77
CA LYS A 120 1.97 -4.37 11.90
C LYS A 120 1.35 -3.34 12.84
N SER A 121 0.22 -2.81 12.42
CA SER A 121 -0.47 -1.80 13.22
C SER A 121 -1.98 -2.03 13.14
N GLY A 122 -2.35 -3.24 12.71
CA GLY A 122 -3.75 -3.60 12.60
C GLY A 122 -4.02 -4.98 13.21
N PRO A 123 -5.31 -5.22 13.54
CA PRO A 123 -5.71 -6.49 14.12
C PRO A 123 -5.73 -7.60 13.06
N SER A 124 -6.07 -7.20 11.84
CA SER A 124 -6.12 -8.15 10.75
C SER A 124 -7.23 -9.18 10.99
N SER A 125 -7.54 -9.94 9.95
CA SER A 125 -8.57 -10.95 10.04
C SER A 125 -8.06 -12.27 9.47
N GLY A 126 -7.32 -12.99 10.31
CA GLY A 126 -6.77 -14.27 9.89
C GLY A 126 -6.53 -15.17 11.10
N GLY A 1 23.59 -11.18 3.58
CA GLY A 1 23.23 -12.51 4.07
C GLY A 1 22.68 -12.44 5.49
N SER A 2 21.37 -12.68 5.60
CA SER A 2 20.71 -12.65 6.88
C SER A 2 19.41 -13.45 6.82
N SER A 3 18.89 -13.76 7.99
CA SER A 3 17.65 -14.52 8.09
C SER A 3 16.57 -13.86 7.23
N GLY A 4 16.37 -14.43 6.05
CA GLY A 4 15.37 -13.90 5.14
C GLY A 4 15.05 -14.92 4.03
N SER A 5 15.20 -14.47 2.80
CA SER A 5 14.95 -15.31 1.65
C SER A 5 15.65 -14.75 0.42
N SER A 6 16.53 -15.58 -0.15
CA SER A 6 17.28 -15.17 -1.33
C SER A 6 16.30 -14.80 -2.46
N GLY A 7 16.87 -14.24 -3.52
CA GLY A 7 16.09 -13.83 -4.66
C GLY A 7 16.64 -14.43 -5.95
N MET A 8 17.95 -14.34 -6.10
CA MET A 8 18.61 -14.85 -7.28
C MET A 8 17.99 -16.18 -7.71
N PRO A 9 17.91 -17.12 -6.73
CA PRO A 9 17.35 -18.43 -6.99
C PRO A 9 15.82 -18.36 -7.11
N TYR A 10 15.20 -19.53 -7.17
CA TYR A 10 13.76 -19.62 -7.28
C TYR A 10 13.10 -19.53 -5.91
N VAL A 11 12.98 -18.29 -5.42
CA VAL A 11 12.37 -18.06 -4.12
C VAL A 11 12.28 -16.55 -3.88
N ASP A 12 11.08 -16.12 -3.53
CA ASP A 12 10.84 -14.71 -3.26
C ASP A 12 9.62 -14.57 -2.35
N ARG A 13 9.36 -15.61 -1.59
CA ARG A 13 8.23 -15.61 -0.67
C ARG A 13 8.50 -14.69 0.52
N GLN A 14 8.76 -13.43 0.21
CA GLN A 14 9.04 -12.44 1.23
C GLN A 14 7.74 -11.74 1.67
N ASN A 15 6.63 -12.39 1.35
CA ASN A 15 5.33 -11.84 1.69
C ASN A 15 5.21 -10.42 1.17
N ARG A 16 5.22 -10.30 -0.15
CA ARG A 16 5.12 -8.99 -0.79
C ARG A 16 3.86 -8.93 -1.66
N ILE A 17 3.26 -7.75 -1.70
CA ILE A 17 2.05 -7.54 -2.48
C ILE A 17 2.38 -6.62 -3.66
N CYS A 18 1.72 -6.87 -4.77
CA CYS A 18 1.93 -6.08 -5.97
C CYS A 18 0.58 -5.93 -6.69
N GLY A 19 0.45 -4.84 -7.42
CA GLY A 19 -0.76 -4.57 -8.17
C GLY A 19 -0.86 -3.09 -8.54
N PHE A 20 -1.75 -2.82 -9.49
CA PHE A 20 -1.95 -1.45 -9.94
C PHE A 20 -2.95 -0.71 -9.04
N LEU A 21 -2.48 0.39 -8.48
CA LEU A 21 -3.32 1.19 -7.60
C LEU A 21 -3.58 2.55 -8.26
N ASP A 22 -4.45 3.32 -7.62
CA ASP A 22 -4.80 4.63 -8.12
C ASP A 22 -4.66 5.66 -7.00
N ILE A 23 -3.48 6.28 -6.94
CA ILE A 23 -3.21 7.28 -5.93
C ILE A 23 -3.64 8.65 -6.43
N GLU A 24 -4.37 9.36 -5.58
CA GLU A 24 -4.85 10.68 -5.93
C GLU A 24 -3.71 11.69 -5.90
N ASP A 25 -3.67 12.53 -6.92
CA ASP A 25 -2.63 13.55 -7.03
C ASP A 25 -3.27 14.93 -6.98
N ASN A 26 -2.43 15.93 -6.84
CA ASN A 26 -2.90 17.31 -6.78
C ASN A 26 -3.13 17.83 -8.20
N GLU A 27 -2.85 16.96 -9.16
CA GLU A 27 -3.02 17.32 -10.56
C GLU A 27 -4.38 18.00 -10.78
N ASN A 28 -5.41 17.40 -10.21
CA ASN A 28 -6.75 17.93 -10.33
C ASN A 28 -7.55 17.59 -9.08
N SER A 29 -8.84 17.36 -9.28
CA SER A 29 -9.72 17.02 -8.18
C SER A 29 -10.61 15.84 -8.56
N GLY A 30 -10.14 14.65 -8.21
CA GLY A 30 -10.88 13.44 -8.51
C GLY A 30 -10.12 12.58 -9.53
N LYS A 31 -8.82 12.84 -9.63
CA LYS A 31 -7.99 12.10 -10.56
C LYS A 31 -6.93 11.31 -9.78
N PHE A 32 -6.68 10.10 -10.25
CA PHE A 32 -5.70 9.24 -9.61
C PHE A 32 -4.57 8.87 -10.58
N LEU A 33 -3.43 8.50 -10.00
CA LEU A 33 -2.28 8.12 -10.80
C LEU A 33 -2.17 6.60 -10.84
N ARG A 34 -2.36 6.04 -12.02
CA ARG A 34 -2.29 4.60 -12.21
C ARG A 34 -0.83 4.14 -12.12
N ARG A 35 -0.49 3.57 -10.97
CA ARG A 35 0.85 3.08 -10.75
C ARG A 35 0.80 1.68 -10.13
N TYR A 36 1.91 0.96 -10.31
CA TYR A 36 2.01 -0.39 -9.78
C TYR A 36 2.71 -0.39 -8.42
N PHE A 37 1.91 -0.37 -7.37
CA PHE A 37 2.44 -0.36 -6.02
C PHE A 37 2.95 -1.75 -5.63
N ILE A 38 4.03 -1.76 -4.85
CA ILE A 38 4.62 -3.00 -4.40
C ILE A 38 5.02 -2.87 -2.93
N LEU A 39 4.30 -3.60 -2.08
CA LEU A 39 4.57 -3.58 -0.66
C LEU A 39 5.84 -4.39 -0.37
N ASP A 40 6.94 -3.67 -0.20
CA ASP A 40 8.21 -4.31 0.08
C ASP A 40 8.55 -4.13 1.55
N THR A 41 8.51 -5.25 2.27
CA THR A 41 8.81 -5.23 3.70
C THR A 41 10.32 -5.09 3.93
N GLN A 42 11.08 -5.81 3.12
CA GLN A 42 12.53 -5.77 3.23
C GLN A 42 13.03 -4.32 3.11
N ALA A 43 12.38 -3.58 2.22
CA ALA A 43 12.75 -2.19 2.00
C ALA A 43 12.01 -1.31 3.02
N ASN A 44 10.89 -1.82 3.50
CA ASN A 44 10.09 -1.10 4.47
C ASN A 44 9.65 0.23 3.86
N CYS A 45 9.45 0.22 2.55
CA CYS A 45 9.02 1.41 1.84
C CYS A 45 8.16 0.98 0.65
N LEU A 46 7.11 1.74 0.41
CA LEU A 46 6.20 1.45 -0.68
C LEU A 46 6.73 2.11 -1.96
N LEU A 47 6.89 1.30 -2.99
CA LEU A 47 7.38 1.78 -4.26
C LEU A 47 6.36 1.46 -5.36
N TRP A 48 5.94 2.49 -6.06
CA TRP A 48 4.97 2.33 -7.14
C TRP A 48 5.64 2.77 -8.44
N TYR A 49 5.61 1.87 -9.42
CA TYR A 49 6.20 2.15 -10.72
C TYR A 49 5.12 2.34 -11.78
N MET A 50 5.36 3.31 -12.65
CA MET A 50 4.42 3.59 -13.72
C MET A 50 3.79 2.30 -14.26
N ASP A 51 4.62 1.28 -14.39
CA ASP A 51 4.15 -0.01 -14.88
C ASP A 51 4.89 -1.13 -14.15
N ASN A 52 4.33 -2.32 -14.26
CA ASN A 52 4.92 -3.48 -13.61
C ASN A 52 6.44 -3.44 -13.80
N PRO A 53 7.16 -3.99 -12.78
CA PRO A 53 8.60 -4.02 -12.82
C PRO A 53 9.10 -5.10 -13.79
N GLN A 54 8.19 -6.00 -14.14
CA GLN A 54 8.52 -7.08 -15.06
C GLN A 54 8.91 -6.51 -16.43
N ASN A 55 8.37 -5.34 -16.72
CA ASN A 55 8.65 -4.69 -17.99
C ASN A 55 9.81 -3.71 -17.81
N LEU A 56 9.89 -3.16 -16.61
CA LEU A 56 10.95 -2.21 -16.30
C LEU A 56 12.28 -2.96 -16.18
N ALA A 57 13.26 -2.26 -15.63
CA ALA A 57 14.59 -2.84 -15.46
C ALA A 57 14.79 -3.21 -13.99
N VAL A 58 15.92 -3.85 -13.73
CA VAL A 58 16.24 -4.27 -12.38
C VAL A 58 16.54 -3.03 -11.52
N GLY A 59 17.41 -2.19 -12.05
CA GLY A 59 17.79 -0.96 -11.36
C GLY A 59 16.84 0.18 -11.72
N ALA A 60 15.60 -0.18 -11.97
CA ALA A 60 14.59 0.81 -12.32
C ALA A 60 14.35 1.74 -11.13
N GLY A 61 13.82 2.91 -11.43
CA GLY A 61 13.53 3.89 -10.40
C GLY A 61 12.13 3.68 -9.81
N ALA A 62 11.44 4.79 -9.59
CA ALA A 62 10.10 4.75 -9.04
C ALA A 62 9.43 6.11 -9.22
N VAL A 63 8.13 6.08 -9.46
CA VAL A 63 7.37 7.30 -9.66
C VAL A 63 7.21 8.01 -8.31
N GLY A 64 7.12 7.21 -7.26
CA GLY A 64 6.98 7.76 -5.92
C GLY A 64 7.10 6.66 -4.86
N SER A 65 7.84 6.98 -3.81
CA SER A 65 8.05 6.03 -2.72
C SER A 65 7.33 6.51 -1.46
N LEU A 66 7.09 5.57 -0.56
CA LEU A 66 6.42 5.89 0.69
C LEU A 66 7.02 5.05 1.81
N GLN A 67 7.89 5.68 2.59
CA GLN A 67 8.54 5.01 3.69
C GLN A 67 7.50 4.49 4.69
N LEU A 68 7.50 3.18 4.86
CA LEU A 68 6.56 2.54 5.76
C LEU A 68 6.73 3.13 7.16
N THR A 69 7.91 3.70 7.40
CA THR A 69 8.21 4.30 8.68
C THR A 69 7.21 5.40 9.00
N TYR A 70 6.53 5.87 7.95
CA TYR A 70 5.55 6.92 8.11
C TYR A 70 4.17 6.34 8.45
N ILE A 71 3.71 5.45 7.57
CA ILE A 71 2.41 4.82 7.77
C ILE A 71 2.28 4.38 9.23
N SER A 72 1.08 4.58 9.76
CA SER A 72 0.81 4.21 11.14
C SER A 72 -0.43 3.31 11.21
N LYS A 73 -1.44 3.69 10.43
CA LYS A 73 -2.67 2.92 10.40
C LYS A 73 -3.23 2.93 8.96
N VAL A 74 -3.81 1.80 8.59
CA VAL A 74 -4.38 1.67 7.26
C VAL A 74 -5.82 1.17 7.38
N SER A 75 -6.75 2.11 7.31
CA SER A 75 -8.17 1.79 7.41
C SER A 75 -8.85 2.01 6.05
N ILE A 76 -10.02 1.40 5.91
CA ILE A 76 -10.77 1.52 4.68
C ILE A 76 -11.39 2.92 4.60
N ALA A 77 -11.23 3.54 3.44
CA ALA A 77 -11.76 4.87 3.22
C ALA A 77 -13.28 4.79 3.09
N THR A 78 -13.94 5.85 3.54
CA THR A 78 -15.39 5.92 3.48
C THR A 78 -15.83 6.94 2.42
N PRO A 79 -17.18 6.97 2.18
CA PRO A 79 -17.74 7.88 1.20
C PRO A 79 -17.76 9.31 1.75
N LYS A 80 -17.26 9.46 2.96
CA LYS A 80 -17.21 10.77 3.60
C LYS A 80 -15.82 11.37 3.42
N GLN A 81 -14.94 10.59 2.81
CA GLN A 81 -13.58 11.03 2.58
C GLN A 81 -13.27 11.02 1.08
N LYS A 82 -13.42 9.85 0.48
CA LYS A 82 -13.15 9.70 -0.94
C LYS A 82 -14.07 8.61 -1.51
N PRO A 83 -15.33 9.02 -1.81
CA PRO A 83 -16.31 8.09 -2.36
C PRO A 83 -16.03 7.80 -3.83
N LYS A 84 -17.05 7.32 -4.50
CA LYS A 84 -16.93 6.99 -5.92
C LYS A 84 -16.49 5.53 -6.06
N THR A 85 -15.75 5.06 -5.08
CA THR A 85 -15.27 3.70 -5.08
C THR A 85 -15.51 3.04 -3.71
N PRO A 86 -16.00 1.77 -3.77
CA PRO A 86 -16.28 1.03 -2.55
C PRO A 86 -14.98 0.54 -1.91
N PHE A 87 -14.16 -0.14 -2.71
CA PHE A 87 -12.89 -0.66 -2.23
C PHE A 87 -11.82 0.42 -2.25
N CYS A 88 -11.83 1.27 -1.23
CA CYS A 88 -10.86 2.34 -1.13
C CYS A 88 -10.29 2.34 0.29
N PHE A 89 -8.97 2.33 0.35
CA PHE A 89 -8.28 2.33 1.64
C PHE A 89 -7.46 3.60 1.83
N VAL A 90 -7.48 4.11 3.05
CA VAL A 90 -6.73 5.31 3.37
C VAL A 90 -5.54 4.95 4.24
N ILE A 91 -4.35 5.28 3.74
CA ILE A 91 -3.13 4.99 4.45
C ILE A 91 -2.86 6.12 5.45
N ASN A 92 -3.11 5.82 6.72
CA ASN A 92 -2.89 6.79 7.77
C ASN A 92 -1.42 6.80 8.16
N ALA A 93 -0.80 7.97 8.02
CA ALA A 93 0.60 8.13 8.35
C ALA A 93 0.74 9.15 9.48
N LEU A 94 1.86 9.87 9.44
CA LEU A 94 2.13 10.88 10.44
C LEU A 94 0.82 11.59 10.81
N SER A 95 0.40 12.48 9.92
CA SER A 95 -0.82 13.23 10.14
C SER A 95 -1.54 13.48 8.81
N GLN A 96 -1.22 12.64 7.84
CA GLN A 96 -1.82 12.75 6.52
C GLN A 96 -2.69 11.53 6.22
N ARG A 97 -3.35 11.59 5.07
CA ARG A 97 -4.22 10.49 4.65
C ARG A 97 -4.17 10.34 3.13
N TYR A 98 -3.60 9.22 2.69
CA TYR A 98 -3.49 8.94 1.28
C TYR A 98 -4.68 8.12 0.78
N PHE A 99 -5.32 8.62 -0.26
CA PHE A 99 -6.48 7.95 -0.83
C PHE A 99 -6.10 7.21 -2.11
N LEU A 100 -6.07 5.89 -2.00
CA LEU A 100 -5.73 5.05 -3.14
C LEU A 100 -6.93 4.19 -3.52
N GLN A 101 -6.95 3.77 -4.77
CA GLN A 101 -8.03 2.95 -5.27
C GLN A 101 -7.49 1.62 -5.79
N ALA A 102 -8.21 0.54 -5.47
CA ALA A 102 -7.80 -0.78 -5.89
C ALA A 102 -8.61 -1.18 -7.13
N ASN A 103 -8.45 -2.44 -7.52
CA ASN A 103 -9.15 -2.95 -8.69
C ASN A 103 -10.45 -3.61 -8.24
N ASP A 104 -10.32 -4.55 -7.31
CA ASP A 104 -11.48 -5.27 -6.79
C ASP A 104 -11.49 -5.17 -5.26
N GLN A 105 -12.33 -5.99 -4.66
CA GLN A 105 -12.44 -6.01 -3.21
C GLN A 105 -11.29 -6.80 -2.60
N LYS A 106 -10.72 -7.68 -3.39
CA LYS A 106 -9.61 -8.50 -2.94
C LYS A 106 -8.36 -7.62 -2.80
N ASP A 107 -7.90 -7.11 -3.92
CA ASP A 107 -6.72 -6.26 -3.94
C ASP A 107 -6.85 -5.21 -2.83
N LEU A 108 -8.03 -4.62 -2.75
CA LEU A 108 -8.29 -3.60 -1.75
C LEU A 108 -7.92 -4.15 -0.36
N LYS A 109 -8.74 -5.09 0.10
CA LYS A 109 -8.51 -5.71 1.40
C LYS A 109 -7.04 -6.12 1.50
N ASP A 110 -6.59 -6.87 0.52
CA ASP A 110 -5.21 -7.34 0.48
C ASP A 110 -4.28 -6.16 0.79
N TRP A 111 -4.31 -5.18 -0.09
CA TRP A 111 -3.47 -4.01 0.07
C TRP A 111 -3.59 -3.54 1.53
N VAL A 112 -4.82 -3.28 1.94
CA VAL A 112 -5.08 -2.83 3.30
C VAL A 112 -4.36 -3.76 4.27
N GLU A 113 -4.79 -5.01 4.28
CA GLU A 113 -4.20 -6.00 5.17
C GLU A 113 -2.67 -5.95 5.08
N ALA A 114 -2.18 -5.96 3.86
CA ALA A 114 -0.74 -5.92 3.62
C ALA A 114 -0.17 -4.65 4.26
N LEU A 115 -0.85 -3.54 4.02
CA LEU A 115 -0.42 -2.27 4.57
C LEU A 115 -0.65 -2.25 6.08
N ASN A 116 -1.43 -3.23 6.53
CA ASN A 116 -1.75 -3.34 7.94
C ASN A 116 -0.72 -4.26 8.61
N GLN A 117 -0.03 -5.03 7.78
CA GLN A 117 0.98 -5.95 8.28
C GLN A 117 2.34 -5.27 8.32
N ALA A 118 2.80 -4.85 7.14
CA ALA A 118 4.08 -4.18 7.03
C ALA A 118 4.13 -3.01 8.00
N SER A 119 2.98 -2.37 8.17
CA SER A 119 2.89 -1.23 9.07
C SER A 119 3.22 -1.66 10.49
N LYS A 120 2.67 -2.80 10.88
CA LYS A 120 2.90 -3.33 12.21
C LYS A 120 4.24 -4.06 12.24
N SER A 121 4.91 -4.05 11.09
CA SER A 121 6.21 -4.70 10.97
C SER A 121 7.27 -3.69 10.54
N GLY A 122 7.06 -2.46 10.98
CA GLY A 122 7.99 -1.39 10.65
C GLY A 122 9.08 -1.26 11.73
N PRO A 123 9.49 0.01 11.98
CA PRO A 123 10.53 0.28 12.97
C PRO A 123 9.95 0.16 14.38
N SER A 124 8.68 0.52 14.51
CA SER A 124 8.01 0.46 15.80
C SER A 124 8.14 -0.95 16.39
N SER A 125 7.69 -1.93 15.60
CA SER A 125 7.75 -3.31 16.03
C SER A 125 9.14 -3.90 15.76
N GLY A 126 9.55 -3.79 14.50
CA GLY A 126 10.85 -4.30 14.10
C GLY A 126 10.69 -5.55 13.23
N GLY A 1 9.24 -17.76 -11.62
CA GLY A 1 8.80 -16.43 -11.26
C GLY A 1 8.61 -16.31 -9.75
N SER A 2 7.36 -16.46 -9.33
CA SER A 2 7.03 -16.37 -7.91
C SER A 2 7.17 -17.75 -7.26
N SER A 3 7.95 -17.78 -6.19
CA SER A 3 8.17 -19.03 -5.46
C SER A 3 9.04 -18.76 -4.23
N GLY A 4 8.45 -19.01 -3.07
CA GLY A 4 9.15 -18.82 -1.82
C GLY A 4 9.03 -20.04 -0.91
N SER A 5 10.04 -20.88 -0.96
CA SER A 5 10.05 -22.09 -0.15
C SER A 5 11.49 -22.43 0.28
N SER A 6 11.59 -22.99 1.47
CA SER A 6 12.89 -23.36 2.01
C SER A 6 12.86 -24.81 2.50
N GLY A 7 14.03 -25.29 2.89
CA GLY A 7 14.15 -26.65 3.39
C GLY A 7 14.48 -26.66 4.89
N MET A 8 15.73 -26.32 5.19
CA MET A 8 16.17 -26.28 6.57
C MET A 8 15.67 -25.02 7.28
N PRO A 9 15.93 -23.85 6.63
CA PRO A 9 15.53 -22.57 7.19
C PRO A 9 14.02 -22.37 7.03
N TYR A 10 13.48 -21.53 7.88
CA TYR A 10 12.05 -21.23 7.85
C TYR A 10 11.76 -19.82 8.37
N VAL A 11 10.50 -19.45 8.31
CA VAL A 11 10.08 -18.13 8.78
C VAL A 11 10.78 -17.06 7.93
N ASP A 12 9.96 -16.23 7.30
CA ASP A 12 10.48 -15.16 6.46
C ASP A 12 9.40 -14.07 6.31
N ARG A 13 9.76 -12.87 6.73
CA ARG A 13 8.85 -11.74 6.64
C ARG A 13 8.84 -11.17 5.22
N GLN A 14 8.52 -12.04 4.27
CA GLN A 14 8.48 -11.63 2.87
C GLN A 14 7.03 -11.34 2.45
N ASN A 15 6.26 -10.82 3.39
CA ASN A 15 4.87 -10.49 3.14
C ASN A 15 4.80 -9.30 2.17
N ARG A 16 5.17 -9.57 0.92
CA ARG A 16 5.15 -8.54 -0.11
C ARG A 16 3.93 -8.73 -1.02
N ILE A 17 3.32 -7.61 -1.38
CA ILE A 17 2.17 -7.64 -2.25
C ILE A 17 2.46 -6.80 -3.50
N CYS A 18 1.63 -7.02 -4.52
CA CYS A 18 1.79 -6.29 -5.77
C CYS A 18 0.40 -6.08 -6.38
N GLY A 19 0.26 -4.99 -7.11
CA GLY A 19 -0.99 -4.66 -7.74
C GLY A 19 -1.03 -3.19 -8.16
N PHE A 20 -1.95 -2.90 -9.07
CA PHE A 20 -2.10 -1.53 -9.57
C PHE A 20 -3.16 -0.77 -8.78
N LEU A 21 -2.75 0.37 -8.25
CA LEU A 21 -3.66 1.20 -7.48
C LEU A 21 -3.78 2.59 -8.13
N ASP A 22 -4.77 3.33 -7.69
CA ASP A 22 -5.00 4.67 -8.22
C ASP A 22 -4.86 5.69 -7.09
N ILE A 23 -3.66 6.23 -6.95
CA ILE A 23 -3.39 7.21 -5.92
C ILE A 23 -3.73 8.60 -6.45
N GLU A 24 -4.24 9.43 -5.55
CA GLU A 24 -4.62 10.78 -5.91
C GLU A 24 -3.40 11.69 -5.91
N ASP A 25 -3.20 12.38 -7.02
CA ASP A 25 -2.08 13.29 -7.15
C ASP A 25 -2.58 14.73 -7.02
N ASN A 26 -1.61 15.65 -6.93
CA ASN A 26 -1.94 17.06 -6.80
C ASN A 26 -2.07 17.68 -8.19
N GLU A 27 -2.17 16.81 -9.18
CA GLU A 27 -2.31 17.26 -10.57
C GLU A 27 -3.53 18.17 -10.71
N ASN A 28 -4.67 17.65 -10.27
CA ASN A 28 -5.90 18.39 -10.34
C ASN A 28 -6.75 18.09 -9.10
N SER A 29 -8.07 18.09 -9.31
CA SER A 29 -9.00 17.81 -8.24
C SER A 29 -10.04 16.79 -8.68
N GLY A 30 -9.75 15.53 -8.39
CA GLY A 30 -10.65 14.45 -8.77
C GLY A 30 -10.01 13.53 -9.80
N LYS A 31 -8.69 13.58 -9.84
CA LYS A 31 -7.94 12.75 -10.77
C LYS A 31 -6.90 11.92 -10.00
N PHE A 32 -6.65 10.72 -10.51
CA PHE A 32 -5.70 9.82 -9.88
C PHE A 32 -4.68 9.31 -10.90
N LEU A 33 -3.52 8.93 -10.38
CA LEU A 33 -2.46 8.41 -11.24
C LEU A 33 -2.34 6.90 -11.05
N ARG A 34 -2.56 6.18 -12.14
CA ARG A 34 -2.48 4.73 -12.11
C ARG A 34 -1.02 4.28 -12.10
N ARG A 35 -0.65 3.63 -11.01
CA ARG A 35 0.71 3.13 -10.86
C ARG A 35 0.71 1.73 -10.25
N TYR A 36 1.84 1.05 -10.39
CA TYR A 36 1.98 -0.30 -9.87
C TYR A 36 2.67 -0.29 -8.50
N PHE A 37 1.87 -0.36 -7.46
CA PHE A 37 2.39 -0.37 -6.10
C PHE A 37 2.92 -1.75 -5.72
N ILE A 38 3.96 -1.75 -4.92
CA ILE A 38 4.58 -2.99 -4.48
C ILE A 38 4.97 -2.86 -3.00
N LEU A 39 4.32 -3.67 -2.18
CA LEU A 39 4.59 -3.65 -0.75
C LEU A 39 5.84 -4.51 -0.47
N ASP A 40 6.95 -3.82 -0.26
CA ASP A 40 8.21 -4.49 0.03
C ASP A 40 8.49 -4.42 1.53
N THR A 41 8.42 -5.58 2.17
CA THR A 41 8.67 -5.66 3.60
C THR A 41 10.17 -5.58 3.88
N GLN A 42 10.95 -5.89 2.85
CA GLN A 42 12.40 -5.86 2.98
C GLN A 42 12.91 -4.41 2.96
N ALA A 43 12.30 -3.63 2.08
CA ALA A 43 12.68 -2.22 1.95
C ALA A 43 12.00 -1.41 3.06
N ASN A 44 10.87 -1.93 3.52
CA ASN A 44 10.13 -1.26 4.57
C ASN A 44 9.57 0.05 4.03
N CYS A 45 9.38 0.09 2.72
CA CYS A 45 8.84 1.28 2.08
C CYS A 45 7.97 0.83 0.90
N LEU A 46 7.05 1.71 0.53
CA LEU A 46 6.14 1.42 -0.58
C LEU A 46 6.62 2.18 -1.82
N LEU A 47 6.80 1.42 -2.89
CA LEU A 47 7.25 2.00 -4.15
C LEU A 47 6.27 1.64 -5.26
N TRP A 48 5.85 2.65 -6.01
CA TRP A 48 4.92 2.44 -7.09
C TRP A 48 5.60 2.85 -8.39
N TYR A 49 5.65 1.92 -9.33
CA TYR A 49 6.27 2.17 -10.62
C TYR A 49 5.22 2.28 -11.73
N MET A 50 5.42 3.26 -12.59
CA MET A 50 4.50 3.49 -13.69
C MET A 50 4.04 2.16 -14.30
N ASP A 51 4.97 1.22 -14.37
CA ASP A 51 4.66 -0.09 -14.92
C ASP A 51 5.57 -1.13 -14.27
N ASN A 52 5.22 -2.39 -14.49
CA ASN A 52 5.98 -3.50 -13.93
C ASN A 52 7.48 -3.19 -14.08
N PRO A 53 8.24 -3.50 -12.99
CA PRO A 53 9.66 -3.26 -12.98
C PRO A 53 10.40 -4.32 -13.83
N GLN A 54 9.72 -5.44 -14.03
CA GLN A 54 10.29 -6.52 -14.81
C GLN A 54 10.35 -6.14 -16.30
N ASN A 55 9.69 -5.03 -16.62
CA ASN A 55 9.66 -4.55 -17.98
C ASN A 55 10.50 -3.27 -18.09
N LEU A 56 10.70 -2.64 -16.94
CA LEU A 56 11.47 -1.41 -16.89
C LEU A 56 12.96 -1.76 -17.02
N ALA A 57 13.79 -0.74 -16.83
CA ALA A 57 15.23 -0.93 -16.93
C ALA A 57 15.87 -0.67 -15.56
N VAL A 58 17.01 -1.29 -15.35
CA VAL A 58 17.72 -1.15 -14.10
C VAL A 58 17.84 0.34 -13.74
N GLY A 59 18.41 1.08 -14.68
CA GLY A 59 18.58 2.52 -14.48
C GLY A 59 17.26 3.17 -14.05
N ALA A 60 16.17 2.53 -14.42
CA ALA A 60 14.86 3.03 -14.07
C ALA A 60 14.74 3.16 -12.55
N GLY A 61 13.61 3.69 -12.12
CA GLY A 61 13.37 3.87 -10.68
C GLY A 61 11.87 3.79 -10.38
N ALA A 62 11.50 4.47 -9.29
CA ALA A 62 10.10 4.48 -8.88
C ALA A 62 9.54 5.89 -9.08
N VAL A 63 8.25 5.94 -9.36
CA VAL A 63 7.58 7.21 -9.57
C VAL A 63 7.51 7.98 -8.25
N GLY A 64 7.43 7.21 -7.16
CA GLY A 64 7.36 7.80 -5.85
C GLY A 64 7.92 6.84 -4.79
N SER A 65 7.43 7.01 -3.57
CA SER A 65 7.88 6.17 -2.47
C SER A 65 7.15 6.56 -1.18
N LEU A 66 6.84 5.54 -0.39
CA LEU A 66 6.14 5.77 0.87
C LEU A 66 6.76 4.88 1.96
N GLN A 67 7.66 5.48 2.71
CA GLN A 67 8.33 4.77 3.78
C GLN A 67 7.33 4.31 4.83
N LEU A 68 7.40 3.02 5.16
CA LEU A 68 6.49 2.46 6.14
C LEU A 68 6.69 3.17 7.49
N THR A 69 7.90 3.63 7.70
CA THR A 69 8.23 4.32 8.93
C THR A 69 7.21 5.43 9.21
N TYR A 70 6.56 5.87 8.15
CA TYR A 70 5.56 6.92 8.26
C TYR A 70 4.18 6.32 8.59
N ILE A 71 3.68 5.53 7.65
CA ILE A 71 2.38 4.90 7.83
C ILE A 71 2.23 4.44 9.28
N SER A 72 1.06 4.71 9.84
CA SER A 72 0.78 4.33 11.21
C SER A 72 -0.42 3.38 11.26
N LYS A 73 -1.40 3.68 10.41
CA LYS A 73 -2.60 2.87 10.35
C LYS A 73 -3.14 2.88 8.91
N VAL A 74 -3.76 1.77 8.55
CA VAL A 74 -4.33 1.65 7.21
C VAL A 74 -5.77 1.15 7.32
N SER A 75 -6.69 2.11 7.24
CA SER A 75 -8.10 1.79 7.33
C SER A 75 -8.79 2.08 5.99
N ILE A 76 -9.93 1.44 5.80
CA ILE A 76 -10.69 1.63 4.57
C ILE A 76 -11.21 3.08 4.52
N ALA A 77 -11.06 3.68 3.34
CA ALA A 77 -11.51 5.04 3.14
C ALA A 77 -13.03 5.09 3.21
N THR A 78 -13.54 6.25 3.60
CA THR A 78 -14.97 6.45 3.71
C THR A 78 -15.49 7.30 2.55
N PRO A 79 -16.84 7.36 2.42
CA PRO A 79 -17.46 8.14 1.37
C PRO A 79 -17.40 9.63 1.69
N LYS A 80 -17.38 9.93 2.97
CA LYS A 80 -17.32 11.31 3.43
C LYS A 80 -15.94 11.90 3.10
N GLN A 81 -15.02 11.01 2.77
CA GLN A 81 -13.67 11.41 2.44
C GLN A 81 -13.44 11.30 0.93
N LYS A 82 -13.72 10.11 0.41
CA LYS A 82 -13.55 9.85 -1.02
C LYS A 82 -14.55 8.79 -1.46
N PRO A 83 -15.78 9.27 -1.77
CA PRO A 83 -16.84 8.36 -2.21
C PRO A 83 -16.61 7.92 -3.66
N LYS A 84 -17.57 7.17 -4.17
CA LYS A 84 -17.48 6.67 -5.54
C LYS A 84 -16.47 5.53 -5.59
N THR A 85 -15.96 5.17 -4.43
CA THR A 85 -14.99 4.10 -4.33
C THR A 85 -15.40 3.09 -3.26
N PRO A 86 -15.77 1.86 -3.74
CA PRO A 86 -16.18 0.81 -2.83
C PRO A 86 -14.99 0.21 -2.10
N PHE A 87 -13.96 -0.12 -2.88
CA PHE A 87 -12.75 -0.70 -2.32
C PHE A 87 -11.61 0.31 -2.32
N CYS A 88 -11.67 1.23 -1.37
CA CYS A 88 -10.66 2.26 -1.24
C CYS A 88 -10.12 2.22 0.19
N PHE A 89 -8.81 2.38 0.30
CA PHE A 89 -8.16 2.37 1.59
C PHE A 89 -7.31 3.62 1.79
N VAL A 90 -7.39 4.16 3.00
CA VAL A 90 -6.63 5.36 3.34
C VAL A 90 -5.45 4.98 4.22
N ILE A 91 -4.25 5.30 3.74
CA ILE A 91 -3.04 5.01 4.48
C ILE A 91 -2.76 6.14 5.47
N ASN A 92 -3.02 5.86 6.74
CA ASN A 92 -2.80 6.85 7.78
C ASN A 92 -1.32 6.84 8.18
N ALA A 93 -0.72 8.02 8.12
CA ALA A 93 0.68 8.16 8.47
C ALA A 93 0.84 9.27 9.51
N LEU A 94 1.92 10.03 9.37
CA LEU A 94 2.19 11.12 10.30
C LEU A 94 0.87 11.84 10.63
N SER A 95 0.43 12.66 9.69
CA SER A 95 -0.80 13.41 9.88
C SER A 95 -1.48 13.64 8.53
N GLN A 96 -1.45 12.62 7.70
CA GLN A 96 -2.05 12.69 6.38
C GLN A 96 -2.83 11.41 6.07
N ARG A 97 -3.50 11.42 4.93
CA ARG A 97 -4.28 10.28 4.50
C ARG A 97 -4.23 10.13 2.98
N TYR A 98 -3.54 9.08 2.55
CA TYR A 98 -3.40 8.82 1.13
C TYR A 98 -4.62 8.06 0.60
N PHE A 99 -5.23 8.63 -0.43
CA PHE A 99 -6.40 8.02 -1.05
C PHE A 99 -6.01 7.20 -2.27
N LEU A 100 -6.16 5.88 -2.14
CA LEU A 100 -5.84 4.98 -3.23
C LEU A 100 -7.07 4.15 -3.60
N GLN A 101 -7.11 3.73 -4.85
CA GLN A 101 -8.23 2.94 -5.33
C GLN A 101 -7.73 1.61 -5.90
N ALA A 102 -8.43 0.55 -5.52
CA ALA A 102 -8.06 -0.79 -5.97
C ALA A 102 -8.92 -1.16 -7.19
N ASN A 103 -8.76 -2.40 -7.63
CA ASN A 103 -9.50 -2.88 -8.77
C ASN A 103 -10.69 -3.72 -8.28
N ASP A 104 -10.39 -4.68 -7.42
CA ASP A 104 -11.41 -5.55 -6.87
C ASP A 104 -11.47 -5.37 -5.35
N GLN A 105 -12.30 -6.18 -4.72
CA GLN A 105 -12.45 -6.11 -3.28
C GLN A 105 -11.29 -6.83 -2.59
N LYS A 106 -10.68 -7.75 -3.32
CA LYS A 106 -9.56 -8.50 -2.78
C LYS A 106 -8.32 -7.62 -2.76
N ASP A 107 -7.89 -7.21 -3.95
CA ASP A 107 -6.72 -6.36 -4.08
C ASP A 107 -6.78 -5.25 -3.03
N LEU A 108 -8.00 -4.77 -2.80
CA LEU A 108 -8.21 -3.71 -1.83
C LEU A 108 -7.85 -4.22 -0.43
N LYS A 109 -8.68 -5.12 0.07
CA LYS A 109 -8.46 -5.68 1.38
C LYS A 109 -7.00 -6.11 1.51
N ASP A 110 -6.58 -6.98 0.60
CA ASP A 110 -5.21 -7.46 0.60
C ASP A 110 -4.26 -6.31 0.87
N TRP A 111 -4.25 -5.36 -0.07
CA TRP A 111 -3.39 -4.19 0.06
C TRP A 111 -3.49 -3.68 1.50
N VAL A 112 -4.69 -3.30 1.88
CA VAL A 112 -4.93 -2.79 3.22
C VAL A 112 -4.21 -3.68 4.23
N GLU A 113 -4.68 -4.91 4.32
CA GLU A 113 -4.09 -5.87 5.25
C GLU A 113 -2.56 -5.85 5.12
N ALA A 114 -2.09 -5.98 3.89
CA ALA A 114 -0.67 -5.97 3.62
C ALA A 114 -0.05 -4.70 4.20
N LEU A 115 -0.74 -3.59 3.98
CA LEU A 115 -0.26 -2.31 4.47
C LEU A 115 -0.43 -2.26 5.98
N ASN A 116 -1.29 -3.14 6.48
CA ASN A 116 -1.56 -3.20 7.91
C ASN A 116 -0.52 -4.12 8.58
N GLN A 117 0.15 -4.90 7.75
CA GLN A 117 1.16 -5.81 8.24
C GLN A 117 2.56 -5.21 8.07
N ALA A 118 2.77 -4.62 6.90
CA ALA A 118 4.05 -4.00 6.60
C ALA A 118 4.31 -2.86 7.58
N SER A 119 3.22 -2.22 7.98
CA SER A 119 3.31 -1.11 8.92
C SER A 119 2.93 -1.57 10.33
N LYS A 120 2.56 -2.85 10.42
CA LYS A 120 2.17 -3.42 11.69
C LYS A 120 1.30 -2.42 12.45
N SER A 121 0.00 -2.48 12.18
CA SER A 121 -0.93 -1.59 12.84
C SER A 121 -1.40 -2.19 14.16
N GLY A 122 -0.48 -2.89 14.82
CA GLY A 122 -0.78 -3.53 16.09
C GLY A 122 -0.01 -4.83 16.24
N PRO A 123 -0.17 -5.46 17.44
CA PRO A 123 0.50 -6.72 17.72
C PRO A 123 -0.17 -7.88 16.98
N SER A 124 -1.44 -7.67 16.66
CA SER A 124 -2.20 -8.69 15.95
C SER A 124 -1.77 -8.74 14.48
N SER A 125 -1.34 -9.92 14.05
CA SER A 125 -0.91 -10.11 12.69
C SER A 125 -0.73 -11.61 12.40
N GLY A 126 -1.75 -12.17 11.77
CA GLY A 126 -1.73 -13.58 11.43
C GLY A 126 -1.57 -13.78 9.92
N GLY A 1 5.42 -11.30 28.73
CA GLY A 1 4.00 -10.99 28.82
C GLY A 1 3.33 -11.07 27.44
N SER A 2 3.35 -12.27 26.87
CA SER A 2 2.76 -12.48 25.56
C SER A 2 2.07 -13.84 25.52
N SER A 3 1.03 -13.92 24.69
CA SER A 3 0.28 -15.15 24.55
C SER A 3 -0.70 -15.04 23.40
N GLY A 4 -0.93 -16.17 22.74
CA GLY A 4 -1.86 -16.20 21.61
C GLY A 4 -1.14 -15.83 20.31
N SER A 5 -0.37 -16.80 19.79
CA SER A 5 0.37 -16.59 18.57
C SER A 5 -0.32 -17.33 17.41
N SER A 6 -0.25 -16.73 16.24
CA SER A 6 -0.86 -17.31 15.05
C SER A 6 -0.05 -18.51 14.59
N GLY A 7 -0.62 -19.69 14.81
CA GLY A 7 0.04 -20.93 14.42
C GLY A 7 -0.65 -21.55 13.19
N MET A 8 -1.65 -20.85 12.69
CA MET A 8 -2.39 -21.32 11.54
C MET A 8 -1.51 -21.30 10.28
N PRO A 9 -0.73 -20.19 10.15
CA PRO A 9 0.15 -20.02 9.00
C PRO A 9 1.38 -20.94 9.13
N TYR A 10 2.33 -20.70 8.24
CA TYR A 10 3.56 -21.49 8.24
C TYR A 10 4.71 -20.69 7.61
N VAL A 11 5.84 -21.38 7.44
CA VAL A 11 7.02 -20.76 6.86
C VAL A 11 6.65 -20.14 5.51
N ASP A 12 6.81 -18.83 5.43
CA ASP A 12 6.50 -18.11 4.21
C ASP A 12 6.74 -16.62 4.42
N ARG A 13 7.25 -15.97 3.38
CA ARG A 13 7.52 -14.55 3.44
C ARG A 13 7.05 -13.86 2.16
N GLN A 14 5.77 -14.04 1.86
CA GLN A 14 5.19 -13.44 0.68
C GLN A 14 4.33 -12.23 1.06
N ASN A 15 4.79 -11.52 2.07
CA ASN A 15 4.08 -10.34 2.54
C ASN A 15 4.12 -9.26 1.47
N ARG A 16 4.96 -9.50 0.47
CA ARG A 16 5.10 -8.55 -0.63
C ARG A 16 3.86 -8.59 -1.53
N ILE A 17 3.10 -7.51 -1.48
CA ILE A 17 1.89 -7.40 -2.27
C ILE A 17 2.13 -6.44 -3.43
N CYS A 18 1.60 -6.82 -4.59
CA CYS A 18 1.76 -6.00 -5.78
C CYS A 18 0.38 -5.87 -6.45
N GLY A 19 0.23 -4.78 -7.19
CA GLY A 19 -1.03 -4.53 -7.89
C GLY A 19 -1.14 -3.07 -8.31
N PHE A 20 -1.78 -2.85 -9.45
CA PHE A 20 -1.96 -1.51 -9.96
C PHE A 20 -3.02 -0.75 -9.16
N LEU A 21 -2.57 0.27 -8.46
CA LEU A 21 -3.47 1.07 -7.64
C LEU A 21 -3.62 2.46 -8.28
N ASP A 22 -4.58 3.21 -7.77
CA ASP A 22 -4.84 4.55 -8.28
C ASP A 22 -4.69 5.56 -7.14
N ILE A 23 -3.49 6.10 -7.02
CA ILE A 23 -3.21 7.07 -5.99
C ILE A 23 -3.52 8.48 -6.52
N GLU A 24 -4.37 9.17 -5.77
CA GLU A 24 -4.76 10.52 -6.15
C GLU A 24 -3.55 11.45 -6.14
N ASP A 25 -3.22 11.96 -7.32
CA ASP A 25 -2.08 12.85 -7.47
C ASP A 25 -2.49 14.26 -7.03
N ASN A 26 -1.58 14.91 -6.34
CA ASN A 26 -1.83 16.27 -5.86
C ASN A 26 -1.99 17.21 -7.05
N GLU A 27 -1.60 16.71 -8.22
CA GLU A 27 -1.70 17.49 -9.44
C GLU A 27 -3.17 17.80 -9.76
N ASN A 28 -4.01 16.80 -9.55
CA ASN A 28 -5.43 16.94 -9.81
C ASN A 28 -6.22 16.27 -8.68
N SER A 29 -6.73 17.10 -7.78
CA SER A 29 -7.50 16.59 -6.66
C SER A 29 -8.84 16.04 -7.16
N GLY A 30 -8.75 14.90 -7.83
CA GLY A 30 -9.94 14.26 -8.36
C GLY A 30 -9.58 13.08 -9.27
N LYS A 31 -8.50 13.27 -10.02
CA LYS A 31 -8.02 12.24 -10.92
C LYS A 31 -6.87 11.48 -10.27
N PHE A 32 -6.86 10.17 -10.49
CA PHE A 32 -5.81 9.33 -9.92
C PHE A 32 -4.85 8.85 -11.01
N LEU A 33 -3.61 8.65 -10.61
CA LEU A 33 -2.59 8.19 -11.54
C LEU A 33 -2.33 6.69 -11.33
N ARG A 34 -2.55 5.93 -12.40
CA ARG A 34 -2.36 4.49 -12.34
C ARG A 34 -0.88 4.18 -12.07
N ARG A 35 -0.62 3.73 -10.85
CA ARG A 35 0.73 3.39 -10.45
C ARG A 35 0.76 1.99 -9.84
N TYR A 36 1.77 1.22 -10.24
CA TYR A 36 1.92 -0.14 -9.74
C TYR A 36 2.67 -0.14 -8.41
N PHE A 37 1.90 -0.17 -7.32
CA PHE A 37 2.48 -0.17 -5.99
C PHE A 37 2.99 -1.57 -5.62
N ILE A 38 4.00 -1.59 -4.77
CA ILE A 38 4.57 -2.86 -4.34
C ILE A 38 4.99 -2.73 -2.86
N LEU A 39 4.27 -3.44 -2.02
CA LEU A 39 4.56 -3.43 -0.59
C LEU A 39 5.83 -4.25 -0.32
N ASP A 40 6.95 -3.54 -0.26
CA ASP A 40 8.22 -4.18 -0.02
C ASP A 40 8.54 -4.10 1.48
N THR A 41 8.52 -5.27 2.11
CA THR A 41 8.80 -5.36 3.53
C THR A 41 10.31 -5.27 3.79
N GLN A 42 11.06 -5.92 2.91
CA GLN A 42 12.51 -5.93 3.01
C GLN A 42 13.05 -4.49 2.99
N ALA A 43 12.48 -3.70 2.10
CA ALA A 43 12.88 -2.30 1.97
C ALA A 43 12.23 -1.47 3.07
N ASN A 44 11.14 -2.00 3.60
CA ASN A 44 10.41 -1.32 4.66
C ASN A 44 9.88 0.02 4.13
N CYS A 45 9.55 0.02 2.85
CA CYS A 45 9.03 1.21 2.21
C CYS A 45 8.08 0.79 1.10
N LEU A 46 7.39 1.78 0.54
CA LEU A 46 6.45 1.52 -0.53
C LEU A 46 6.99 2.14 -1.84
N LEU A 47 7.08 1.30 -2.86
CA LEU A 47 7.57 1.74 -4.15
C LEU A 47 6.53 1.44 -5.22
N TRP A 48 6.12 2.49 -5.92
CA TRP A 48 5.13 2.34 -6.97
C TRP A 48 5.78 2.76 -8.29
N TYR A 49 5.67 1.88 -9.27
CA TYR A 49 6.24 2.14 -10.59
C TYR A 49 5.14 2.24 -11.65
N MET A 50 5.41 3.07 -12.65
CA MET A 50 4.46 3.27 -13.73
C MET A 50 3.94 1.93 -14.25
N ASP A 51 4.80 0.92 -14.20
CA ASP A 51 4.44 -0.41 -14.65
C ASP A 51 5.30 -1.44 -13.93
N ASN A 52 4.87 -2.69 -14.04
CA ASN A 52 5.59 -3.79 -13.39
C ASN A 52 7.09 -3.64 -13.68
N PRO A 53 7.90 -4.10 -12.68
CA PRO A 53 9.35 -4.02 -12.80
C PRO A 53 9.87 -5.08 -13.77
N GLN A 54 8.96 -5.97 -14.17
CA GLN A 54 9.32 -7.04 -15.09
C GLN A 54 9.36 -6.52 -16.52
N ASN A 55 8.79 -5.33 -16.70
CA ASN A 55 8.75 -4.71 -18.02
C ASN A 55 9.75 -3.55 -18.06
N LEU A 56 9.98 -2.96 -16.89
CA LEU A 56 10.90 -1.85 -16.78
C LEU A 56 12.31 -2.33 -17.12
N ALA A 57 13.28 -1.46 -16.85
CA ALA A 57 14.67 -1.78 -17.12
C ALA A 57 15.39 -2.04 -15.79
N VAL A 58 16.63 -2.51 -15.91
CA VAL A 58 17.43 -2.80 -14.73
C VAL A 58 17.74 -1.50 -14.00
N GLY A 59 18.22 -0.53 -14.76
CA GLY A 59 18.56 0.76 -14.19
C GLY A 59 17.33 1.67 -14.10
N ALA A 60 16.24 1.07 -13.66
CA ALA A 60 14.99 1.81 -13.51
C ALA A 60 14.80 2.21 -12.06
N GLY A 61 13.66 2.84 -11.79
CA GLY A 61 13.35 3.30 -10.45
C GLY A 61 11.84 3.43 -10.25
N ALA A 62 11.48 4.13 -9.19
CA ALA A 62 10.06 4.33 -8.88
C ALA A 62 9.73 5.81 -9.02
N VAL A 63 8.52 6.07 -9.51
CA VAL A 63 8.07 7.43 -9.70
C VAL A 63 7.86 8.09 -8.35
N GLY A 64 7.76 7.25 -7.33
CA GLY A 64 7.55 7.74 -5.97
C GLY A 64 7.79 6.61 -4.95
N SER A 65 7.96 7.03 -3.70
CA SER A 65 8.20 6.08 -2.62
C SER A 65 7.39 6.48 -1.39
N LEU A 66 7.23 5.52 -0.49
CA LEU A 66 6.47 5.75 0.73
C LEU A 66 7.09 4.93 1.86
N GLN A 67 7.89 5.61 2.68
CA GLN A 67 8.55 4.96 3.80
C GLN A 67 7.51 4.46 4.80
N LEU A 68 7.61 3.17 5.13
CA LEU A 68 6.70 2.56 6.07
C LEU A 68 6.79 3.28 7.42
N THR A 69 7.94 3.92 7.62
CA THR A 69 8.17 4.65 8.86
C THR A 69 7.07 5.70 9.08
N TYR A 70 6.49 6.13 7.97
CA TYR A 70 5.43 7.12 8.02
C TYR A 70 4.07 6.46 8.34
N ILE A 71 3.69 5.53 7.49
CA ILE A 71 2.43 4.82 7.67
C ILE A 71 2.36 4.29 9.11
N SER A 72 1.20 4.50 9.72
CA SER A 72 0.99 4.04 11.09
C SER A 72 -0.18 3.07 11.13
N LYS A 73 -1.22 3.39 10.36
CA LYS A 73 -2.41 2.56 10.31
C LYS A 73 -3.02 2.65 8.91
N VAL A 74 -3.65 1.55 8.50
CA VAL A 74 -4.29 1.49 7.21
C VAL A 74 -5.73 1.01 7.36
N SER A 75 -6.65 1.96 7.38
CA SER A 75 -8.05 1.65 7.52
C SER A 75 -8.80 1.98 6.22
N ILE A 76 -10.00 1.43 6.12
CA ILE A 76 -10.82 1.65 4.94
C ILE A 76 -11.43 3.06 5.00
N ALA A 77 -11.21 3.80 3.93
CA ALA A 77 -11.73 5.16 3.85
C ALA A 77 -13.23 5.14 4.08
N THR A 78 -13.66 5.95 5.03
CA THR A 78 -15.07 6.03 5.36
C THR A 78 -15.77 7.05 4.45
N PRO A 79 -17.14 7.06 4.54
CA PRO A 79 -17.93 7.97 3.73
C PRO A 79 -17.85 9.40 4.28
N LYS A 80 -17.09 9.54 5.36
CA LYS A 80 -16.92 10.84 5.98
C LYS A 80 -15.65 11.50 5.45
N GLN A 81 -14.84 10.69 4.79
CA GLN A 81 -13.60 11.19 4.22
C GLN A 81 -13.62 11.07 2.69
N LYS A 82 -13.92 9.87 2.23
CA LYS A 82 -13.99 9.61 0.80
C LYS A 82 -15.09 8.59 0.52
N PRO A 83 -16.35 9.10 0.47
CA PRO A 83 -17.49 8.24 0.21
C PRO A 83 -17.55 7.84 -1.27
N LYS A 84 -18.62 7.13 -1.61
CA LYS A 84 -18.82 6.69 -2.98
C LYS A 84 -17.89 5.51 -3.27
N THR A 85 -16.60 5.75 -3.08
CA THR A 85 -15.60 4.72 -3.31
C THR A 85 -15.89 3.49 -2.44
N PRO A 86 -16.12 2.34 -3.13
CA PRO A 86 -16.40 1.10 -2.43
C PRO A 86 -15.13 0.52 -1.81
N PHE A 87 -14.28 -0.02 -2.66
CA PHE A 87 -13.03 -0.60 -2.21
C PHE A 87 -11.90 0.42 -2.23
N CYS A 88 -11.93 1.31 -1.25
CA CYS A 88 -10.91 2.34 -1.14
C CYS A 88 -10.39 2.36 0.30
N PHE A 89 -9.08 2.34 0.42
CA PHE A 89 -8.44 2.35 1.72
C PHE A 89 -7.59 3.61 1.91
N VAL A 90 -7.55 4.07 3.15
CA VAL A 90 -6.78 5.26 3.48
C VAL A 90 -5.56 4.86 4.32
N ILE A 91 -4.39 5.29 3.85
CA ILE A 91 -3.15 4.98 4.55
C ILE A 91 -2.88 6.08 5.58
N ASN A 92 -3.11 5.72 6.84
CA ASN A 92 -2.90 6.66 7.93
C ASN A 92 -1.40 6.72 8.26
N ALA A 93 -0.85 7.92 8.15
CA ALA A 93 0.56 8.13 8.42
C ALA A 93 0.72 9.20 9.50
N LEU A 94 1.86 9.86 9.47
CA LEU A 94 2.14 10.91 10.44
C LEU A 94 0.87 11.74 10.68
N SER A 95 0.50 12.51 9.66
CA SER A 95 -0.68 13.34 9.74
C SER A 95 -1.25 13.57 8.34
N GLN A 96 -1.26 12.51 7.55
CA GLN A 96 -1.78 12.58 6.20
C GLN A 96 -2.64 11.35 5.90
N ARG A 97 -3.50 11.51 4.90
CA ARG A 97 -4.38 10.42 4.50
C ARG A 97 -4.35 10.24 2.97
N TYR A 98 -3.73 9.15 2.55
CA TYR A 98 -3.62 8.84 1.14
C TYR A 98 -4.84 8.06 0.66
N PHE A 99 -5.51 8.61 -0.35
CA PHE A 99 -6.69 7.97 -0.91
C PHE A 99 -6.32 7.17 -2.16
N LEU A 100 -6.24 5.86 -1.98
CA LEU A 100 -5.90 4.97 -3.08
C LEU A 100 -7.14 4.17 -3.47
N GLN A 101 -7.18 3.78 -4.75
CA GLN A 101 -8.29 3.01 -5.26
C GLN A 101 -7.80 1.67 -5.81
N ALA A 102 -8.48 0.61 -5.39
CA ALA A 102 -8.13 -0.72 -5.84
C ALA A 102 -8.93 -1.07 -7.10
N ASN A 103 -8.75 -2.30 -7.55
CA ASN A 103 -9.44 -2.77 -8.74
C ASN A 103 -10.76 -3.42 -8.34
N ASP A 104 -10.68 -4.31 -7.35
CA ASP A 104 -11.85 -5.00 -6.86
C ASP A 104 -11.91 -4.88 -5.34
N GLN A 105 -12.53 -5.87 -4.73
CA GLN A 105 -12.66 -5.89 -3.28
C GLN A 105 -11.51 -6.67 -2.64
N LYS A 106 -10.99 -7.62 -3.40
CA LYS A 106 -9.89 -8.44 -2.93
C LYS A 106 -8.63 -7.57 -2.84
N ASP A 107 -8.15 -7.16 -4.00
CA ASP A 107 -6.96 -6.33 -4.06
C ASP A 107 -7.06 -5.23 -3.00
N LEU A 108 -8.28 -4.78 -2.77
CA LEU A 108 -8.51 -3.73 -1.79
C LEU A 108 -8.04 -4.21 -0.42
N LYS A 109 -8.78 -5.16 0.14
CA LYS A 109 -8.45 -5.70 1.44
C LYS A 109 -6.98 -6.12 1.45
N ASP A 110 -6.64 -6.98 0.51
CA ASP A 110 -5.27 -7.47 0.40
C ASP A 110 -4.30 -6.32 0.71
N TRP A 111 -4.43 -5.26 -0.06
CA TRP A 111 -3.57 -4.10 0.12
C TRP A 111 -3.68 -3.66 1.58
N VAL A 112 -4.90 -3.30 1.97
CA VAL A 112 -5.15 -2.86 3.33
C VAL A 112 -4.39 -3.77 4.31
N GLU A 113 -4.66 -5.06 4.18
CA GLU A 113 -4.01 -6.04 5.03
C GLU A 113 -2.49 -5.91 4.95
N ALA A 114 -1.98 -6.17 3.75
CA ALA A 114 -0.55 -6.08 3.51
C ALA A 114 -0.01 -4.80 4.14
N LEU A 115 -0.71 -3.70 3.88
CA LEU A 115 -0.30 -2.41 4.42
C LEU A 115 -0.43 -2.44 5.93
N ASN A 116 -1.41 -3.20 6.41
CA ASN A 116 -1.64 -3.32 7.84
C ASN A 116 -0.54 -4.18 8.46
N GLN A 117 0.16 -4.90 7.60
CA GLN A 117 1.24 -5.77 8.04
C GLN A 117 2.58 -5.04 7.93
N ALA A 118 2.75 -4.34 6.83
CA ALA A 118 3.98 -3.60 6.58
C ALA A 118 4.12 -2.50 7.64
N SER A 119 2.98 -2.04 8.13
CA SER A 119 2.97 -1.00 9.14
C SER A 119 3.49 -1.54 10.47
N LYS A 120 2.81 -2.56 10.97
CA LYS A 120 3.20 -3.19 12.22
C LYS A 120 4.54 -3.91 12.03
N SER A 121 4.90 -4.09 10.78
CA SER A 121 6.15 -4.77 10.44
C SER A 121 6.38 -5.94 11.41
N GLY A 122 5.28 -6.61 11.74
CA GLY A 122 5.35 -7.74 12.64
C GLY A 122 6.62 -8.57 12.40
N PRO A 123 7.04 -9.30 13.46
CA PRO A 123 8.23 -10.13 13.37
C PRO A 123 7.95 -11.40 12.55
N SER A 124 9.02 -12.16 12.32
CA SER A 124 8.92 -13.38 11.56
C SER A 124 9.45 -14.56 12.38
N SER A 125 10.73 -14.43 12.75
CA SER A 125 11.37 -15.48 13.54
C SER A 125 10.41 -16.01 14.60
N GLY A 126 10.23 -17.32 14.58
CA GLY A 126 9.34 -17.97 15.54
C GLY A 126 8.45 -18.99 14.84
N GLY A 1 1.10 -37.86 -4.04
CA GLY A 1 2.15 -38.06 -5.02
C GLY A 1 3.53 -38.00 -4.36
N SER A 2 4.51 -37.55 -5.13
CA SER A 2 5.87 -37.43 -4.63
C SER A 2 6.76 -36.78 -5.70
N SER A 3 6.84 -37.45 -6.84
CA SER A 3 7.65 -36.94 -7.93
C SER A 3 7.51 -35.42 -8.04
N GLY A 4 8.65 -34.74 -8.10
CA GLY A 4 8.66 -33.30 -8.20
C GLY A 4 9.23 -32.67 -6.92
N SER A 5 9.52 -31.38 -7.02
CA SER A 5 10.05 -30.64 -5.90
C SER A 5 8.97 -29.77 -5.27
N SER A 6 9.19 -29.42 -4.01
CA SER A 6 8.24 -28.59 -3.29
C SER A 6 8.26 -27.16 -3.84
N GLY A 7 7.17 -26.78 -4.48
CA GLY A 7 7.05 -25.47 -5.06
C GLY A 7 5.84 -24.71 -4.49
N MET A 8 6.12 -23.88 -3.50
CA MET A 8 5.07 -23.11 -2.85
C MET A 8 5.56 -22.52 -1.53
N PRO A 9 6.11 -23.42 -0.67
CA PRO A 9 6.61 -23.00 0.63
C PRO A 9 7.95 -22.26 0.49
N TYR A 10 8.16 -21.32 1.39
CA TYR A 10 9.39 -20.54 1.38
C TYR A 10 9.58 -19.84 0.03
N VAL A 11 10.39 -18.79 0.06
CA VAL A 11 10.67 -18.03 -1.14
C VAL A 11 9.37 -17.86 -1.94
N ASP A 12 8.66 -16.78 -1.65
CA ASP A 12 7.41 -16.50 -2.34
C ASP A 12 6.87 -15.16 -1.85
N ARG A 13 5.78 -14.73 -2.49
CA ARG A 13 5.15 -13.46 -2.14
C ARG A 13 4.15 -13.67 -1.00
N GLN A 14 4.67 -14.18 0.11
CA GLN A 14 3.83 -14.43 1.28
C GLN A 14 3.83 -13.19 2.19
N ASN A 15 4.03 -12.05 1.58
CA ASN A 15 4.04 -10.80 2.33
C ASN A 15 4.04 -9.63 1.35
N ARG A 16 4.90 -9.73 0.35
CA ARG A 16 5.01 -8.68 -0.66
C ARG A 16 3.77 -8.68 -1.56
N ILE A 17 3.10 -7.54 -1.59
CA ILE A 17 1.90 -7.39 -2.39
C ILE A 17 2.20 -6.44 -3.56
N CYS A 18 1.43 -6.61 -4.62
CA CYS A 18 1.59 -5.78 -5.80
C CYS A 18 0.21 -5.58 -6.44
N GLY A 19 0.12 -4.55 -7.27
CA GLY A 19 -1.12 -4.24 -7.96
C GLY A 19 -1.18 -2.76 -8.34
N PHE A 20 -1.99 -2.48 -9.36
CA PHE A 20 -2.15 -1.12 -9.83
C PHE A 20 -3.19 -0.37 -9.01
N LEU A 21 -2.70 0.64 -8.30
CA LEU A 21 -3.58 1.46 -7.46
C LEU A 21 -3.61 2.89 -7.99
N ASP A 22 -4.80 3.47 -7.99
CA ASP A 22 -4.97 4.83 -8.46
C ASP A 22 -4.83 5.80 -7.28
N ILE A 23 -3.61 6.28 -7.09
CA ILE A 23 -3.33 7.21 -6.01
C ILE A 23 -3.68 8.63 -6.47
N GLU A 24 -4.30 9.37 -5.55
CA GLU A 24 -4.70 10.74 -5.84
C GLU A 24 -3.50 11.68 -5.70
N ASP A 25 -3.20 12.36 -6.80
CA ASP A 25 -2.09 13.30 -6.81
C ASP A 25 -2.63 14.72 -6.68
N ASN A 26 -1.70 15.65 -6.50
CA ASN A 26 -2.06 17.05 -6.35
C ASN A 26 -2.09 17.72 -7.73
N GLU A 27 -1.96 16.87 -8.75
CA GLU A 27 -1.97 17.36 -10.13
C GLU A 27 -3.22 18.20 -10.37
N ASN A 28 -4.37 17.65 -10.01
CA ASN A 28 -5.63 18.33 -10.19
C ASN A 28 -6.54 18.05 -8.99
N SER A 29 -7.83 17.98 -9.28
CA SER A 29 -8.82 17.72 -8.25
C SER A 29 -9.84 16.69 -8.75
N GLY A 30 -9.61 15.44 -8.37
CA GLY A 30 -10.50 14.36 -8.79
C GLY A 30 -9.81 13.43 -9.79
N LYS A 31 -8.49 13.52 -9.82
CA LYS A 31 -7.71 12.70 -10.73
C LYS A 31 -6.71 11.87 -9.92
N PHE A 32 -6.50 10.64 -10.39
CA PHE A 32 -5.58 9.74 -9.72
C PHE A 32 -4.49 9.27 -10.68
N LEU A 33 -3.37 8.88 -10.09
CA LEU A 33 -2.24 8.41 -10.87
C LEU A 33 -2.12 6.89 -10.74
N ARG A 34 -2.45 6.21 -11.83
CA ARG A 34 -2.39 4.76 -11.86
C ARG A 34 -0.94 4.29 -11.94
N ARG A 35 -0.50 3.63 -10.87
CA ARG A 35 0.85 3.12 -10.81
C ARG A 35 0.87 1.73 -10.16
N TYR A 36 1.95 1.00 -10.43
CA TYR A 36 2.10 -0.33 -9.88
C TYR A 36 2.81 -0.28 -8.52
N PHE A 37 2.00 -0.28 -7.47
CA PHE A 37 2.53 -0.23 -6.13
C PHE A 37 3.05 -1.60 -5.69
N ILE A 38 4.08 -1.58 -4.87
CA ILE A 38 4.68 -2.82 -4.38
C ILE A 38 5.06 -2.64 -2.90
N LEU A 39 4.27 -3.28 -2.05
CA LEU A 39 4.50 -3.21 -0.62
C LEU A 39 5.52 -4.29 -0.22
N ASP A 40 6.75 -3.84 -0.01
CA ASP A 40 7.82 -4.74 0.37
C ASP A 40 8.12 -4.57 1.86
N THR A 41 8.46 -5.68 2.50
CA THR A 41 8.77 -5.66 3.92
C THR A 41 10.26 -5.40 4.14
N GLN A 42 11.07 -6.00 3.27
CA GLN A 42 12.51 -5.84 3.36
C GLN A 42 12.88 -4.36 3.39
N ALA A 43 12.57 -3.68 2.29
CA ALA A 43 12.87 -2.26 2.19
C ALA A 43 12.03 -1.49 3.22
N ASN A 44 10.87 -2.05 3.54
CA ASN A 44 9.98 -1.44 4.50
C ASN A 44 9.53 -0.07 3.98
N CYS A 45 9.32 -0.01 2.67
CA CYS A 45 8.89 1.22 2.03
C CYS A 45 8.03 0.86 0.82
N LEU A 46 6.98 1.65 0.61
CA LEU A 46 6.08 1.42 -0.50
C LEU A 46 6.65 2.07 -1.76
N LEU A 47 6.81 1.23 -2.78
CA LEU A 47 7.35 1.70 -4.05
C LEU A 47 6.35 1.39 -5.16
N TRP A 48 6.07 2.42 -5.95
CA TRP A 48 5.13 2.28 -7.06
C TRP A 48 5.83 2.77 -8.33
N TYR A 49 5.53 2.09 -9.43
CA TYR A 49 6.12 2.45 -10.71
C TYR A 49 5.05 2.44 -11.81
N MET A 50 5.20 3.39 -12.74
CA MET A 50 4.27 3.49 -13.86
C MET A 50 3.87 2.11 -14.36
N ASP A 51 4.84 1.21 -14.38
CA ASP A 51 4.60 -0.15 -14.84
C ASP A 51 5.50 -1.11 -14.07
N ASN A 52 5.09 -2.37 -14.05
CA ASN A 52 5.84 -3.41 -13.35
C ASN A 52 7.33 -3.20 -13.63
N PRO A 53 8.16 -3.61 -12.62
CA PRO A 53 9.61 -3.48 -12.74
C PRO A 53 10.18 -4.54 -13.69
N GLN A 54 9.39 -5.59 -13.88
CA GLN A 54 9.80 -6.67 -14.75
C GLN A 54 9.84 -6.20 -16.21
N ASN A 55 9.22 -5.06 -16.45
CA ASN A 55 9.17 -4.49 -17.78
C ASN A 55 10.16 -3.33 -17.87
N LEU A 56 10.35 -2.67 -16.73
CA LEU A 56 11.26 -1.54 -16.66
C LEU A 56 12.70 -2.04 -16.87
N ALA A 57 13.64 -1.14 -16.61
CA ALA A 57 15.04 -1.48 -16.77
C ALA A 57 15.61 -1.93 -15.42
N VAL A 58 16.87 -2.34 -15.45
CA VAL A 58 17.53 -2.80 -14.23
C VAL A 58 17.85 -1.60 -13.35
N GLY A 59 18.47 -0.60 -13.96
CA GLY A 59 18.83 0.61 -13.25
C GLY A 59 17.68 1.62 -13.24
N ALA A 60 16.47 1.09 -13.09
CA ALA A 60 15.29 1.93 -13.07
C ALA A 60 15.05 2.45 -11.64
N GLY A 61 14.19 3.44 -11.55
CA GLY A 61 13.87 4.02 -10.25
C GLY A 61 12.39 3.82 -9.90
N ALA A 62 11.86 4.78 -9.16
CA ALA A 62 10.46 4.71 -8.76
C ALA A 62 9.82 6.09 -8.95
N VAL A 63 8.66 6.09 -9.59
CA VAL A 63 7.93 7.32 -9.83
C VAL A 63 7.49 7.93 -8.51
N GLY A 64 7.55 7.12 -7.47
CA GLY A 64 7.16 7.56 -6.14
C GLY A 64 7.34 6.44 -5.11
N SER A 65 7.82 6.81 -3.94
CA SER A 65 8.03 5.85 -2.87
C SER A 65 7.34 6.33 -1.59
N LEU A 66 7.29 5.44 -0.61
CA LEU A 66 6.67 5.76 0.66
C LEU A 66 7.37 4.99 1.78
N GLN A 67 7.62 5.69 2.88
CA GLN A 67 8.28 5.08 4.01
C GLN A 67 7.25 4.51 4.99
N LEU A 68 7.33 3.20 5.19
CA LEU A 68 6.41 2.53 6.09
C LEU A 68 6.49 3.18 7.47
N THR A 69 7.63 3.79 7.74
CA THR A 69 7.84 4.45 9.02
C THR A 69 6.82 5.57 9.21
N TYR A 70 6.36 6.12 8.09
CA TYR A 70 5.38 7.20 8.13
C TYR A 70 3.99 6.66 8.42
N ILE A 71 3.62 5.64 7.66
CA ILE A 71 2.31 5.02 7.83
C ILE A 71 2.13 4.59 9.28
N SER A 72 0.95 4.88 9.81
CA SER A 72 0.63 4.53 11.19
C SER A 72 -0.51 3.52 11.23
N LYS A 73 -1.42 3.68 10.28
CA LYS A 73 -2.57 2.79 10.19
C LYS A 73 -3.14 2.83 8.78
N VAL A 74 -3.71 1.71 8.37
CA VAL A 74 -4.30 1.61 7.04
C VAL A 74 -5.72 1.06 7.16
N SER A 75 -6.68 1.97 7.12
CA SER A 75 -8.08 1.59 7.22
C SER A 75 -8.79 1.87 5.90
N ILE A 76 -10.03 1.42 5.83
CA ILE A 76 -10.83 1.61 4.63
C ILE A 76 -11.45 3.00 4.65
N ALA A 77 -11.27 3.71 3.55
CA ALA A 77 -11.80 5.06 3.42
C ALA A 77 -13.32 4.99 3.37
N THR A 78 -13.94 5.80 4.22
CA THR A 78 -15.40 5.84 4.28
C THR A 78 -15.95 6.81 3.24
N PRO A 79 -17.30 6.79 3.08
CA PRO A 79 -17.95 7.67 2.12
C PRO A 79 -18.00 9.10 2.63
N LYS A 80 -17.95 9.23 3.95
CA LYS A 80 -17.98 10.55 4.58
C LYS A 80 -16.69 11.30 4.26
N GLN A 81 -15.74 10.56 3.70
CA GLN A 81 -14.45 11.14 3.35
C GLN A 81 -14.27 11.14 1.82
N LYS A 82 -14.45 9.97 1.24
CA LYS A 82 -14.31 9.83 -0.20
C LYS A 82 -15.28 8.76 -0.70
N PRO A 83 -16.56 9.19 -0.90
CA PRO A 83 -17.59 8.28 -1.37
C PRO A 83 -17.42 7.99 -2.87
N LYS A 84 -18.28 7.11 -3.36
CA LYS A 84 -18.23 6.73 -4.76
C LYS A 84 -17.15 5.67 -4.97
N THR A 85 -16.44 5.37 -3.88
CA THR A 85 -15.38 4.38 -3.93
C THR A 85 -15.69 3.22 -2.99
N PRO A 86 -15.92 2.02 -3.61
CA PRO A 86 -16.22 0.83 -2.84
C PRO A 86 -14.97 0.29 -2.16
N PHE A 87 -14.06 -0.22 -2.99
CA PHE A 87 -12.82 -0.78 -2.47
C PHE A 87 -11.70 0.26 -2.48
N CYS A 88 -11.76 1.16 -1.50
CA CYS A 88 -10.77 2.20 -1.38
C CYS A 88 -10.29 2.24 0.07
N PHE A 89 -8.97 2.31 0.23
CA PHE A 89 -8.37 2.35 1.54
C PHE A 89 -7.52 3.61 1.72
N VAL A 90 -7.52 4.12 2.95
CA VAL A 90 -6.76 5.32 3.26
C VAL A 90 -5.55 4.94 4.12
N ILE A 91 -4.38 5.38 3.68
CA ILE A 91 -3.15 5.09 4.39
C ILE A 91 -2.88 6.21 5.41
N ASN A 92 -3.12 5.89 6.67
CA ASN A 92 -2.92 6.85 7.74
C ASN A 92 -1.44 6.90 8.10
N ALA A 93 -0.89 8.10 8.07
CA ALA A 93 0.51 8.30 8.39
C ALA A 93 0.65 9.45 9.39
N LEU A 94 1.72 10.21 9.23
CA LEU A 94 1.97 11.34 10.11
C LEU A 94 0.65 12.04 10.43
N SER A 95 0.18 12.82 9.47
CA SER A 95 -1.06 13.56 9.64
C SER A 95 -1.75 13.72 8.28
N GLN A 96 -1.38 12.86 7.35
CA GLN A 96 -1.95 12.91 6.01
C GLN A 96 -2.69 11.60 5.72
N ARG A 97 -3.61 11.69 4.76
CA ARG A 97 -4.39 10.53 4.37
C ARG A 97 -4.34 10.34 2.84
N TYR A 98 -3.77 9.21 2.44
CA TYR A 98 -3.64 8.90 1.02
C TYR A 98 -4.81 8.04 0.55
N PHE A 99 -5.52 8.55 -0.44
CA PHE A 99 -6.67 7.84 -0.99
C PHE A 99 -6.27 7.08 -2.26
N LEU A 100 -6.17 5.77 -2.12
CA LEU A 100 -5.81 4.92 -3.24
C LEU A 100 -7.00 4.05 -3.62
N GLN A 101 -7.02 3.62 -4.87
CA GLN A 101 -8.09 2.78 -5.37
C GLN A 101 -7.54 1.45 -5.87
N ALA A 102 -8.22 0.38 -5.51
CA ALA A 102 -7.81 -0.95 -5.93
C ALA A 102 -8.55 -1.34 -7.20
N ASN A 103 -8.47 -2.63 -7.53
CA ASN A 103 -9.13 -3.14 -8.72
C ASN A 103 -10.42 -3.85 -8.32
N ASP A 104 -10.29 -4.73 -7.35
CA ASP A 104 -11.44 -5.48 -6.86
C ASP A 104 -11.59 -5.27 -5.35
N GLN A 105 -12.19 -6.25 -4.71
CA GLN A 105 -12.41 -6.18 -3.27
C GLN A 105 -11.31 -6.95 -2.53
N LYS A 106 -10.71 -7.88 -3.25
CA LYS A 106 -9.64 -8.69 -2.68
C LYS A 106 -8.37 -7.85 -2.56
N ASP A 107 -7.87 -7.44 -3.71
CA ASP A 107 -6.66 -6.63 -3.75
C ASP A 107 -6.79 -5.48 -2.76
N LEU A 108 -8.00 -4.96 -2.65
CA LEU A 108 -8.27 -3.86 -1.74
C LEU A 108 -7.91 -4.28 -0.32
N LYS A 109 -8.67 -5.22 0.20
CA LYS A 109 -8.44 -5.73 1.55
C LYS A 109 -6.97 -6.15 1.68
N ASP A 110 -6.58 -7.08 0.83
CA ASP A 110 -5.22 -7.57 0.84
C ASP A 110 -4.25 -6.40 1.03
N TRP A 111 -4.33 -5.45 0.11
CA TRP A 111 -3.47 -4.28 0.17
C TRP A 111 -3.50 -3.74 1.59
N VAL A 112 -4.69 -3.32 2.00
CA VAL A 112 -4.87 -2.78 3.34
C VAL A 112 -4.18 -3.69 4.35
N GLU A 113 -4.68 -4.90 4.45
CA GLU A 113 -4.13 -5.89 5.38
C GLU A 113 -2.59 -5.87 5.29
N ALA A 114 -2.10 -5.97 4.07
CA ALA A 114 -0.67 -5.98 3.83
C ALA A 114 -0.06 -4.69 4.39
N LEU A 115 -0.69 -3.57 4.01
CA LEU A 115 -0.21 -2.27 4.46
C LEU A 115 -0.45 -2.14 5.96
N ASN A 116 -1.23 -3.08 6.49
CA ASN A 116 -1.54 -3.07 7.91
C ASN A 116 -0.54 -3.98 8.64
N GLN A 117 0.10 -4.85 7.88
CA GLN A 117 1.08 -5.77 8.44
C GLN A 117 2.50 -5.24 8.23
N ALA A 118 2.84 -5.05 6.96
CA ALA A 118 4.16 -4.55 6.62
C ALA A 118 4.48 -3.33 7.49
N SER A 119 3.44 -2.59 7.81
CA SER A 119 3.60 -1.40 8.64
C SER A 119 3.93 -1.80 10.07
N LYS A 120 3.25 -2.83 10.54
CA LYS A 120 3.46 -3.32 11.88
C LYS A 120 4.68 -4.25 11.91
N SER A 121 5.26 -4.42 10.73
CA SER A 121 6.44 -5.27 10.60
C SER A 121 7.69 -4.41 10.43
N GLY A 122 7.60 -3.19 10.94
CA GLY A 122 8.71 -2.26 10.84
C GLY A 122 9.56 -2.29 12.12
N PRO A 123 10.10 -1.09 12.48
CA PRO A 123 10.92 -0.98 13.67
C PRO A 123 10.06 -1.02 14.94
N SER A 124 9.28 -2.08 15.05
CA SER A 124 8.40 -2.26 16.20
C SER A 124 8.14 -3.74 16.43
N SER A 125 8.70 -4.24 17.52
CA SER A 125 8.53 -5.64 17.87
C SER A 125 8.87 -5.85 19.36
N GLY A 126 8.55 -7.05 19.84
CA GLY A 126 8.82 -7.38 21.23
C GLY A 126 9.73 -8.61 21.32
N GLY A 1 4.89 -10.43 26.39
CA GLY A 1 4.75 -9.52 27.52
C GLY A 1 3.47 -9.80 28.29
N SER A 2 2.52 -8.89 28.14
CA SER A 2 1.24 -9.03 28.82
C SER A 2 0.11 -9.07 27.80
N SER A 3 0.02 -8.01 27.01
CA SER A 3 -1.00 -7.92 25.98
C SER A 3 -0.51 -8.54 24.68
N GLY A 4 -0.60 -9.85 24.61
CA GLY A 4 -0.15 -10.58 23.43
C GLY A 4 0.92 -11.62 23.79
N SER A 5 0.59 -12.87 23.49
CA SER A 5 1.51 -13.96 23.77
C SER A 5 1.81 -14.74 22.49
N SER A 6 3.09 -15.02 22.29
CA SER A 6 3.50 -15.75 21.10
C SER A 6 4.80 -16.53 21.41
N GLY A 7 5.79 -15.79 21.90
CA GLY A 7 7.06 -16.40 22.23
C GLY A 7 7.79 -16.88 20.97
N MET A 8 8.18 -15.92 20.15
CA MET A 8 8.88 -16.22 18.92
C MET A 8 8.09 -17.23 18.08
N PRO A 9 7.17 -16.68 17.23
CA PRO A 9 6.35 -17.52 16.38
C PRO A 9 7.17 -18.06 15.20
N TYR A 10 6.51 -18.87 14.39
CA TYR A 10 7.16 -19.46 13.23
C TYR A 10 6.30 -19.28 11.97
N VAL A 11 5.72 -18.09 11.85
CA VAL A 11 4.88 -17.77 10.71
C VAL A 11 4.46 -16.31 10.79
N ASP A 12 4.22 -15.73 9.62
CA ASP A 12 3.81 -14.35 9.53
C ASP A 12 3.77 -13.92 8.06
N ARG A 13 3.27 -12.71 7.85
CA ARG A 13 3.17 -12.17 6.51
C ARG A 13 4.51 -11.59 6.06
N GLN A 14 5.48 -12.49 5.91
CA GLN A 14 6.82 -12.10 5.50
C GLN A 14 6.94 -12.18 3.98
N ASN A 15 5.83 -11.88 3.31
CA ASN A 15 5.80 -11.92 1.86
C ASN A 15 5.81 -10.48 1.32
N ARG A 16 5.12 -10.30 0.21
CA ARG A 16 5.04 -8.98 -0.41
C ARG A 16 3.91 -8.95 -1.44
N ILE A 17 2.95 -8.06 -1.20
CA ILE A 17 1.82 -7.92 -2.09
C ILE A 17 2.21 -7.03 -3.27
N CYS A 18 1.48 -7.19 -4.37
CA CYS A 18 1.75 -6.42 -5.56
C CYS A 18 0.41 -6.12 -6.24
N GLY A 19 0.39 -5.02 -6.99
CA GLY A 19 -0.82 -4.61 -7.69
C GLY A 19 -0.79 -3.11 -7.99
N PHE A 20 -1.68 -2.71 -8.88
CA PHE A 20 -1.77 -1.31 -9.27
C PHE A 20 -2.81 -0.57 -8.42
N LEU A 21 -2.42 0.59 -7.93
CA LEU A 21 -3.30 1.40 -7.10
C LEU A 21 -3.41 2.81 -7.71
N ASP A 22 -4.60 3.37 -7.58
CA ASP A 22 -4.85 4.71 -8.11
C ASP A 22 -4.69 5.73 -6.98
N ILE A 23 -3.49 6.27 -6.88
CA ILE A 23 -3.20 7.25 -5.85
C ILE A 23 -3.56 8.64 -6.36
N GLU A 24 -4.31 9.37 -5.54
CA GLU A 24 -4.73 10.70 -5.90
C GLU A 24 -3.53 11.65 -5.96
N ASP A 25 -3.29 12.20 -7.14
CA ASP A 25 -2.19 13.11 -7.35
C ASP A 25 -2.53 14.47 -6.72
N ASN A 26 -1.51 15.10 -6.16
CA ASN A 26 -1.68 16.39 -5.53
C ASN A 26 -1.71 17.48 -6.61
N GLU A 27 -1.30 17.09 -7.81
CA GLU A 27 -1.27 18.01 -8.93
C GLU A 27 -2.68 18.26 -9.45
N ASN A 28 -3.61 17.45 -8.97
CA ASN A 28 -5.00 17.56 -9.38
C ASN A 28 -5.88 16.72 -8.45
N SER A 29 -6.51 17.41 -7.50
CA SER A 29 -7.37 16.75 -6.54
C SER A 29 -8.62 16.21 -7.25
N GLY A 30 -8.41 15.18 -8.06
CA GLY A 30 -9.50 14.58 -8.79
C GLY A 30 -9.01 13.40 -9.63
N LYS A 31 -7.84 13.59 -10.23
CA LYS A 31 -7.24 12.55 -11.06
C LYS A 31 -6.21 11.78 -10.25
N PHE A 32 -6.03 10.51 -10.62
CA PHE A 32 -5.09 9.66 -9.93
C PHE A 32 -4.02 9.13 -10.89
N LEU A 33 -2.80 9.04 -10.40
CA LEU A 33 -1.69 8.56 -11.19
C LEU A 33 -1.65 7.04 -11.13
N ARG A 34 -2.20 6.42 -12.17
CA ARG A 34 -2.23 4.97 -12.25
C ARG A 34 -0.81 4.40 -12.31
N ARG A 35 -0.42 3.72 -11.24
CA ARG A 35 0.90 3.14 -11.16
C ARG A 35 0.83 1.75 -10.52
N TYR A 36 1.93 1.02 -10.63
CA TYR A 36 2.01 -0.31 -10.07
C TYR A 36 2.66 -0.29 -8.68
N PHE A 37 1.81 -0.31 -7.66
CA PHE A 37 2.29 -0.28 -6.29
C PHE A 37 2.74 -1.68 -5.84
N ILE A 38 3.82 -1.70 -5.08
CA ILE A 38 4.37 -2.96 -4.59
C ILE A 38 4.80 -2.78 -3.13
N LEU A 39 4.23 -3.62 -2.27
CA LEU A 39 4.54 -3.56 -0.85
C LEU A 39 5.82 -4.37 -0.59
N ASP A 40 6.92 -3.63 -0.43
CA ASP A 40 8.20 -4.27 -0.17
C ASP A 40 8.51 -4.20 1.33
N THR A 41 8.60 -5.36 1.94
CA THR A 41 8.89 -5.45 3.36
C THR A 41 10.39 -5.34 3.60
N GLN A 42 11.15 -5.81 2.63
CA GLN A 42 12.60 -5.78 2.73
C GLN A 42 13.10 -4.32 2.75
N ALA A 43 12.51 -3.52 1.87
CA ALA A 43 12.88 -2.12 1.77
C ALA A 43 12.22 -1.35 2.91
N ASN A 44 11.04 -1.79 3.29
CA ASN A 44 10.29 -1.15 4.35
C ASN A 44 9.70 0.17 3.85
N CYS A 45 9.43 0.19 2.55
CA CYS A 45 8.87 1.38 1.94
C CYS A 45 8.01 0.94 0.75
N LEU A 46 7.01 1.75 0.45
CA LEU A 46 6.10 1.47 -0.64
C LEU A 46 6.60 2.17 -1.91
N LEU A 47 6.75 1.38 -2.96
CA LEU A 47 7.22 1.91 -4.23
C LEU A 47 6.21 1.56 -5.33
N TRP A 48 5.86 2.56 -6.12
CA TRP A 48 4.91 2.38 -7.19
C TRP A 48 5.58 2.80 -8.50
N TYR A 49 5.59 1.89 -9.45
CA TYR A 49 6.20 2.16 -10.75
C TYR A 49 5.15 2.17 -11.86
N MET A 50 5.33 3.09 -12.80
CA MET A 50 4.41 3.21 -13.91
C MET A 50 3.93 1.84 -14.39
N ASP A 51 4.87 0.90 -14.41
CA ASP A 51 4.56 -0.45 -14.83
C ASP A 51 5.44 -1.44 -14.06
N ASN A 52 5.13 -2.72 -14.24
CA ASN A 52 5.88 -3.77 -13.57
C ASN A 52 7.37 -3.50 -13.72
N PRO A 53 8.13 -3.80 -12.63
CA PRO A 53 9.57 -3.59 -12.63
C PRO A 53 10.27 -4.67 -13.45
N GLN A 54 9.63 -5.82 -13.54
CA GLN A 54 10.18 -6.93 -14.30
C GLN A 54 10.16 -6.62 -15.80
N ASN A 55 9.44 -5.56 -16.15
CA ASN A 55 9.33 -5.14 -17.53
C ASN A 55 10.17 -3.90 -17.75
N LEU A 56 10.37 -3.16 -16.67
CA LEU A 56 11.16 -1.93 -16.73
C LEU A 56 12.61 -2.27 -17.05
N ALA A 57 13.46 -1.26 -16.96
CA ALA A 57 14.88 -1.44 -17.24
C ALA A 57 15.63 -1.58 -15.91
N VAL A 58 16.93 -1.80 -16.03
CA VAL A 58 17.78 -1.95 -14.86
C VAL A 58 18.04 -0.58 -14.24
N GLY A 59 18.25 0.39 -15.12
CA GLY A 59 18.51 1.75 -14.67
C GLY A 59 17.22 2.54 -14.51
N ALA A 60 16.15 1.82 -14.21
CA ALA A 60 14.84 2.43 -14.03
C ALA A 60 14.67 2.83 -12.56
N GLY A 61 13.50 3.34 -12.26
CA GLY A 61 13.19 3.77 -10.90
C GLY A 61 11.69 3.69 -10.62
N ALA A 62 11.28 4.37 -9.57
CA ALA A 62 9.87 4.38 -9.19
C ALA A 62 9.31 5.79 -9.38
N VAL A 63 8.02 5.85 -9.67
CA VAL A 63 7.35 7.12 -9.88
C VAL A 63 7.24 7.85 -8.54
N GLY A 64 7.13 7.06 -7.48
CA GLY A 64 7.01 7.62 -6.14
C GLY A 64 7.34 6.59 -5.08
N SER A 65 7.80 7.07 -3.94
CA SER A 65 8.16 6.19 -2.83
C SER A 65 7.46 6.65 -1.56
N LEU A 66 7.09 5.67 -0.75
CA LEU A 66 6.40 5.95 0.51
C LEU A 66 7.10 5.18 1.64
N GLN A 67 7.41 5.91 2.70
CA GLN A 67 8.07 5.32 3.84
C GLN A 67 7.03 4.67 4.77
N LEU A 68 7.39 3.50 5.29
CA LEU A 68 6.51 2.78 6.18
C LEU A 68 6.52 3.45 7.56
N THR A 69 7.71 3.87 7.97
CA THR A 69 7.87 4.53 9.25
C THR A 69 6.77 5.59 9.44
N TYR A 70 6.30 6.12 8.33
CA TYR A 70 5.26 7.13 8.36
C TYR A 70 3.90 6.51 8.66
N ILE A 71 3.48 5.61 7.76
CA ILE A 71 2.20 4.94 7.91
C ILE A 71 2.08 4.39 9.34
N SER A 72 0.93 4.64 9.94
CA SER A 72 0.68 4.19 11.29
C SER A 72 -0.50 3.21 11.30
N LYS A 73 -1.52 3.56 10.53
CA LYS A 73 -2.72 2.73 10.45
C LYS A 73 -3.27 2.81 9.02
N VAL A 74 -3.87 1.69 8.60
CA VAL A 74 -4.46 1.62 7.27
C VAL A 74 -5.91 1.16 7.38
N SER A 75 -6.81 2.14 7.34
CA SER A 75 -8.23 1.84 7.43
C SER A 75 -8.92 2.19 6.12
N ILE A 76 -10.08 1.58 5.91
CA ILE A 76 -10.85 1.81 4.70
C ILE A 76 -11.46 3.22 4.76
N ALA A 77 -11.43 3.88 3.62
CA ALA A 77 -11.97 5.23 3.53
C ALA A 77 -13.48 5.19 3.84
N THR A 78 -13.88 6.08 4.72
CA THR A 78 -15.28 6.16 5.12
C THR A 78 -16.10 6.86 4.02
N PRO A 79 -17.43 6.59 4.06
CA PRO A 79 -18.34 7.18 3.09
C PRO A 79 -18.59 8.66 3.40
N LYS A 80 -17.53 9.44 3.25
CA LYS A 80 -17.62 10.87 3.51
C LYS A 80 -16.31 11.54 3.10
N GLN A 81 -15.21 10.85 3.38
CA GLN A 81 -13.90 11.37 3.04
C GLN A 81 -13.71 11.42 1.53
N LYS A 82 -13.85 10.25 0.92
CA LYS A 82 -13.70 10.15 -0.53
C LYS A 82 -14.59 9.01 -1.05
N PRO A 83 -15.93 9.29 -1.07
CA PRO A 83 -16.89 8.31 -1.53
C PRO A 83 -16.86 8.20 -3.06
N LYS A 84 -17.60 7.22 -3.56
CA LYS A 84 -17.66 6.99 -4.99
C LYS A 84 -16.43 6.21 -5.45
N THR A 85 -15.90 5.42 -4.51
CA THR A 85 -14.72 4.62 -4.79
C THR A 85 -14.91 3.19 -4.29
N PRO A 86 -15.05 2.25 -5.26
CA PRO A 86 -15.24 0.85 -4.92
C PRO A 86 -13.93 0.22 -4.44
N PHE A 87 -13.88 -0.05 -3.15
CA PHE A 87 -12.69 -0.64 -2.55
C PHE A 87 -11.55 0.36 -2.48
N CYS A 88 -11.71 1.34 -1.62
CA CYS A 88 -10.70 2.38 -1.44
C CYS A 88 -10.27 2.39 0.03
N PHE A 89 -8.97 2.48 0.23
CA PHE A 89 -8.42 2.50 1.58
C PHE A 89 -7.60 3.77 1.80
N VAL A 90 -7.61 4.22 3.06
CA VAL A 90 -6.87 5.42 3.42
C VAL A 90 -5.68 5.03 4.30
N ILE A 91 -4.50 5.42 3.85
CA ILE A 91 -3.28 5.12 4.58
C ILE A 91 -3.04 6.22 5.63
N ASN A 92 -3.29 5.86 6.88
CA ASN A 92 -3.10 6.80 7.98
C ASN A 92 -1.62 6.81 8.39
N ALA A 93 -1.05 8.00 8.33
CA ALA A 93 0.36 8.16 8.69
C ALA A 93 0.49 9.28 9.72
N LEU A 94 1.57 10.03 9.59
CA LEU A 94 1.82 11.14 10.51
C LEU A 94 0.51 11.86 10.81
N SER A 95 0.07 12.66 9.86
CA SER A 95 -1.17 13.40 10.01
C SER A 95 -1.81 13.64 8.65
N GLN A 96 -1.74 12.62 7.81
CA GLN A 96 -2.30 12.70 6.47
C GLN A 96 -2.99 11.39 6.09
N ARG A 97 -3.89 11.48 5.12
CA ARG A 97 -4.62 10.31 4.67
C ARG A 97 -4.55 10.20 3.14
N TYR A 98 -3.84 9.18 2.70
CA TYR A 98 -3.69 8.95 1.27
C TYR A 98 -4.84 8.11 0.71
N PHE A 99 -5.47 8.63 -0.33
CA PHE A 99 -6.58 7.94 -0.95
C PHE A 99 -6.12 7.12 -2.16
N LEU A 100 -6.07 5.81 -1.97
CA LEU A 100 -5.65 4.91 -3.03
C LEU A 100 -6.81 3.99 -3.40
N GLN A 101 -6.85 3.64 -4.69
CA GLN A 101 -7.90 2.77 -5.19
C GLN A 101 -7.31 1.44 -5.66
N ALA A 102 -8.13 0.40 -5.57
CA ALA A 102 -7.69 -0.92 -5.98
C ALA A 102 -8.47 -1.34 -7.24
N ASN A 103 -8.31 -2.60 -7.61
CA ASN A 103 -8.97 -3.13 -8.79
C ASN A 103 -10.26 -3.84 -8.35
N ASP A 104 -10.09 -4.77 -7.43
CA ASP A 104 -11.22 -5.54 -6.92
C ASP A 104 -11.31 -5.36 -5.40
N GLN A 105 -12.25 -6.08 -4.81
CA GLN A 105 -12.45 -6.01 -3.37
C GLN A 105 -11.36 -6.80 -2.64
N LYS A 106 -10.77 -7.74 -3.37
CA LYS A 106 -9.72 -8.56 -2.81
C LYS A 106 -8.43 -7.74 -2.69
N ASP A 107 -7.91 -7.35 -3.84
CA ASP A 107 -6.69 -6.56 -3.88
C ASP A 107 -6.79 -5.43 -2.85
N LEU A 108 -7.97 -4.86 -2.77
CA LEU A 108 -8.22 -3.77 -1.83
C LEU A 108 -7.90 -4.25 -0.41
N LYS A 109 -8.76 -5.12 0.10
CA LYS A 109 -8.59 -5.65 1.43
C LYS A 109 -7.14 -6.11 1.61
N ASP A 110 -6.74 -7.06 0.77
CA ASP A 110 -5.40 -7.59 0.81
C ASP A 110 -4.41 -6.44 1.05
N TRP A 111 -4.43 -5.49 0.14
CA TRP A 111 -3.54 -4.34 0.24
C TRP A 111 -3.65 -3.79 1.66
N VAL A 112 -4.85 -3.36 2.01
CA VAL A 112 -5.09 -2.81 3.34
C VAL A 112 -4.44 -3.71 4.39
N GLU A 113 -4.60 -5.01 4.19
CA GLU A 113 -4.04 -5.98 5.10
C GLU A 113 -2.52 -5.95 5.03
N ALA A 114 -2.00 -6.03 3.81
CA ALA A 114 -0.56 -6.01 3.60
C ALA A 114 0.02 -4.73 4.20
N LEU A 115 -0.69 -3.64 4.00
CA LEU A 115 -0.26 -2.35 4.51
C LEU A 115 -0.46 -2.32 6.02
N ASN A 116 -1.26 -3.25 6.51
CA ASN A 116 -1.54 -3.34 7.92
C ASN A 116 -0.50 -4.26 8.59
N GLN A 117 0.17 -5.04 7.76
CA GLN A 117 1.18 -5.96 8.24
C GLN A 117 2.57 -5.35 8.08
N ALA A 118 2.89 -4.96 6.85
CA ALA A 118 4.18 -4.37 6.56
C ALA A 118 4.48 -3.29 7.61
N SER A 119 3.44 -2.60 8.03
CA SER A 119 3.59 -1.55 9.01
C SER A 119 3.87 -2.17 10.39
N LYS A 120 3.18 -3.27 10.66
CA LYS A 120 3.35 -3.96 11.93
C LYS A 120 4.51 -4.95 11.81
N SER A 121 5.26 -4.82 10.73
CA SER A 121 6.39 -5.70 10.48
C SER A 121 7.13 -5.96 11.80
N GLY A 122 7.17 -4.95 12.65
CA GLY A 122 7.83 -5.07 13.92
C GLY A 122 7.17 -6.14 14.79
N PRO A 123 7.98 -6.70 15.74
CA PRO A 123 7.49 -7.72 16.64
C PRO A 123 6.58 -7.12 17.72
N SER A 124 5.95 -8.01 18.46
CA SER A 124 5.05 -7.58 19.53
C SER A 124 5.71 -6.49 20.36
N SER A 125 6.89 -6.79 20.85
CA SER A 125 7.64 -5.84 21.66
C SER A 125 6.81 -5.44 22.89
N GLY A 126 7.52 -4.97 23.90
CA GLY A 126 6.87 -4.56 25.13
C GLY A 126 5.93 -3.37 24.88
N GLY A 1 8.28 -34.90 15.90
CA GLY A 1 8.60 -33.52 16.23
C GLY A 1 10.05 -33.19 15.87
N SER A 2 10.21 -32.07 15.18
CA SER A 2 11.53 -31.64 14.76
C SER A 2 11.90 -30.33 15.47
N SER A 3 13.17 -30.20 15.78
CA SER A 3 13.67 -29.01 16.45
C SER A 3 12.99 -28.86 17.81
N GLY A 4 13.57 -28.00 18.64
CA GLY A 4 13.03 -27.76 19.97
C GLY A 4 13.47 -26.39 20.49
N SER A 5 12.74 -25.37 20.05
CA SER A 5 13.05 -24.00 20.46
C SER A 5 11.89 -23.08 20.09
N SER A 6 10.87 -23.07 20.94
CA SER A 6 9.71 -22.24 20.71
C SER A 6 9.04 -22.64 19.39
N GLY A 7 7.73 -22.44 19.35
CA GLY A 7 6.95 -22.76 18.17
C GLY A 7 7.50 -22.04 16.94
N MET A 8 7.14 -20.78 16.82
CA MET A 8 7.60 -19.97 15.69
C MET A 8 7.21 -18.50 15.88
N PRO A 9 7.83 -17.88 16.93
CA PRO A 9 7.56 -16.49 17.23
C PRO A 9 8.26 -15.56 16.23
N TYR A 10 7.82 -14.32 16.21
CA TYR A 10 8.39 -13.33 15.30
C TYR A 10 8.33 -13.82 13.86
N VAL A 11 8.57 -12.90 12.94
CA VAL A 11 8.56 -13.22 11.53
C VAL A 11 7.13 -13.59 11.11
N ASP A 12 6.71 -13.05 9.98
CA ASP A 12 5.38 -13.32 9.47
C ASP A 12 5.43 -13.39 7.94
N ARG A 13 4.40 -14.00 7.37
CA ARG A 13 4.32 -14.13 5.93
C ARG A 13 3.60 -12.92 5.33
N GLN A 14 4.17 -11.75 5.59
CA GLN A 14 3.60 -10.52 5.07
C GLN A 14 3.26 -10.67 3.59
N ASN A 15 4.07 -11.46 2.90
CA ASN A 15 3.87 -11.69 1.48
C ASN A 15 3.97 -10.36 0.73
N ARG A 16 4.91 -10.33 -0.21
CA ARG A 16 5.12 -9.12 -1.00
C ARG A 16 3.94 -8.90 -1.95
N ILE A 17 3.09 -7.95 -1.58
CA ILE A 17 1.93 -7.64 -2.39
C ILE A 17 2.34 -6.69 -3.52
N CYS A 18 1.68 -6.85 -4.65
CA CYS A 18 1.97 -6.03 -5.82
C CYS A 18 0.69 -5.92 -6.65
N GLY A 19 0.57 -4.79 -7.33
CA GLY A 19 -0.58 -4.54 -8.17
C GLY A 19 -0.69 -3.06 -8.55
N PHE A 20 -1.72 -2.75 -9.32
CA PHE A 20 -1.95 -1.38 -9.76
C PHE A 20 -2.97 -0.68 -8.86
N LEU A 21 -2.57 0.47 -8.36
CA LEU A 21 -3.44 1.24 -7.48
C LEU A 21 -3.47 2.70 -7.96
N ASP A 22 -4.66 3.28 -7.93
CA ASP A 22 -4.84 4.66 -8.35
C ASP A 22 -4.76 5.57 -7.13
N ILE A 23 -3.55 6.07 -6.88
CA ILE A 23 -3.33 6.96 -5.75
C ILE A 23 -3.65 8.39 -6.17
N GLU A 24 -4.45 9.05 -5.36
CA GLU A 24 -4.84 10.43 -5.63
C GLU A 24 -3.62 11.36 -5.47
N ASP A 25 -3.34 12.10 -6.53
CA ASP A 25 -2.22 13.03 -6.53
C ASP A 25 -2.72 14.41 -6.12
N ASN A 26 -1.96 15.04 -5.24
CA ASN A 26 -2.30 16.36 -4.76
C ASN A 26 -2.31 17.34 -5.94
N GLU A 27 -1.72 16.90 -7.03
CA GLU A 27 -1.66 17.72 -8.24
C GLU A 27 -3.07 18.02 -8.74
N ASN A 28 -3.95 17.05 -8.56
CA ASN A 28 -5.33 17.21 -9.00
C ASN A 28 -6.26 16.51 -8.00
N SER A 29 -6.89 17.33 -7.16
CA SER A 29 -7.80 16.81 -6.16
C SER A 29 -9.05 16.24 -6.83
N GLY A 30 -8.86 15.13 -7.53
CA GLY A 30 -9.97 14.49 -8.22
C GLY A 30 -9.47 13.33 -9.09
N LYS A 31 -8.35 13.58 -9.76
CA LYS A 31 -7.77 12.57 -10.63
C LYS A 31 -6.75 11.75 -9.83
N PHE A 32 -6.48 10.56 -10.34
CA PHE A 32 -5.53 9.67 -9.69
C PHE A 32 -4.47 9.18 -10.67
N LEU A 33 -3.23 9.17 -10.20
CA LEU A 33 -2.12 8.74 -11.03
C LEU A 33 -2.01 7.21 -10.96
N ARG A 34 -2.26 6.59 -12.11
CA ARG A 34 -2.20 5.14 -12.19
C ARG A 34 -0.74 4.67 -12.09
N ARG A 35 -0.45 4.02 -10.98
CA ARG A 35 0.89 3.51 -10.74
C ARG A 35 0.83 2.09 -10.18
N TYR A 36 1.92 1.35 -10.39
CA TYR A 36 2.00 -0.01 -9.91
C TYR A 36 2.69 -0.08 -8.55
N PHE A 37 1.88 -0.09 -7.50
CA PHE A 37 2.40 -0.15 -6.15
C PHE A 37 2.93 -1.55 -5.83
N ILE A 38 3.97 -1.57 -4.99
CA ILE A 38 4.57 -2.83 -4.60
C ILE A 38 4.97 -2.77 -3.13
N LEU A 39 4.20 -3.47 -2.30
CA LEU A 39 4.47 -3.49 -0.88
C LEU A 39 5.70 -4.36 -0.60
N ASP A 40 6.84 -3.69 -0.49
CA ASP A 40 8.09 -4.39 -0.22
C ASP A 40 8.34 -4.43 1.28
N THR A 41 8.30 -5.64 1.82
CA THR A 41 8.51 -5.83 3.25
C THR A 41 10.01 -5.78 3.57
N GLN A 42 10.81 -5.96 2.53
CA GLN A 42 12.26 -5.94 2.68
C GLN A 42 12.77 -4.49 2.73
N ALA A 43 12.29 -3.70 1.78
CA ALA A 43 12.68 -2.31 1.70
C ALA A 43 12.01 -1.53 2.84
N ASN A 44 10.94 -2.10 3.36
CA ASN A 44 10.21 -1.48 4.45
C ASN A 44 9.68 -0.12 3.99
N CYS A 45 9.41 -0.04 2.69
CA CYS A 45 8.90 1.19 2.11
C CYS A 45 8.01 0.83 0.92
N LEU A 46 7.06 1.71 0.64
CA LEU A 46 6.13 1.49 -0.46
C LEU A 46 6.67 2.19 -1.71
N LEU A 47 6.78 1.42 -2.78
CA LEU A 47 7.26 1.94 -4.04
C LEU A 47 6.27 1.60 -5.16
N TRP A 48 5.95 2.61 -5.95
CA TRP A 48 5.02 2.44 -7.05
C TRP A 48 5.71 2.90 -8.33
N TYR A 49 5.69 2.03 -9.33
CA TYR A 49 6.31 2.33 -10.61
C TYR A 49 5.25 2.49 -11.70
N MET A 50 5.45 3.50 -12.54
CA MET A 50 4.52 3.76 -13.62
C MET A 50 4.00 2.46 -14.23
N ASP A 51 4.85 1.45 -14.19
CA ASP A 51 4.49 0.15 -14.73
C ASP A 51 5.30 -0.94 -14.01
N ASN A 52 4.82 -2.17 -14.15
CA ASN A 52 5.48 -3.30 -13.53
C ASN A 52 7.00 -3.15 -13.68
N PRO A 53 7.73 -3.65 -12.65
CA PRO A 53 9.18 -3.59 -12.66
C PRO A 53 9.77 -4.60 -13.64
N GLN A 54 8.95 -5.58 -14.01
CA GLN A 54 9.38 -6.61 -14.92
C GLN A 54 9.67 -6.02 -16.30
N ASN A 55 9.05 -4.87 -16.55
CA ASN A 55 9.23 -4.19 -17.82
C ASN A 55 10.28 -3.10 -17.67
N LEU A 56 10.36 -2.56 -16.45
CA LEU A 56 11.32 -1.52 -16.15
C LEU A 56 12.73 -2.11 -16.14
N ALA A 57 13.68 -1.31 -15.66
CA ALA A 57 15.06 -1.74 -15.58
C ALA A 57 15.33 -2.36 -14.21
N VAL A 58 16.53 -2.89 -14.06
CA VAL A 58 16.92 -3.51 -12.81
C VAL A 58 17.23 -2.42 -11.78
N GLY A 59 18.09 -1.49 -12.18
CA GLY A 59 18.47 -0.40 -11.30
C GLY A 59 17.42 0.72 -11.33
N ALA A 60 16.32 0.44 -12.01
CA ALA A 60 15.24 1.40 -12.13
C ALA A 60 14.91 1.96 -10.74
N GLY A 61 14.45 3.20 -10.74
CA GLY A 61 14.10 3.86 -9.49
C GLY A 61 12.62 3.66 -9.16
N ALA A 62 11.98 4.74 -8.75
CA ALA A 62 10.57 4.71 -8.41
C ALA A 62 9.95 6.09 -8.62
N VAL A 63 8.80 6.09 -9.26
CA VAL A 63 8.09 7.34 -9.54
C VAL A 63 7.60 7.93 -8.22
N GLY A 64 7.64 7.12 -7.17
CA GLY A 64 7.21 7.55 -5.86
C GLY A 64 7.50 6.48 -4.81
N SER A 65 7.80 6.96 -3.60
CA SER A 65 8.10 6.07 -2.50
C SER A 65 7.35 6.51 -1.24
N LEU A 66 7.06 5.54 -0.40
CA LEU A 66 6.35 5.82 0.84
C LEU A 66 6.86 4.88 1.93
N GLN A 67 7.80 5.38 2.72
CA GLN A 67 8.38 4.59 3.80
C GLN A 67 7.28 4.17 4.79
N LEU A 68 7.31 2.90 5.14
CA LEU A 68 6.33 2.36 6.07
C LEU A 68 6.49 3.06 7.43
N THR A 69 7.71 3.54 7.66
CA THR A 69 8.00 4.24 8.91
C THR A 69 6.98 5.34 9.16
N TYR A 70 6.35 5.78 8.09
CA TYR A 70 5.35 6.83 8.17
C TYR A 70 3.97 6.26 8.50
N ILE A 71 3.49 5.42 7.59
CA ILE A 71 2.19 4.79 7.77
C ILE A 71 2.03 4.36 9.22
N SER A 72 0.93 4.79 9.81
CA SER A 72 0.64 4.46 11.20
C SER A 72 -0.58 3.54 11.28
N LYS A 73 -1.45 3.69 10.30
CA LYS A 73 -2.66 2.89 10.25
C LYS A 73 -3.24 2.95 8.83
N VAL A 74 -3.90 1.86 8.46
CA VAL A 74 -4.50 1.76 7.14
C VAL A 74 -5.94 1.25 7.27
N SER A 75 -6.88 2.18 7.26
CA SER A 75 -8.28 1.83 7.37
C SER A 75 -9.01 2.16 6.06
N ILE A 76 -10.19 1.56 5.92
CA ILE A 76 -10.99 1.78 4.73
C ILE A 76 -11.52 3.21 4.73
N ALA A 77 -11.43 3.85 3.57
CA ALA A 77 -11.89 5.22 3.43
C ALA A 77 -13.42 5.24 3.50
N THR A 78 -13.94 6.26 4.17
CA THR A 78 -15.37 6.41 4.32
C THR A 78 -15.91 7.46 3.34
N PRO A 79 -17.26 7.55 3.28
CA PRO A 79 -17.90 8.51 2.39
C PRO A 79 -17.80 9.93 2.96
N LYS A 80 -17.23 10.02 4.15
CA LYS A 80 -17.07 11.30 4.81
C LYS A 80 -15.73 11.91 4.42
N GLN A 81 -14.91 11.09 3.77
CA GLN A 81 -13.60 11.52 3.33
C GLN A 81 -13.50 11.47 1.80
N LYS A 82 -13.69 10.27 1.28
CA LYS A 82 -13.62 10.08 -0.17
C LYS A 82 -14.70 9.06 -0.58
N PRO A 83 -15.94 9.59 -0.76
CA PRO A 83 -17.06 8.74 -1.15
C PRO A 83 -16.96 8.37 -2.63
N LYS A 84 -17.99 7.68 -3.10
CA LYS A 84 -18.04 7.25 -4.49
C LYS A 84 -16.93 6.23 -4.75
N THR A 85 -16.46 5.63 -3.66
CA THR A 85 -15.41 4.64 -3.76
C THR A 85 -15.74 3.42 -2.89
N PRO A 86 -15.94 2.26 -3.57
CA PRO A 86 -16.27 1.02 -2.87
C PRO A 86 -15.03 0.45 -2.18
N PHE A 87 -14.19 -0.20 -2.98
CA PHE A 87 -12.97 -0.79 -2.47
C PHE A 87 -11.83 0.22 -2.46
N CYS A 88 -11.89 1.14 -1.51
CA CYS A 88 -10.88 2.16 -1.39
C CYS A 88 -10.44 2.23 0.08
N PHE A 89 -9.14 2.33 0.27
CA PHE A 89 -8.57 2.41 1.62
C PHE A 89 -7.68 3.64 1.77
N VAL A 90 -7.70 4.20 2.97
CA VAL A 90 -6.90 5.37 3.26
C VAL A 90 -5.69 4.97 4.11
N ILE A 91 -4.53 5.42 3.67
CA ILE A 91 -3.30 5.10 4.37
C ILE A 91 -2.99 6.22 5.37
N ASN A 92 -3.22 5.92 6.64
CA ASN A 92 -2.97 6.89 7.69
C ASN A 92 -1.49 6.87 8.07
N ALA A 93 -0.86 8.02 7.91
CA ALA A 93 0.56 8.15 8.22
C ALA A 93 0.74 9.23 9.29
N LEU A 94 1.88 9.89 9.22
CA LEU A 94 2.20 10.95 10.17
C LEU A 94 0.94 11.78 10.42
N SER A 95 0.52 12.49 9.39
CA SER A 95 -0.66 13.32 9.50
C SER A 95 -1.25 13.58 8.10
N GLN A 96 -1.19 12.55 7.28
CA GLN A 96 -1.71 12.65 5.93
C GLN A 96 -2.58 11.42 5.60
N ARG A 97 -3.44 11.59 4.61
CA ARG A 97 -4.33 10.52 4.20
C ARG A 97 -4.24 10.31 2.68
N TYR A 98 -3.63 9.20 2.31
CA TYR A 98 -3.46 8.86 0.91
C TYR A 98 -4.61 7.99 0.41
N PHE A 99 -5.29 8.47 -0.61
CA PHE A 99 -6.41 7.75 -1.19
C PHE A 99 -5.96 6.91 -2.38
N LEU A 100 -6.21 5.60 -2.27
CA LEU A 100 -5.83 4.68 -3.32
C LEU A 100 -7.07 3.88 -3.75
N GLN A 101 -7.01 3.39 -4.99
CA GLN A 101 -8.11 2.63 -5.53
C GLN A 101 -7.62 1.24 -5.97
N ALA A 102 -8.36 0.23 -5.53
CA ALA A 102 -8.01 -1.15 -5.86
C ALA A 102 -8.76 -1.57 -7.14
N ASN A 103 -8.64 -2.84 -7.46
CA ASN A 103 -9.29 -3.38 -8.64
C ASN A 103 -10.61 -4.03 -8.23
N ASP A 104 -10.54 -4.87 -7.21
CA ASP A 104 -11.71 -5.56 -6.72
C ASP A 104 -11.86 -5.30 -5.21
N GLN A 105 -12.50 -6.25 -4.54
CA GLN A 105 -12.71 -6.14 -3.11
C GLN A 105 -11.62 -6.90 -2.36
N LYS A 106 -11.05 -7.89 -3.03
CA LYS A 106 -10.01 -8.71 -2.44
C LYS A 106 -8.71 -7.89 -2.37
N ASP A 107 -8.16 -7.62 -3.54
CA ASP A 107 -6.93 -6.86 -3.63
C ASP A 107 -7.03 -5.63 -2.72
N LEU A 108 -8.26 -5.19 -2.52
CA LEU A 108 -8.50 -4.03 -1.67
C LEU A 108 -8.05 -4.35 -0.24
N LYS A 109 -8.81 -5.21 0.41
CA LYS A 109 -8.50 -5.60 1.77
C LYS A 109 -7.03 -6.04 1.86
N ASP A 110 -6.69 -6.97 0.98
CA ASP A 110 -5.33 -7.49 0.93
C ASP A 110 -4.34 -6.34 1.12
N TRP A 111 -4.42 -5.38 0.21
CA TRP A 111 -3.55 -4.22 0.25
C TRP A 111 -3.61 -3.64 1.67
N VAL A 112 -4.82 -3.37 2.12
CA VAL A 112 -5.03 -2.82 3.45
C VAL A 112 -4.29 -3.68 4.47
N GLU A 113 -4.66 -4.95 4.50
CA GLU A 113 -4.03 -5.89 5.43
C GLU A 113 -2.51 -5.84 5.29
N ALA A 114 -2.05 -5.91 4.04
CA ALA A 114 -0.63 -5.89 3.77
C ALA A 114 -0.05 -4.58 4.30
N LEU A 115 -0.72 -3.49 3.98
CA LEU A 115 -0.28 -2.18 4.42
C LEU A 115 -0.41 -2.09 5.94
N ASN A 116 -1.19 -2.99 6.49
CA ASN A 116 -1.40 -3.02 7.93
C ASN A 116 -0.37 -3.95 8.58
N GLN A 117 0.26 -4.76 7.74
CA GLN A 117 1.27 -5.69 8.21
C GLN A 117 2.66 -5.14 7.94
N ALA A 118 2.90 -4.80 6.68
CA ALA A 118 4.19 -4.26 6.28
C ALA A 118 4.59 -3.14 7.24
N SER A 119 3.60 -2.35 7.61
CA SER A 119 3.83 -1.24 8.52
C SER A 119 4.03 -1.76 9.95
N LYS A 120 3.21 -2.75 10.30
CA LYS A 120 3.29 -3.34 11.62
C LYS A 120 4.50 -4.28 11.69
N SER A 121 5.18 -4.39 10.55
CA SER A 121 6.35 -5.25 10.47
C SER A 121 7.22 -5.06 11.72
N GLY A 122 7.12 -3.88 12.30
CA GLY A 122 7.89 -3.56 13.49
C GLY A 122 7.11 -2.63 14.42
N PRO A 123 7.48 -2.68 15.72
CA PRO A 123 6.82 -1.85 16.72
C PRO A 123 7.27 -0.40 16.62
N SER A 124 6.64 0.45 17.41
CA SER A 124 6.97 1.87 17.42
C SER A 124 7.64 2.24 18.74
N SER A 125 8.96 2.02 18.79
CA SER A 125 9.72 2.32 19.98
C SER A 125 8.97 1.87 21.23
N GLY A 126 9.02 0.56 21.47
CA GLY A 126 8.34 -0.01 22.62
C GLY A 126 8.98 -1.34 23.03
N GLY A 1 12.33 -8.91 10.72
CA GLY A 1 11.65 -9.20 11.97
C GLY A 1 10.53 -8.20 12.23
N SER A 2 10.53 -7.66 13.45
CA SER A 2 9.53 -6.68 13.83
C SER A 2 8.14 -7.31 13.79
N SER A 3 7.54 -7.43 14.97
CA SER A 3 6.21 -8.01 15.07
C SER A 3 5.34 -7.15 15.98
N GLY A 4 4.04 -7.36 15.87
CA GLY A 4 3.09 -6.62 16.69
C GLY A 4 2.46 -7.51 17.75
N SER A 5 1.13 -7.48 17.80
CA SER A 5 0.39 -8.28 18.76
C SER A 5 -0.71 -9.06 18.05
N SER A 6 -1.11 -10.16 18.67
CA SER A 6 -2.17 -11.00 18.12
C SER A 6 -2.38 -12.22 19.01
N GLY A 7 -1.31 -12.97 19.22
CA GLY A 7 -1.38 -14.16 20.05
C GLY A 7 -0.94 -15.40 19.25
N MET A 8 -1.71 -15.70 18.22
CA MET A 8 -1.42 -16.86 17.38
C MET A 8 -2.13 -16.74 16.03
N PRO A 9 -1.70 -15.73 15.24
CA PRO A 9 -2.28 -15.50 13.92
C PRO A 9 -1.79 -16.54 12.92
N TYR A 10 -2.60 -16.76 11.90
CA TYR A 10 -2.25 -17.72 10.87
C TYR A 10 -3.15 -17.55 9.64
N VAL A 11 -2.71 -18.12 8.53
CA VAL A 11 -3.46 -18.04 7.29
C VAL A 11 -3.54 -16.58 6.84
N ASP A 12 -2.37 -15.99 6.66
CA ASP A 12 -2.30 -14.60 6.24
C ASP A 12 -0.83 -14.17 6.17
N ARG A 13 -0.26 -14.30 4.97
CA ARG A 13 1.13 -13.93 4.76
C ARG A 13 1.39 -13.71 3.26
N GLN A 14 0.61 -12.82 2.68
CA GLN A 14 0.76 -12.51 1.27
C GLN A 14 2.23 -12.44 0.88
N ASN A 15 3.04 -11.99 1.83
CA ASN A 15 4.47 -11.87 1.61
C ASN A 15 4.71 -10.99 0.38
N ARG A 16 4.96 -9.71 0.65
CA ARG A 16 5.22 -8.76 -0.42
C ARG A 16 4.07 -8.76 -1.42
N ILE A 17 3.19 -7.77 -1.26
CA ILE A 17 2.04 -7.64 -2.13
C ILE A 17 2.33 -6.58 -3.20
N CYS A 18 1.71 -6.76 -4.35
CA CYS A 18 1.88 -5.82 -5.45
C CYS A 18 0.56 -5.70 -6.20
N GLY A 19 0.45 -4.65 -6.99
CA GLY A 19 -0.75 -4.40 -7.76
C GLY A 19 -0.85 -2.93 -8.17
N PHE A 20 -1.80 -2.66 -9.05
CA PHE A 20 -2.01 -1.29 -9.53
C PHE A 20 -2.99 -0.55 -8.62
N LEU A 21 -2.51 0.58 -8.09
CA LEU A 21 -3.33 1.40 -7.22
C LEU A 21 -3.40 2.82 -7.77
N ASP A 22 -4.61 3.38 -7.74
CA ASP A 22 -4.82 4.72 -8.24
C ASP A 22 -4.71 5.71 -7.07
N ILE A 23 -3.50 6.24 -6.91
CA ILE A 23 -3.24 7.19 -5.85
C ILE A 23 -3.62 8.59 -6.33
N GLU A 24 -4.53 9.22 -5.59
CA GLU A 24 -4.98 10.56 -5.92
C GLU A 24 -3.80 11.53 -5.93
N ASP A 25 -3.72 12.31 -6.99
CA ASP A 25 -2.65 13.29 -7.13
C ASP A 25 -3.24 14.70 -7.06
N ASN A 26 -2.34 15.67 -7.00
CA ASN A 26 -2.76 17.07 -6.93
C ASN A 26 -3.07 17.56 -8.34
N GLU A 27 -3.00 16.65 -9.29
CA GLU A 27 -3.28 16.98 -10.68
C GLU A 27 -4.74 17.39 -10.84
N ASN A 28 -5.05 18.58 -10.36
CA ASN A 28 -6.41 19.09 -10.44
C ASN A 28 -7.24 18.55 -9.27
N SER A 29 -6.52 18.08 -8.25
CA SER A 29 -7.18 17.54 -7.08
C SER A 29 -8.42 16.75 -7.48
N GLY A 30 -8.21 15.48 -7.81
CA GLY A 30 -9.30 14.61 -8.22
C GLY A 30 -8.81 13.53 -9.17
N LYS A 31 -7.87 13.90 -10.02
CA LYS A 31 -7.31 12.98 -10.98
C LYS A 31 -6.29 12.07 -10.29
N PHE A 32 -6.50 10.78 -10.44
CA PHE A 32 -5.61 9.80 -9.84
C PHE A 32 -4.55 9.33 -10.83
N LEU A 33 -3.36 9.03 -10.29
CA LEU A 33 -2.26 8.58 -11.11
C LEU A 33 -2.09 7.07 -10.94
N ARG A 34 -2.55 6.34 -11.95
CA ARG A 34 -2.45 4.88 -11.91
C ARG A 34 -0.99 4.45 -11.93
N ARG A 35 -0.60 3.73 -10.89
CA ARG A 35 0.76 3.24 -10.77
C ARG A 35 0.78 1.87 -10.09
N TYR A 36 1.78 1.08 -10.45
CA TYR A 36 1.93 -0.25 -9.89
C TYR A 36 2.65 -0.19 -8.54
N PHE A 37 1.87 -0.32 -7.48
CA PHE A 37 2.43 -0.30 -6.14
C PHE A 37 3.00 -1.66 -5.75
N ILE A 38 4.09 -1.61 -5.00
CA ILE A 38 4.74 -2.83 -4.56
C ILE A 38 5.06 -2.72 -3.06
N LEU A 39 4.29 -3.45 -2.27
CA LEU A 39 4.49 -3.45 -0.83
C LEU A 39 5.72 -4.29 -0.48
N ASP A 40 6.83 -3.59 -0.29
CA ASP A 40 8.08 -4.25 0.04
C ASP A 40 8.29 -4.16 1.56
N THR A 41 8.29 -5.33 2.18
CA THR A 41 8.49 -5.40 3.62
C THR A 41 9.97 -5.26 3.97
N GLN A 42 10.80 -5.93 3.17
CA GLN A 42 12.23 -5.88 3.38
C GLN A 42 12.73 -4.43 3.34
N ALA A 43 12.20 -3.68 2.40
CA ALA A 43 12.58 -2.28 2.25
C ALA A 43 11.81 -1.44 3.27
N ASN A 44 10.66 -1.95 3.68
CA ASN A 44 9.83 -1.27 4.64
C ASN A 44 9.41 0.09 4.08
N CYS A 45 9.24 0.13 2.77
CA CYS A 45 8.85 1.35 2.09
C CYS A 45 8.01 0.98 0.87
N LEU A 46 6.97 1.77 0.65
CA LEU A 46 6.08 1.53 -0.48
C LEU A 46 6.67 2.19 -1.73
N LEU A 47 6.80 1.39 -2.78
CA LEU A 47 7.35 1.87 -4.03
C LEU A 47 6.38 1.53 -5.17
N TRP A 48 5.93 2.57 -5.86
CA TRP A 48 5.02 2.39 -6.98
C TRP A 48 5.73 2.84 -8.26
N TYR A 49 5.59 2.02 -9.29
CA TYR A 49 6.21 2.31 -10.56
C TYR A 49 5.15 2.63 -11.62
N MET A 50 5.51 3.56 -12.50
CA MET A 50 4.61 3.97 -13.57
C MET A 50 3.86 2.78 -14.14
N ASP A 51 4.60 1.71 -14.39
CA ASP A 51 4.02 0.49 -14.93
C ASP A 51 4.84 -0.70 -14.48
N ASN A 52 4.37 -1.89 -14.86
CA ASN A 52 5.05 -3.12 -14.51
C ASN A 52 6.55 -2.96 -14.76
N PRO A 53 7.35 -3.32 -13.71
CA PRO A 53 8.79 -3.21 -13.81
C PRO A 53 9.37 -4.34 -14.68
N GLN A 54 8.56 -5.37 -14.85
CA GLN A 54 8.97 -6.52 -15.65
C GLN A 54 9.06 -6.13 -17.13
N ASN A 55 8.36 -5.05 -17.47
CA ASN A 55 8.35 -4.57 -18.83
C ASN A 55 9.28 -3.35 -18.95
N LEU A 56 9.47 -2.69 -17.82
CA LEU A 56 10.32 -1.52 -17.78
C LEU A 56 11.76 -1.92 -18.13
N ALA A 57 12.66 -0.97 -17.97
CA ALA A 57 14.07 -1.22 -18.27
C ALA A 57 14.78 -1.67 -16.99
N VAL A 58 15.79 -2.51 -17.18
CA VAL A 58 16.56 -3.02 -16.06
C VAL A 58 16.98 -1.85 -15.16
N GLY A 59 17.34 -0.76 -15.80
CA GLY A 59 17.77 0.42 -15.08
C GLY A 59 16.58 1.33 -14.75
N ALA A 60 15.42 0.69 -14.64
CA ALA A 60 14.19 1.42 -14.32
C ALA A 60 14.19 1.79 -12.84
N GLY A 61 13.10 2.40 -12.42
CA GLY A 61 12.95 2.81 -11.04
C GLY A 61 11.48 3.05 -10.68
N ALA A 62 11.26 3.56 -9.48
CA ALA A 62 9.92 3.84 -9.01
C ALA A 62 9.60 5.32 -9.23
N VAL A 63 8.41 5.56 -9.76
CA VAL A 63 7.97 6.92 -10.03
C VAL A 63 7.61 7.61 -8.71
N GLY A 64 7.58 6.81 -7.65
CA GLY A 64 7.26 7.33 -6.33
C GLY A 64 7.61 6.30 -5.24
N SER A 65 7.68 6.80 -4.01
CA SER A 65 8.00 5.94 -2.88
C SER A 65 7.38 6.51 -1.60
N LEU A 66 7.14 5.62 -0.65
CA LEU A 66 6.55 6.02 0.61
C LEU A 66 7.15 5.17 1.74
N GLN A 67 7.91 5.83 2.59
CA GLN A 67 8.55 5.16 3.71
C GLN A 67 7.50 4.73 4.74
N LEU A 68 7.45 3.43 5.00
CA LEU A 68 6.51 2.90 5.95
C LEU A 68 6.65 3.63 7.28
N THR A 69 7.87 4.06 7.56
CA THR A 69 8.15 4.78 8.78
C THR A 69 7.05 5.79 9.08
N TYR A 70 6.47 6.32 8.00
CA TYR A 70 5.41 7.30 8.13
C TYR A 70 4.07 6.62 8.44
N ILE A 71 3.68 5.73 7.54
CA ILE A 71 2.42 5.01 7.71
C ILE A 71 2.30 4.53 9.16
N SER A 72 1.10 4.66 9.70
CA SER A 72 0.85 4.25 11.06
C SER A 72 -0.31 3.26 11.11
N LYS A 73 -1.35 3.58 10.34
CA LYS A 73 -2.52 2.74 10.27
C LYS A 73 -3.11 2.78 8.86
N VAL A 74 -3.71 1.68 8.46
CA VAL A 74 -4.31 1.57 7.14
C VAL A 74 -5.76 1.10 7.29
N SER A 75 -6.68 2.06 7.25
CA SER A 75 -8.09 1.76 7.37
C SER A 75 -8.81 2.11 6.06
N ILE A 76 -10.02 1.58 5.93
CA ILE A 76 -10.83 1.84 4.75
C ILE A 76 -11.38 3.27 4.80
N ALA A 77 -11.17 3.98 3.71
CA ALA A 77 -11.63 5.35 3.62
C ALA A 77 -13.12 5.41 3.99
N THR A 78 -13.61 6.63 4.14
CA THR A 78 -15.00 6.84 4.50
C THR A 78 -15.68 7.73 3.46
N PRO A 79 -17.05 7.72 3.49
CA PRO A 79 -17.83 8.52 2.56
C PRO A 79 -17.80 9.99 2.97
N LYS A 80 -17.13 10.26 4.08
CA LYS A 80 -17.02 11.62 4.57
C LYS A 80 -15.67 12.20 4.17
N GLN A 81 -14.84 11.34 3.60
CA GLN A 81 -13.51 11.76 3.16
C GLN A 81 -13.42 11.70 1.63
N LYS A 82 -13.67 10.51 1.11
CA LYS A 82 -13.62 10.29 -0.33
C LYS A 82 -14.59 9.18 -0.72
N PRO A 83 -15.88 9.57 -0.86
CA PRO A 83 -16.91 8.61 -1.23
C PRO A 83 -16.82 8.24 -2.71
N LYS A 84 -17.86 7.58 -3.19
CA LYS A 84 -17.92 7.16 -4.58
C LYS A 84 -16.83 6.11 -4.84
N THR A 85 -16.35 5.53 -3.75
CA THR A 85 -15.32 4.51 -3.83
C THR A 85 -15.68 3.30 -2.97
N PRO A 86 -15.86 2.14 -3.65
CA PRO A 86 -16.20 0.91 -2.96
C PRO A 86 -14.99 0.34 -2.23
N PHE A 87 -14.03 -0.13 -3.02
CA PHE A 87 -12.83 -0.72 -2.46
C PHE A 87 -11.68 0.31 -2.45
N CYS A 88 -11.77 1.22 -1.50
CA CYS A 88 -10.75 2.26 -1.36
C CYS A 88 -10.29 2.29 0.09
N PHE A 89 -8.98 2.39 0.26
CA PHE A 89 -8.40 2.44 1.59
C PHE A 89 -7.53 3.69 1.78
N VAL A 90 -7.55 4.20 3.00
CA VAL A 90 -6.77 5.39 3.31
C VAL A 90 -5.58 5.00 4.19
N ILE A 91 -4.40 5.36 3.72
CA ILE A 91 -3.17 5.05 4.43
C ILE A 91 -2.92 6.14 5.47
N ASN A 92 -3.16 5.80 6.73
CA ASN A 92 -2.97 6.74 7.82
C ASN A 92 -1.48 6.76 8.19
N ALA A 93 -0.92 7.96 8.18
CA ALA A 93 0.49 8.13 8.51
C ALA A 93 0.62 9.23 9.57
N LEU A 94 1.68 10.02 9.43
CA LEU A 94 1.93 11.11 10.36
C LEU A 94 0.60 11.77 10.73
N SER A 95 0.11 12.60 9.81
CA SER A 95 -1.14 13.30 10.02
C SER A 95 -1.83 13.55 8.70
N GLN A 96 -1.61 12.63 7.76
CA GLN A 96 -2.21 12.74 6.43
C GLN A 96 -2.97 11.47 6.10
N ARG A 97 -3.65 11.51 4.95
CA ARG A 97 -4.42 10.37 4.50
C ARG A 97 -4.35 10.24 2.97
N TYR A 98 -3.65 9.21 2.53
CA TYR A 98 -3.49 8.96 1.11
C TYR A 98 -4.67 8.15 0.55
N PHE A 99 -5.29 8.69 -0.48
CA PHE A 99 -6.42 8.02 -1.10
C PHE A 99 -5.98 7.20 -2.32
N LEU A 100 -6.12 5.89 -2.18
CA LEU A 100 -5.73 4.99 -3.26
C LEU A 100 -6.93 4.15 -3.66
N GLN A 101 -6.88 3.63 -4.89
CA GLN A 101 -7.96 2.80 -5.41
C GLN A 101 -7.42 1.44 -5.82
N ALA A 102 -8.17 0.40 -5.46
CA ALA A 102 -7.78 -0.95 -5.79
C ALA A 102 -8.49 -1.38 -7.08
N ASN A 103 -8.27 -2.64 -7.44
CA ASN A 103 -8.87 -3.18 -8.66
C ASN A 103 -10.23 -3.80 -8.30
N ASP A 104 -10.20 -4.68 -7.32
CA ASP A 104 -11.41 -5.36 -6.87
C ASP A 104 -11.56 -5.19 -5.37
N GLN A 105 -12.27 -6.14 -4.77
CA GLN A 105 -12.50 -6.11 -3.33
C GLN A 105 -11.39 -6.89 -2.60
N LYS A 106 -10.79 -7.82 -3.33
CA LYS A 106 -9.72 -8.63 -2.78
C LYS A 106 -8.46 -7.77 -2.61
N ASP A 107 -7.91 -7.37 -3.75
CA ASP A 107 -6.71 -6.54 -3.75
C ASP A 107 -6.85 -5.45 -2.71
N LEU A 108 -8.05 -4.88 -2.65
CA LEU A 108 -8.34 -3.81 -1.70
C LEU A 108 -8.00 -4.30 -0.29
N LYS A 109 -8.72 -5.32 0.15
CA LYS A 109 -8.50 -5.88 1.47
C LYS A 109 -7.06 -6.36 1.59
N ASP A 110 -6.66 -7.19 0.63
CA ASP A 110 -5.30 -7.72 0.63
C ASP A 110 -4.31 -6.58 0.89
N TRP A 111 -4.45 -5.53 0.11
CA TRP A 111 -3.58 -4.37 0.24
C TRP A 111 -3.71 -3.85 1.67
N VAL A 112 -4.93 -3.43 2.01
CA VAL A 112 -5.20 -2.91 3.33
C VAL A 112 -4.50 -3.79 4.38
N GLU A 113 -4.74 -5.08 4.28
CA GLU A 113 -4.15 -6.03 5.20
C GLU A 113 -2.62 -5.99 5.10
N ALA A 114 -2.14 -6.04 3.87
CA ALA A 114 -0.71 -6.00 3.63
C ALA A 114 -0.13 -4.72 4.24
N LEU A 115 -0.81 -3.61 3.99
CA LEU A 115 -0.38 -2.33 4.50
C LEU A 115 -0.52 -2.32 6.03
N ASN A 116 -1.32 -3.24 6.52
CA ASN A 116 -1.55 -3.35 7.96
C ASN A 116 -0.52 -4.31 8.55
N GLN A 117 0.11 -5.09 7.68
CA GLN A 117 1.12 -6.03 8.11
C GLN A 117 2.52 -5.45 7.92
N ALA A 118 2.74 -4.93 6.71
CA ALA A 118 4.03 -4.34 6.39
C ALA A 118 4.38 -3.28 7.42
N SER A 119 3.34 -2.58 7.88
CA SER A 119 3.53 -1.53 8.87
C SER A 119 3.20 -2.07 10.27
N LYS A 120 2.52 -3.21 10.28
CA LYS A 120 2.14 -3.84 11.54
C LYS A 120 1.73 -2.75 12.54
N SER A 121 1.19 -1.67 12.01
CA SER A 121 0.75 -0.56 12.83
C SER A 121 1.95 0.33 13.18
N GLY A 122 2.99 -0.30 13.68
CA GLY A 122 4.20 0.43 14.05
C GLY A 122 4.54 0.20 15.52
N PRO A 123 5.49 1.04 16.02
CA PRO A 123 5.92 0.94 17.41
C PRO A 123 4.87 1.52 18.35
N SER A 124 3.65 1.01 18.21
CA SER A 124 2.55 1.46 19.04
C SER A 124 1.27 0.72 18.66
N SER A 125 0.53 0.33 19.68
CA SER A 125 -0.73 -0.39 19.47
C SER A 125 -1.78 0.55 18.90
N GLY A 126 -2.07 1.59 19.66
CA GLY A 126 -3.06 2.58 19.25
C GLY A 126 -2.50 3.99 19.35
N GLY A 1 -12.17 1.18 15.09
CA GLY A 1 -12.70 -0.18 15.18
C GLY A 1 -11.57 -1.22 15.12
N SER A 2 -11.96 -2.44 14.78
CA SER A 2 -10.99 -3.52 14.68
C SER A 2 -10.93 -4.04 13.24
N SER A 3 -9.78 -4.58 12.89
CA SER A 3 -9.57 -5.11 11.55
C SER A 3 -8.62 -6.31 11.60
N GLY A 4 -8.97 -7.34 10.84
CA GLY A 4 -8.17 -8.54 10.79
C GLY A 4 -9.03 -9.79 11.04
N SER A 5 -8.51 -10.92 10.60
CA SER A 5 -9.22 -12.18 10.78
C SER A 5 -8.24 -13.27 11.23
N SER A 6 -7.28 -13.56 10.36
CA SER A 6 -6.29 -14.58 10.67
C SER A 6 -4.89 -14.03 10.40
N GLY A 7 -3.93 -14.54 11.16
CA GLY A 7 -2.54 -14.10 11.02
C GLY A 7 -1.62 -15.31 10.81
N MET A 8 -1.76 -16.29 11.68
CA MET A 8 -0.95 -17.49 11.59
C MET A 8 -1.48 -18.44 10.52
N PRO A 9 -2.80 -18.73 10.62
CA PRO A 9 -3.44 -19.62 9.66
C PRO A 9 -3.67 -18.91 8.32
N TYR A 10 -3.99 -19.71 7.32
CA TYR A 10 -4.23 -19.18 5.98
C TYR A 10 -3.28 -18.04 5.67
N VAL A 11 -2.11 -18.40 5.16
CA VAL A 11 -1.10 -17.41 4.82
C VAL A 11 0.09 -18.11 4.15
N ASP A 12 0.41 -17.65 2.95
CA ASP A 12 1.51 -18.22 2.21
C ASP A 12 2.71 -17.28 2.26
N ARG A 13 2.75 -16.49 3.33
CA ARG A 13 3.83 -15.54 3.52
C ARG A 13 3.83 -14.51 2.38
N GLN A 14 2.66 -13.93 2.16
CA GLN A 14 2.51 -12.93 1.11
C GLN A 14 2.80 -11.54 1.67
N ASN A 15 3.77 -11.47 2.56
CA ASN A 15 4.15 -10.21 3.17
C ASN A 15 4.43 -9.19 2.07
N ARG A 16 4.72 -9.69 0.88
CA ARG A 16 5.01 -8.84 -0.26
C ARG A 16 3.82 -8.82 -1.22
N ILE A 17 3.19 -7.65 -1.30
CA ILE A 17 2.04 -7.49 -2.17
C ILE A 17 2.45 -6.67 -3.39
N CYS A 18 1.72 -6.87 -4.48
CA CYS A 18 2.00 -6.16 -5.72
C CYS A 18 0.69 -6.02 -6.49
N GLY A 19 0.66 -5.01 -7.36
CA GLY A 19 -0.52 -4.76 -8.17
C GLY A 19 -0.61 -3.29 -8.55
N PHE A 20 -1.64 -2.97 -9.32
CA PHE A 20 -1.87 -1.61 -9.77
C PHE A 20 -2.87 -0.89 -8.86
N LEU A 21 -2.50 0.32 -8.47
CA LEU A 21 -3.36 1.12 -7.60
C LEU A 21 -3.57 2.50 -8.23
N ASP A 22 -4.50 3.25 -7.65
CA ASP A 22 -4.81 4.57 -8.14
C ASP A 22 -4.67 5.59 -7.01
N ILE A 23 -3.49 6.19 -6.92
CA ILE A 23 -3.22 7.17 -5.88
C ILE A 23 -3.53 8.57 -6.42
N GLU A 24 -4.35 9.29 -5.66
CA GLU A 24 -4.72 10.64 -6.05
C GLU A 24 -3.50 11.56 -6.01
N ASP A 25 -3.43 12.43 -7.02
CA ASP A 25 -2.32 13.36 -7.10
C ASP A 25 -2.81 14.66 -7.76
N ASN A 26 -2.22 15.77 -7.32
CA ASN A 26 -2.58 17.07 -7.85
C ASN A 26 -2.31 17.10 -9.36
N GLU A 27 -3.31 16.71 -10.12
CA GLU A 27 -3.19 16.70 -11.57
C GLU A 27 -4.28 17.57 -12.20
N ASN A 28 -5.52 17.14 -12.02
CA ASN A 28 -6.66 17.87 -12.57
C ASN A 28 -7.69 18.08 -11.47
N SER A 29 -7.26 17.88 -10.24
CA SER A 29 -8.15 18.05 -9.09
C SER A 29 -9.23 16.97 -9.11
N GLY A 30 -8.82 15.77 -8.71
CA GLY A 30 -9.74 14.65 -8.67
C GLY A 30 -9.32 13.55 -9.66
N LYS A 31 -8.01 13.42 -9.81
CA LYS A 31 -7.46 12.42 -10.70
C LYS A 31 -6.57 11.46 -9.92
N PHE A 32 -6.50 10.23 -10.40
CA PHE A 32 -5.70 9.20 -9.75
C PHE A 32 -4.55 8.76 -10.65
N LEU A 33 -3.41 8.51 -10.01
CA LEU A 33 -2.23 8.07 -10.73
C LEU A 33 -2.19 6.54 -10.77
N ARG A 34 -2.22 6.01 -11.98
CA ARG A 34 -2.18 4.57 -12.16
C ARG A 34 -0.74 4.07 -12.17
N ARG A 35 -0.34 3.48 -11.07
CA ARG A 35 1.02 2.96 -10.94
C ARG A 35 0.99 1.53 -10.36
N TYR A 36 2.15 0.90 -10.37
CA TYR A 36 2.27 -0.45 -9.85
C TYR A 36 2.93 -0.45 -8.47
N PHE A 37 2.07 -0.47 -7.45
CA PHE A 37 2.56 -0.48 -6.07
C PHE A 37 3.03 -1.87 -5.67
N ILE A 38 4.13 -1.89 -4.91
CA ILE A 38 4.69 -3.14 -4.46
C ILE A 38 5.10 -3.01 -2.99
N LEU A 39 4.32 -3.63 -2.12
CA LEU A 39 4.60 -3.58 -0.70
C LEU A 39 5.79 -4.48 -0.37
N ASP A 40 6.93 -3.84 -0.17
CA ASP A 40 8.15 -4.58 0.13
C ASP A 40 8.44 -4.48 1.64
N THR A 41 8.39 -5.62 2.30
CA THR A 41 8.64 -5.68 3.72
C THR A 41 10.15 -5.67 4.01
N GLN A 42 10.91 -5.91 2.95
CA GLN A 42 12.36 -5.93 3.07
C GLN A 42 12.92 -4.50 3.03
N ALA A 43 12.44 -3.74 2.06
CA ALA A 43 12.88 -2.37 1.90
C ALA A 43 12.25 -1.51 3.01
N ASN A 44 11.06 -1.91 3.43
CA ASN A 44 10.35 -1.18 4.47
C ASN A 44 9.84 0.14 3.90
N CYS A 45 9.64 0.16 2.59
CA CYS A 45 9.15 1.35 1.92
C CYS A 45 8.26 0.92 0.76
N LEU A 46 7.31 1.78 0.43
CA LEU A 46 6.39 1.50 -0.66
C LEU A 46 6.87 2.22 -1.93
N LEU A 47 6.99 1.45 -3.00
CA LEU A 47 7.44 2.00 -4.26
C LEU A 47 6.44 1.62 -5.36
N TRP A 48 6.05 2.62 -6.14
CA TRP A 48 5.11 2.40 -7.22
C TRP A 48 5.78 2.85 -8.52
N TYR A 49 5.82 1.93 -9.47
CA TYR A 49 6.42 2.21 -10.77
C TYR A 49 5.35 2.36 -11.85
N MET A 50 5.55 3.36 -12.69
CA MET A 50 4.61 3.62 -13.77
C MET A 50 4.06 2.31 -14.35
N ASP A 51 4.94 1.32 -14.43
CA ASP A 51 4.55 0.02 -14.95
C ASP A 51 5.31 -1.07 -14.21
N ASN A 52 4.86 -2.31 -14.40
CA ASN A 52 5.49 -3.44 -13.75
C ASN A 52 7.01 -3.33 -13.89
N PRO A 53 7.72 -3.88 -12.87
CA PRO A 53 9.17 -3.85 -12.87
C PRO A 53 9.75 -4.85 -13.86
N GLN A 54 8.88 -5.72 -14.35
CA GLN A 54 9.29 -6.73 -15.31
C GLN A 54 9.65 -6.09 -16.64
N ASN A 55 8.97 -4.99 -16.94
CA ASN A 55 9.21 -4.27 -18.17
C ASN A 55 10.34 -3.26 -17.97
N LEU A 56 10.44 -2.78 -16.73
CA LEU A 56 11.48 -1.82 -16.38
C LEU A 56 12.83 -2.53 -16.32
N ALA A 57 13.81 -1.81 -15.80
CA ALA A 57 15.16 -2.36 -15.68
C ALA A 57 15.42 -2.74 -14.22
N VAL A 58 16.62 -3.24 -13.98
CA VAL A 58 17.01 -3.64 -12.63
C VAL A 58 17.53 -2.42 -11.87
N GLY A 59 16.91 -2.18 -10.73
CA GLY A 59 17.29 -1.05 -9.90
C GLY A 59 16.65 0.26 -10.40
N ALA A 60 15.73 0.09 -11.33
CA ALA A 60 15.03 1.24 -11.90
C ALA A 60 14.59 2.17 -10.77
N GLY A 61 14.19 3.37 -11.16
CA GLY A 61 13.74 4.36 -10.20
C GLY A 61 12.32 4.06 -9.73
N ALA A 62 11.57 5.14 -9.49
CA ALA A 62 10.20 5.00 -9.04
C ALA A 62 9.47 6.34 -9.20
N VAL A 63 8.18 6.25 -9.48
CA VAL A 63 7.37 7.45 -9.66
C VAL A 63 7.18 8.14 -8.31
N GLY A 64 7.14 7.32 -7.26
CA GLY A 64 6.96 7.83 -5.92
C GLY A 64 7.16 6.72 -4.87
N SER A 65 7.82 7.09 -3.79
CA SER A 65 8.08 6.14 -2.72
C SER A 65 7.35 6.58 -1.45
N LEU A 66 7.09 5.60 -0.59
CA LEU A 66 6.39 5.87 0.66
C LEU A 66 7.01 5.01 1.77
N GLN A 67 7.89 5.64 2.55
CA GLN A 67 8.55 4.95 3.64
C GLN A 67 7.52 4.56 4.71
N LEU A 68 7.42 3.26 4.93
CA LEU A 68 6.50 2.73 5.92
C LEU A 68 6.61 3.57 7.20
N THR A 69 7.81 4.08 7.43
CA THR A 69 8.06 4.89 8.61
C THR A 69 6.91 5.86 8.85
N TYR A 70 6.45 6.47 7.76
CA TYR A 70 5.35 7.42 7.84
C TYR A 70 4.04 6.72 8.19
N ILE A 71 3.65 5.80 7.32
CA ILE A 71 2.42 5.05 7.53
C ILE A 71 2.36 4.57 8.98
N SER A 72 1.16 4.67 9.55
CA SER A 72 0.95 4.27 10.93
C SER A 72 -0.19 3.26 11.00
N LYS A 73 -1.27 3.58 10.32
CA LYS A 73 -2.44 2.72 10.29
C LYS A 73 -3.08 2.76 8.90
N VAL A 74 -3.65 1.63 8.51
CA VAL A 74 -4.30 1.54 7.21
C VAL A 74 -5.74 1.04 7.40
N SER A 75 -6.66 1.98 7.39
CA SER A 75 -8.06 1.67 7.56
C SER A 75 -8.84 2.01 6.29
N ILE A 76 -10.01 1.41 6.16
CA ILE A 76 -10.85 1.64 5.00
C ILE A 76 -11.48 3.03 5.10
N ALA A 77 -11.25 3.83 4.07
CA ALA A 77 -11.78 5.18 4.04
C ALA A 77 -13.22 5.17 4.57
N THR A 78 -13.48 6.06 5.52
CA THR A 78 -14.79 6.15 6.12
C THR A 78 -15.70 7.05 5.27
N PRO A 79 -17.02 6.97 5.55
CA PRO A 79 -18.00 7.77 4.83
C PRO A 79 -17.96 9.23 5.27
N LYS A 80 -16.87 9.89 4.93
CA LYS A 80 -16.69 11.29 5.28
C LYS A 80 -15.38 11.80 4.68
N GLN A 81 -14.38 10.93 4.68
CA GLN A 81 -13.08 11.29 4.14
C GLN A 81 -13.15 11.40 2.62
N LYS A 82 -13.36 10.25 1.98
CA LYS A 82 -13.44 10.21 0.53
C LYS A 82 -14.26 8.98 0.11
N PRO A 83 -15.55 8.98 0.54
CA PRO A 83 -16.44 7.88 0.22
C PRO A 83 -16.89 7.93 -1.25
N LYS A 84 -17.78 7.03 -1.60
CA LYS A 84 -18.29 6.97 -2.96
C LYS A 84 -17.31 6.21 -3.85
N THR A 85 -16.46 5.41 -3.20
CA THR A 85 -15.48 4.62 -3.90
C THR A 85 -15.56 3.16 -3.49
N PRO A 86 -15.71 2.27 -4.51
CA PRO A 86 -15.81 0.85 -4.26
C PRO A 86 -14.44 0.26 -3.92
N PHE A 87 -14.28 -0.06 -2.64
CA PHE A 87 -13.03 -0.62 -2.16
C PHE A 87 -11.91 0.43 -2.17
N CYS A 88 -11.99 1.35 -1.22
CA CYS A 88 -11.01 2.40 -1.11
C CYS A 88 -10.50 2.43 0.33
N PHE A 89 -9.18 2.41 0.46
CA PHE A 89 -8.55 2.43 1.77
C PHE A 89 -7.72 3.70 1.95
N VAL A 90 -7.65 4.15 3.20
CA VAL A 90 -6.89 5.35 3.53
C VAL A 90 -5.66 4.96 4.35
N ILE A 91 -4.51 5.40 3.86
CA ILE A 91 -3.26 5.10 4.54
C ILE A 91 -2.97 6.20 5.57
N ASN A 92 -3.18 5.84 6.84
CA ASN A 92 -2.95 6.79 7.92
C ASN A 92 -1.45 6.81 8.25
N ALA A 93 -0.88 8.01 8.15
CA ALA A 93 0.54 8.18 8.43
C ALA A 93 0.70 9.27 9.50
N LEU A 94 1.81 9.99 9.40
CA LEU A 94 2.10 11.04 10.36
C LEU A 94 0.81 11.80 10.68
N SER A 95 0.36 12.58 9.71
CA SER A 95 -0.85 13.35 9.88
C SER A 95 -1.51 13.61 8.53
N GLN A 96 -1.29 12.67 7.62
CA GLN A 96 -1.86 12.78 6.28
C GLN A 96 -2.69 11.53 5.94
N ARG A 97 -3.58 11.69 4.98
CA ARG A 97 -4.43 10.60 4.56
C ARG A 97 -4.38 10.43 3.04
N TYR A 98 -3.81 9.31 2.62
CA TYR A 98 -3.69 9.03 1.19
C TYR A 98 -4.88 8.22 0.70
N PHE A 99 -5.59 8.78 -0.27
CA PHE A 99 -6.75 8.11 -0.83
C PHE A 99 -6.38 7.33 -2.10
N LEU A 100 -6.35 6.01 -1.95
CA LEU A 100 -6.01 5.15 -3.06
C LEU A 100 -7.26 4.36 -3.48
N GLN A 101 -7.23 3.90 -4.73
CA GLN A 101 -8.34 3.14 -5.27
C GLN A 101 -7.85 1.79 -5.80
N ALA A 102 -8.53 0.73 -5.38
CA ALA A 102 -8.16 -0.61 -5.80
C ALA A 102 -9.00 -0.99 -7.03
N ASN A 103 -8.76 -2.20 -7.51
CA ASN A 103 -9.48 -2.69 -8.68
C ASN A 103 -10.79 -3.33 -8.22
N ASP A 104 -10.65 -4.33 -7.35
CA ASP A 104 -11.81 -5.03 -6.84
C ASP A 104 -11.86 -4.90 -5.32
N GLN A 105 -12.46 -5.89 -4.68
CA GLN A 105 -12.57 -5.88 -3.23
C GLN A 105 -11.41 -6.66 -2.61
N LYS A 106 -10.85 -7.56 -3.40
CA LYS A 106 -9.74 -8.38 -2.95
C LYS A 106 -8.49 -7.49 -2.80
N ASP A 107 -8.01 -7.02 -3.94
CA ASP A 107 -6.83 -6.16 -3.95
C ASP A 107 -6.96 -5.10 -2.85
N LEU A 108 -8.15 -4.57 -2.73
CA LEU A 108 -8.43 -3.55 -1.73
C LEU A 108 -8.05 -4.10 -0.35
N LYS A 109 -8.86 -5.04 0.13
CA LYS A 109 -8.62 -5.66 1.42
C LYS A 109 -7.15 -6.08 1.52
N ASP A 110 -6.74 -6.87 0.55
CA ASP A 110 -5.36 -7.36 0.52
C ASP A 110 -4.41 -6.19 0.79
N TRP A 111 -4.47 -5.21 -0.10
CA TRP A 111 -3.61 -4.04 0.03
C TRP A 111 -3.69 -3.57 1.49
N VAL A 112 -4.91 -3.34 1.95
CA VAL A 112 -5.12 -2.89 3.31
C VAL A 112 -4.40 -3.82 4.28
N GLU A 113 -4.70 -5.11 4.14
CA GLU A 113 -4.09 -6.12 5.00
C GLU A 113 -2.56 -6.03 4.91
N ALA A 114 -2.07 -6.01 3.68
CA ALA A 114 -0.64 -5.93 3.44
C ALA A 114 -0.08 -4.67 4.12
N LEU A 115 -0.80 -3.57 3.91
CA LEU A 115 -0.39 -2.30 4.48
C LEU A 115 -0.62 -2.33 5.99
N ASN A 116 -1.44 -3.28 6.42
CA ASN A 116 -1.74 -3.44 7.84
C ASN A 116 -0.69 -4.33 8.49
N GLN A 117 0.04 -5.06 7.63
CA GLN A 117 1.07 -5.95 8.11
C GLN A 117 2.43 -5.25 8.09
N ALA A 118 2.82 -4.81 6.90
CA ALA A 118 4.08 -4.12 6.73
C ALA A 118 4.22 -3.03 7.81
N SER A 119 3.13 -2.31 8.02
CA SER A 119 3.12 -1.25 9.01
C SER A 119 3.45 -1.82 10.39
N LYS A 120 2.80 -2.93 10.72
CA LYS A 120 3.02 -3.58 12.00
C LYS A 120 4.20 -4.54 11.87
N SER A 121 4.90 -4.43 10.76
CA SER A 121 6.05 -5.29 10.51
C SER A 121 5.65 -6.76 10.64
N GLY A 122 4.38 -7.02 10.32
CA GLY A 122 3.86 -8.37 10.40
C GLY A 122 2.55 -8.41 11.18
N PRO A 123 2.07 -9.65 11.46
CA PRO A 123 0.84 -9.84 12.20
C PRO A 123 1.04 -9.55 13.69
N SER A 124 2.24 -9.85 14.17
CA SER A 124 2.57 -9.63 15.56
C SER A 124 3.95 -8.97 15.67
N SER A 125 4.22 -8.44 16.86
CA SER A 125 5.49 -7.78 17.11
C SER A 125 6.50 -8.79 17.67
N GLY A 126 6.13 -9.38 18.80
CA GLY A 126 6.97 -10.36 19.45
C GLY A 126 7.67 -9.75 20.67
N GLY A 1 3.78 -9.16 21.13
CA GLY A 1 2.49 -9.26 20.45
C GLY A 1 2.49 -10.44 19.48
N SER A 2 1.42 -10.50 18.69
CA SER A 2 1.29 -11.57 17.72
C SER A 2 0.88 -10.99 16.35
N SER A 3 0.97 -11.83 15.34
CA SER A 3 0.62 -11.42 13.99
C SER A 3 0.03 -12.60 13.22
N GLY A 4 -0.97 -12.30 12.40
CA GLY A 4 -1.63 -13.32 11.61
C GLY A 4 -3.03 -12.88 11.18
N SER A 5 -3.40 -13.28 9.99
CA SER A 5 -4.71 -12.93 9.45
C SER A 5 -5.43 -14.19 8.96
N SER A 6 -4.78 -14.88 8.04
CA SER A 6 -5.34 -16.10 7.48
C SER A 6 -4.67 -17.32 8.11
N GLY A 7 -5.24 -18.48 7.82
CA GLY A 7 -4.71 -19.72 8.35
C GLY A 7 -3.39 -20.10 7.67
N MET A 8 -3.48 -21.08 6.79
CA MET A 8 -2.30 -21.54 6.07
C MET A 8 -2.60 -21.69 4.58
N PRO A 9 -2.42 -20.56 3.83
CA PRO A 9 -2.66 -20.55 2.40
C PRO A 9 -1.53 -21.27 1.66
N TYR A 10 -1.70 -21.35 0.35
CA TYR A 10 -0.72 -22.00 -0.50
C TYR A 10 -0.11 -21.02 -1.49
N VAL A 11 1.22 -21.01 -1.53
CA VAL A 11 1.93 -20.12 -2.42
C VAL A 11 1.42 -18.70 -2.24
N ASP A 12 2.03 -17.77 -2.98
CA ASP A 12 1.64 -16.38 -2.90
C ASP A 12 1.77 -15.89 -1.46
N ARG A 13 1.58 -14.60 -1.29
CA ARG A 13 1.67 -13.99 0.03
C ARG A 13 3.07 -14.15 0.59
N GLN A 14 4.05 -13.63 -0.15
CA GLN A 14 5.43 -13.72 0.26
C GLN A 14 5.82 -12.48 1.09
N ASN A 15 4.82 -11.94 1.77
CA ASN A 15 5.03 -10.76 2.60
C ASN A 15 4.99 -9.50 1.71
N ARG A 16 4.89 -9.74 0.41
CA ARG A 16 4.84 -8.65 -0.54
C ARG A 16 3.55 -8.72 -1.37
N ILE A 17 3.02 -7.54 -1.67
CA ILE A 17 1.80 -7.45 -2.44
C ILE A 17 2.00 -6.49 -3.61
N CYS A 18 1.41 -6.84 -4.75
CA CYS A 18 1.53 -6.02 -5.93
C CYS A 18 0.12 -5.80 -6.51
N GLY A 19 0.00 -4.76 -7.30
CA GLY A 19 -1.28 -4.43 -7.92
C GLY A 19 -1.33 -2.97 -8.36
N PHE A 20 -2.23 -2.69 -9.28
CA PHE A 20 -2.38 -1.34 -9.80
C PHE A 20 -3.38 -0.54 -8.96
N LEU A 21 -2.86 0.46 -8.27
CA LEU A 21 -3.69 1.30 -7.42
C LEU A 21 -3.76 2.70 -8.02
N ASP A 22 -4.85 3.39 -7.72
CA ASP A 22 -5.05 4.74 -8.22
C ASP A 22 -4.90 5.74 -7.08
N ILE A 23 -3.68 6.23 -6.92
CA ILE A 23 -3.38 7.19 -5.87
C ILE A 23 -3.78 8.60 -6.35
N GLU A 24 -4.62 9.25 -5.55
CA GLU A 24 -5.08 10.58 -5.87
C GLU A 24 -3.88 11.52 -6.02
N ASP A 25 -3.79 12.12 -7.20
CA ASP A 25 -2.71 13.05 -7.48
C ASP A 25 -3.00 14.40 -6.81
N ASN A 26 -1.92 15.13 -6.54
CA ASN A 26 -2.05 16.42 -5.89
C ASN A 26 -2.22 17.50 -6.97
N GLU A 27 -2.10 17.07 -8.21
CA GLU A 27 -2.25 17.98 -9.33
C GLU A 27 -3.73 18.24 -9.63
N ASN A 28 -4.56 17.34 -9.12
CA ASN A 28 -5.99 17.44 -9.32
C ASN A 28 -6.71 16.72 -8.18
N SER A 29 -7.45 17.49 -7.39
CA SER A 29 -8.19 16.94 -6.28
C SER A 29 -9.36 16.09 -6.79
N GLY A 30 -9.00 15.01 -7.47
CA GLY A 30 -10.01 14.11 -8.02
C GLY A 30 -9.38 13.12 -9.00
N LYS A 31 -8.35 13.59 -9.69
CA LYS A 31 -7.65 12.74 -10.65
C LYS A 31 -6.68 11.82 -9.92
N PHE A 32 -6.48 10.65 -10.50
CA PHE A 32 -5.58 9.67 -9.90
C PHE A 32 -4.48 9.26 -10.90
N LEU A 33 -3.35 8.85 -10.34
CA LEU A 33 -2.23 8.42 -11.16
C LEU A 33 -2.09 6.90 -11.08
N ARG A 34 -2.44 6.25 -12.18
CA ARG A 34 -2.36 4.80 -12.24
C ARG A 34 -0.90 4.35 -12.19
N ARG A 35 -0.56 3.69 -11.10
CA ARG A 35 0.79 3.20 -10.91
C ARG A 35 0.78 1.82 -10.23
N TYR A 36 1.85 1.07 -10.45
CA TYR A 36 1.96 -0.25 -9.86
C TYR A 36 2.67 -0.18 -8.50
N PHE A 37 1.93 -0.55 -7.47
CA PHE A 37 2.48 -0.54 -6.12
C PHE A 37 2.92 -1.94 -5.70
N ILE A 38 4.07 -1.98 -5.02
CA ILE A 38 4.61 -3.25 -4.56
C ILE A 38 5.06 -3.10 -3.11
N LEU A 39 4.32 -3.77 -2.23
CA LEU A 39 4.62 -3.73 -0.81
C LEU A 39 5.86 -4.57 -0.53
N ASP A 40 6.96 -3.88 -0.25
CA ASP A 40 8.22 -4.56 0.03
C ASP A 40 8.56 -4.39 1.51
N THR A 41 8.72 -5.51 2.18
CA THR A 41 9.05 -5.49 3.60
C THR A 41 10.56 -5.37 3.80
N GLN A 42 11.30 -5.92 2.85
CA GLN A 42 12.74 -5.89 2.90
C GLN A 42 13.24 -4.45 2.86
N ALA A 43 12.64 -3.67 1.97
CA ALA A 43 13.01 -2.27 1.83
C ALA A 43 12.38 -1.46 2.97
N ASN A 44 11.29 -1.99 3.48
CA ASN A 44 10.58 -1.32 4.58
C ASN A 44 10.03 0.02 4.08
N CYS A 45 9.78 0.07 2.78
CA CYS A 45 9.24 1.28 2.17
C CYS A 45 8.38 0.87 0.98
N LEU A 46 7.39 1.72 0.70
CA LEU A 46 6.48 1.45 -0.40
C LEU A 46 6.98 2.18 -1.65
N LEU A 47 7.12 1.42 -2.73
CA LEU A 47 7.59 1.97 -3.99
C LEU A 47 6.63 1.56 -5.10
N TRP A 48 6.06 2.56 -5.75
CA TRP A 48 5.13 2.32 -6.85
C TRP A 48 5.82 2.72 -8.15
N TYR A 49 5.72 1.84 -9.13
CA TYR A 49 6.31 2.08 -10.43
C TYR A 49 5.24 2.32 -11.49
N MET A 50 5.61 3.12 -12.49
CA MET A 50 4.69 3.43 -13.57
C MET A 50 3.94 2.17 -14.02
N ASP A 51 4.67 1.07 -14.11
CA ASP A 51 4.08 -0.19 -14.54
C ASP A 51 4.88 -1.34 -13.92
N ASN A 52 4.33 -2.54 -14.07
CA ASN A 52 4.97 -3.73 -13.54
C ASN A 52 6.44 -3.73 -13.96
N PRO A 53 7.32 -4.15 -13.00
CA PRO A 53 8.74 -4.21 -13.26
C PRO A 53 9.09 -5.41 -14.13
N GLN A 54 8.07 -6.21 -14.42
CA GLN A 54 8.26 -7.39 -15.24
C GLN A 54 8.35 -7.00 -16.72
N ASN A 55 7.86 -5.79 -17.01
CA ASN A 55 7.89 -5.30 -18.37
C ASN A 55 8.88 -4.14 -18.47
N LEU A 56 9.25 -3.61 -17.31
CA LEU A 56 10.19 -2.51 -17.26
C LEU A 56 11.59 -3.02 -17.63
N ALA A 57 12.57 -2.15 -17.46
CA ALA A 57 13.94 -2.50 -17.76
C ALA A 57 14.66 -2.94 -16.48
N VAL A 58 15.89 -3.38 -16.65
CA VAL A 58 16.69 -3.84 -15.53
C VAL A 58 17.00 -2.65 -14.61
N GLY A 59 17.26 -1.51 -15.25
CA GLY A 59 17.57 -0.30 -14.50
C GLY A 59 16.30 0.48 -14.17
N ALA A 60 15.22 -0.27 -13.96
CA ALA A 60 13.94 0.34 -13.63
C ALA A 60 14.08 1.16 -12.35
N GLY A 61 13.02 1.88 -12.03
CA GLY A 61 13.01 2.70 -10.83
C GLY A 61 11.60 2.77 -10.22
N ALA A 62 11.37 3.85 -9.49
CA ALA A 62 10.08 4.05 -8.85
C ALA A 62 9.59 5.47 -9.13
N VAL A 63 8.28 5.59 -9.31
CA VAL A 63 7.67 6.88 -9.59
C VAL A 63 7.68 7.73 -8.31
N GLY A 64 7.56 7.05 -7.18
CA GLY A 64 7.55 7.72 -5.89
C GLY A 64 8.14 6.82 -4.80
N SER A 65 7.62 6.99 -3.60
CA SER A 65 8.07 6.20 -2.46
C SER A 65 7.31 6.61 -1.20
N LEU A 66 7.12 5.63 -0.32
CA LEU A 66 6.42 5.88 0.93
C LEU A 66 7.08 5.08 2.05
N GLN A 67 7.96 5.76 2.77
CA GLN A 67 8.67 5.12 3.87
C GLN A 67 7.67 4.68 4.96
N LEU A 68 7.61 3.38 5.15
CA LEU A 68 6.71 2.82 6.15
C LEU A 68 6.85 3.61 7.46
N THR A 69 8.04 4.15 7.65
CA THR A 69 8.32 4.93 8.85
C THR A 69 7.24 5.99 9.05
N TYR A 70 6.56 6.33 7.97
CA TYR A 70 5.51 7.33 8.03
C TYR A 70 4.17 6.68 8.35
N ILE A 71 3.75 5.77 7.49
CA ILE A 71 2.49 5.08 7.68
C ILE A 71 2.32 4.74 9.16
N SER A 72 1.08 4.88 9.63
CA SER A 72 0.78 4.59 11.02
C SER A 72 -0.35 3.56 11.10
N LYS A 73 -1.35 3.75 10.25
CA LYS A 73 -2.49 2.84 10.21
C LYS A 73 -3.10 2.87 8.81
N VAL A 74 -3.65 1.73 8.42
CA VAL A 74 -4.28 1.60 7.11
C VAL A 74 -5.70 1.07 7.28
N SER A 75 -6.65 1.99 7.22
CA SER A 75 -8.05 1.62 7.37
C SER A 75 -8.82 2.01 6.11
N ILE A 76 -10.03 1.46 5.99
CA ILE A 76 -10.87 1.73 4.85
C ILE A 76 -11.51 3.11 5.01
N ALA A 77 -11.47 3.88 3.93
CA ALA A 77 -12.04 5.22 3.94
C ALA A 77 -13.49 5.14 4.42
N THR A 78 -13.82 6.02 5.36
CA THR A 78 -15.17 6.05 5.91
C THR A 78 -16.03 7.02 5.10
N PRO A 79 -17.26 7.27 5.63
CA PRO A 79 -18.19 8.17 4.96
C PRO A 79 -17.78 9.63 5.15
N LYS A 80 -16.51 9.88 4.88
CA LYS A 80 -15.98 11.23 5.00
C LYS A 80 -14.58 11.29 4.36
N GLN A 81 -13.86 10.19 4.49
CA GLN A 81 -12.53 10.10 3.93
C GLN A 81 -12.59 9.64 2.47
N LYS A 82 -13.47 10.28 1.72
CA LYS A 82 -13.64 9.96 0.32
C LYS A 82 -14.35 8.62 0.19
N PRO A 83 -15.64 8.61 0.63
CA PRO A 83 -16.45 7.40 0.57
C PRO A 83 -16.89 7.10 -0.87
N LYS A 84 -17.91 6.27 -0.98
CA LYS A 84 -18.44 5.89 -2.28
C LYS A 84 -17.46 4.94 -2.96
N THR A 85 -16.25 5.44 -3.18
CA THR A 85 -15.23 4.65 -3.83
C THR A 85 -15.33 3.19 -3.39
N PRO A 86 -15.57 2.29 -4.40
CA PRO A 86 -15.69 0.87 -4.13
C PRO A 86 -14.32 0.25 -3.86
N PHE A 87 -14.11 -0.13 -2.61
CA PHE A 87 -12.86 -0.74 -2.21
C PHE A 87 -11.73 0.29 -2.23
N CYS A 88 -11.83 1.25 -1.33
CA CYS A 88 -10.81 2.29 -1.23
C CYS A 88 -10.29 2.33 0.21
N PHE A 89 -8.98 2.29 0.33
CA PHE A 89 -8.34 2.31 1.63
C PHE A 89 -7.53 3.60 1.82
N VAL A 90 -7.54 4.09 3.05
CA VAL A 90 -6.81 5.31 3.38
C VAL A 90 -5.60 4.95 4.24
N ILE A 91 -4.43 5.37 3.76
CA ILE A 91 -3.19 5.10 4.47
C ILE A 91 -2.91 6.24 5.46
N ASN A 92 -3.15 5.95 6.72
CA ASN A 92 -2.92 6.94 7.76
C ASN A 92 -1.44 6.98 8.12
N ALA A 93 -0.86 8.15 7.93
CA ALA A 93 0.56 8.34 8.23
C ALA A 93 0.72 9.42 9.29
N LEU A 94 1.84 10.12 9.22
CA LEU A 94 2.13 11.18 10.17
C LEU A 94 0.84 11.96 10.46
N SER A 95 0.39 12.70 9.47
CA SER A 95 -0.82 13.49 9.59
C SER A 95 -1.42 13.75 8.21
N GLN A 96 -1.40 12.71 7.39
CA GLN A 96 -1.95 12.80 6.05
C GLN A 96 -2.78 11.56 5.72
N ARG A 97 -3.66 11.72 4.74
CA ARG A 97 -4.52 10.61 4.33
C ARG A 97 -4.40 10.41 2.81
N TYR A 98 -3.91 9.23 2.45
CA TYR A 98 -3.74 8.89 1.05
C TYR A 98 -4.92 8.05 0.54
N PHE A 99 -5.59 8.58 -0.48
CA PHE A 99 -6.72 7.90 -1.06
C PHE A 99 -6.31 7.08 -2.28
N LEU A 100 -6.27 5.77 -2.09
CA LEU A 100 -5.89 4.86 -3.16
C LEU A 100 -7.10 4.01 -3.56
N GLN A 101 -7.16 3.68 -4.84
CA GLN A 101 -8.25 2.88 -5.37
C GLN A 101 -7.72 1.57 -5.93
N ALA A 102 -8.40 0.48 -5.58
CA ALA A 102 -8.01 -0.83 -6.06
C ALA A 102 -8.86 -1.21 -7.26
N ASN A 103 -8.83 -2.49 -7.60
CA ASN A 103 -9.58 -3.00 -8.73
C ASN A 103 -10.88 -3.64 -8.22
N ASP A 104 -10.72 -4.62 -7.35
CA ASP A 104 -11.86 -5.32 -6.78
C ASP A 104 -11.89 -5.11 -5.27
N GLN A 105 -12.46 -6.07 -4.58
CA GLN A 105 -12.56 -6.00 -3.13
C GLN A 105 -11.42 -6.80 -2.49
N LYS A 106 -10.88 -7.73 -3.25
CA LYS A 106 -9.79 -8.56 -2.77
C LYS A 106 -8.50 -7.72 -2.73
N ASP A 107 -8.02 -7.38 -3.91
CA ASP A 107 -6.81 -6.60 -4.03
C ASP A 107 -6.85 -5.45 -3.03
N LEU A 108 -8.05 -4.91 -2.84
CA LEU A 108 -8.24 -3.82 -1.91
C LEU A 108 -7.87 -4.28 -0.49
N LYS A 109 -8.72 -5.13 0.05
CA LYS A 109 -8.49 -5.66 1.39
C LYS A 109 -7.05 -6.13 1.51
N ASP A 110 -6.66 -7.01 0.60
CA ASP A 110 -5.32 -7.55 0.59
C ASP A 110 -4.32 -6.40 0.81
N TRP A 111 -4.41 -5.40 -0.04
CA TRP A 111 -3.52 -4.25 0.04
C TRP A 111 -3.54 -3.75 1.49
N VAL A 112 -4.72 -3.31 1.92
CA VAL A 112 -4.88 -2.81 3.27
C VAL A 112 -4.21 -3.78 4.25
N GLU A 113 -4.59 -5.04 4.12
CA GLU A 113 -4.04 -6.08 5.00
C GLU A 113 -2.52 -6.06 4.93
N ALA A 114 -2.01 -6.02 3.72
CA ALA A 114 -0.57 -6.00 3.51
C ALA A 114 0.02 -4.75 4.16
N LEU A 115 -0.60 -3.62 3.86
CA LEU A 115 -0.14 -2.34 4.40
C LEU A 115 -0.34 -2.35 5.92
N ASN A 116 -1.24 -3.21 6.37
CA ASN A 116 -1.53 -3.32 7.78
C ASN A 116 -0.44 -4.15 8.46
N GLN A 117 0.19 -4.99 7.66
CA GLN A 117 1.26 -5.84 8.17
C GLN A 117 2.60 -5.12 8.10
N ALA A 118 2.84 -4.52 6.94
CA ALA A 118 4.09 -3.79 6.73
C ALA A 118 4.21 -2.69 7.77
N SER A 119 3.06 -2.26 8.28
CA SER A 119 3.02 -1.21 9.28
C SER A 119 3.29 -1.81 10.67
N LYS A 120 2.76 -3.01 10.88
CA LYS A 120 2.93 -3.69 12.15
C LYS A 120 4.22 -4.52 12.11
N SER A 121 5.05 -4.21 11.12
CA SER A 121 6.31 -4.90 10.96
C SER A 121 6.95 -5.14 12.33
N GLY A 122 6.67 -4.22 13.25
CA GLY A 122 7.21 -4.33 14.60
C GLY A 122 6.16 -4.86 15.57
N PRO A 123 6.26 -4.37 16.83
CA PRO A 123 5.32 -4.80 17.87
C PRO A 123 3.95 -4.13 17.67
N SER A 124 2.97 -4.65 18.40
CA SER A 124 1.62 -4.12 18.31
C SER A 124 1.38 -3.12 19.43
N SER A 125 1.95 -1.93 19.25
CA SER A 125 1.80 -0.88 20.25
C SER A 125 0.32 -0.65 20.55
N GLY A 126 -0.05 -0.96 21.79
CA GLY A 126 -1.43 -0.80 22.22
C GLY A 126 -2.06 -2.15 22.58
N GLY A 1 1.21 -12.97 16.37
CA GLY A 1 -0.09 -12.59 15.85
C GLY A 1 -0.28 -13.11 14.42
N SER A 2 -0.03 -12.24 13.46
CA SER A 2 -0.17 -12.61 12.07
C SER A 2 -1.65 -12.87 11.74
N SER A 3 -1.99 -12.64 10.48
CA SER A 3 -3.35 -12.84 10.04
C SER A 3 -3.49 -12.46 8.56
N GLY A 4 -3.77 -13.46 7.74
CA GLY A 4 -3.92 -13.24 6.30
C GLY A 4 -4.93 -14.21 5.70
N SER A 5 -4.96 -14.24 4.39
CA SER A 5 -5.87 -15.13 3.67
C SER A 5 -5.15 -15.84 2.53
N SER A 6 -5.47 -17.11 2.38
CA SER A 6 -4.86 -17.92 1.33
C SER A 6 -5.66 -19.20 1.12
N GLY A 7 -5.87 -19.92 2.22
CA GLY A 7 -6.61 -21.16 2.16
C GLY A 7 -5.80 -22.32 2.76
N MET A 8 -4.92 -22.87 1.94
CA MET A 8 -4.09 -23.98 2.38
C MET A 8 -2.99 -24.27 1.35
N PRO A 9 -2.10 -23.26 1.16
CA PRO A 9 -1.00 -23.39 0.22
C PRO A 9 0.10 -24.30 0.78
N TYR A 10 0.98 -24.73 -0.11
CA TYR A 10 2.07 -25.60 0.28
C TYR A 10 3.43 -24.89 0.12
N VAL A 11 3.95 -24.42 1.23
CA VAL A 11 5.23 -23.72 1.23
C VAL A 11 5.11 -22.45 0.38
N ASP A 12 5.09 -21.32 1.09
CA ASP A 12 4.97 -20.04 0.42
C ASP A 12 4.95 -18.92 1.47
N ARG A 13 5.70 -17.88 1.20
CA ARG A 13 5.78 -16.75 2.10
C ARG A 13 6.38 -15.53 1.39
N GLN A 14 5.74 -15.16 0.28
CA GLN A 14 6.20 -14.02 -0.50
C GLN A 14 6.37 -12.79 0.41
N ASN A 15 5.50 -12.71 1.40
CA ASN A 15 5.54 -11.59 2.34
C ASN A 15 5.70 -10.29 1.56
N ARG A 16 4.70 -10.00 0.74
CA ARG A 16 4.71 -8.79 -0.06
C ARG A 16 3.56 -8.80 -1.07
N ILE A 17 3.00 -7.61 -1.29
CA ILE A 17 1.88 -7.48 -2.22
C ILE A 17 2.35 -6.69 -3.45
N CYS A 18 1.78 -7.05 -4.59
CA CYS A 18 2.13 -6.38 -5.84
C CYS A 18 0.85 -6.24 -6.67
N GLY A 19 0.80 -5.17 -7.45
CA GLY A 19 -0.35 -4.91 -8.30
C GLY A 19 -0.36 -3.45 -8.77
N PHE A 20 -1.53 -3.01 -9.20
CA PHE A 20 -1.69 -1.65 -9.68
C PHE A 20 -2.71 -0.89 -8.83
N LEU A 21 -2.25 0.20 -8.23
CA LEU A 21 -3.10 1.02 -7.40
C LEU A 21 -3.36 2.36 -8.09
N ASP A 22 -4.31 3.10 -7.55
CA ASP A 22 -4.65 4.40 -8.11
C ASP A 22 -4.55 5.47 -7.02
N ILE A 23 -3.41 6.12 -6.98
CA ILE A 23 -3.17 7.16 -5.98
C ILE A 23 -3.69 8.49 -6.52
N GLU A 24 -4.37 9.22 -5.64
CA GLU A 24 -4.92 10.52 -6.00
C GLU A 24 -3.80 11.51 -6.30
N ASP A 25 -3.87 12.09 -7.49
CA ASP A 25 -2.86 13.06 -7.91
C ASP A 25 -3.16 14.41 -7.25
N ASN A 26 -2.21 15.32 -7.40
CA ASN A 26 -2.36 16.65 -6.83
C ASN A 26 -2.61 17.66 -7.95
N GLU A 27 -2.98 17.13 -9.11
CA GLU A 27 -3.26 17.96 -10.27
C GLU A 27 -4.63 18.62 -10.14
N ASN A 28 -5.58 17.84 -9.65
CA ASN A 28 -6.93 18.32 -9.47
C ASN A 28 -7.53 17.70 -8.21
N SER A 29 -6.65 17.21 -7.35
CA SER A 29 -7.06 16.60 -6.10
C SER A 29 -8.34 15.78 -6.32
N GLY A 30 -8.21 14.75 -7.14
CA GLY A 30 -9.35 13.89 -7.45
C GLY A 30 -8.96 12.80 -8.45
N LYS A 31 -8.20 13.21 -9.45
CA LYS A 31 -7.75 12.27 -10.48
C LYS A 31 -6.60 11.43 -9.92
N PHE A 32 -6.79 10.12 -10.00
CA PHE A 32 -5.79 9.19 -9.51
C PHE A 32 -4.95 8.64 -10.65
N LEU A 33 -3.69 8.35 -10.35
CA LEU A 33 -2.77 7.82 -11.34
C LEU A 33 -2.63 6.31 -11.13
N ARG A 34 -2.63 5.59 -12.25
CA ARG A 34 -2.49 4.14 -12.21
C ARG A 34 -1.02 3.75 -12.17
N ARG A 35 -0.55 3.44 -10.98
CA ARG A 35 0.84 3.04 -10.79
C ARG A 35 0.91 1.63 -10.18
N TYR A 36 2.01 0.95 -10.46
CA TYR A 36 2.22 -0.38 -9.95
C TYR A 36 2.89 -0.35 -8.58
N PHE A 37 2.05 -0.42 -7.54
CA PHE A 37 2.55 -0.40 -6.18
C PHE A 37 3.08 -1.77 -5.76
N ILE A 38 4.09 -1.75 -4.92
CA ILE A 38 4.70 -2.98 -4.43
C ILE A 38 5.07 -2.81 -2.95
N LEU A 39 4.40 -3.60 -2.13
CA LEU A 39 4.64 -3.56 -0.70
C LEU A 39 5.88 -4.39 -0.37
N ASP A 40 6.97 -3.69 -0.12
CA ASP A 40 8.23 -4.36 0.20
C ASP A 40 8.47 -4.27 1.71
N THR A 41 8.52 -5.43 2.34
CA THR A 41 8.73 -5.51 3.77
C THR A 41 10.23 -5.44 4.08
N GLN A 42 11.03 -5.65 3.04
CA GLN A 42 12.48 -5.61 3.19
C GLN A 42 12.98 -4.17 3.12
N ALA A 43 12.49 -3.45 2.13
CA ALA A 43 12.89 -2.07 1.94
C ALA A 43 12.22 -1.21 3.01
N ASN A 44 11.14 -1.73 3.57
CA ASN A 44 10.40 -1.03 4.60
C ASN A 44 9.85 0.29 4.02
N CYS A 45 9.64 0.27 2.72
CA CYS A 45 9.13 1.44 2.02
C CYS A 45 8.30 0.97 0.83
N LEU A 46 7.25 1.72 0.55
CA LEU A 46 6.37 1.39 -0.57
C LEU A 46 6.86 2.11 -1.82
N LEU A 47 7.05 1.34 -2.88
CA LEU A 47 7.51 1.89 -4.15
C LEU A 47 6.53 1.52 -5.25
N TRP A 48 6.13 2.52 -6.02
CA TRP A 48 5.20 2.31 -7.10
C TRP A 48 5.84 2.84 -8.40
N TYR A 49 5.55 2.16 -9.48
CA TYR A 49 6.10 2.55 -10.78
C TYR A 49 5.00 2.56 -11.85
N MET A 50 5.07 3.57 -12.71
CA MET A 50 4.09 3.70 -13.78
C MET A 50 3.70 2.33 -14.35
N ASP A 51 4.71 1.48 -14.48
CA ASP A 51 4.49 0.15 -15.00
C ASP A 51 5.40 -0.85 -14.27
N ASN A 52 5.07 -2.12 -14.41
CA ASN A 52 5.85 -3.16 -13.77
C ASN A 52 7.34 -2.88 -13.98
N PRO A 53 8.15 -3.31 -12.97
CA PRO A 53 9.59 -3.11 -13.03
C PRO A 53 10.24 -4.09 -14.02
N GLN A 54 9.46 -5.09 -14.41
CA GLN A 54 9.95 -6.09 -15.35
C GLN A 54 9.96 -5.52 -16.77
N ASN A 55 9.26 -4.40 -16.94
CA ASN A 55 9.18 -3.76 -18.24
C ASN A 55 10.14 -2.56 -18.26
N LEU A 56 10.30 -1.95 -17.10
CA LEU A 56 11.17 -0.79 -16.97
C LEU A 56 12.61 -1.22 -17.25
N ALA A 57 13.54 -0.33 -16.92
CA ALA A 57 14.95 -0.60 -17.12
C ALA A 57 15.62 -0.79 -15.76
N VAL A 58 16.59 -1.69 -15.74
CA VAL A 58 17.32 -1.98 -14.51
C VAL A 58 17.68 -0.66 -13.83
N GLY A 59 18.11 0.29 -14.64
CA GLY A 59 18.49 1.60 -14.12
C GLY A 59 17.28 2.52 -14.01
N ALA A 60 16.16 1.93 -13.62
CA ALA A 60 14.92 2.68 -13.46
C ALA A 60 14.76 3.08 -12.00
N GLY A 61 13.96 4.12 -11.79
CA GLY A 61 13.72 4.62 -10.45
C GLY A 61 12.28 4.35 -10.02
N ALA A 62 11.71 5.31 -9.29
CA ALA A 62 10.35 5.19 -8.82
C ALA A 62 9.63 6.52 -9.00
N VAL A 63 8.44 6.45 -9.61
CA VAL A 63 7.65 7.63 -9.85
C VAL A 63 7.16 8.20 -8.51
N GLY A 64 7.29 7.37 -7.48
CA GLY A 64 6.88 7.78 -6.14
C GLY A 64 7.18 6.68 -5.12
N SER A 65 7.59 7.12 -3.94
CA SER A 65 7.91 6.19 -2.87
C SER A 65 7.19 6.61 -1.58
N LEU A 66 7.09 5.66 -0.66
CA LEU A 66 6.44 5.91 0.61
C LEU A 66 7.19 5.16 1.72
N GLN A 67 7.58 5.92 2.74
CA GLN A 67 8.30 5.34 3.86
C GLN A 67 7.31 4.72 4.86
N LEU A 68 7.47 3.43 5.08
CA LEU A 68 6.61 2.71 6.01
C LEU A 68 6.76 3.32 7.40
N THR A 69 7.87 4.03 7.59
CA THR A 69 8.15 4.66 8.87
C THR A 69 7.09 5.74 9.17
N TYR A 70 6.42 6.17 8.11
CA TYR A 70 5.40 7.19 8.24
C TYR A 70 4.02 6.57 8.53
N ILE A 71 3.71 5.53 7.75
CA ILE A 71 2.44 4.84 7.91
C ILE A 71 2.30 4.35 9.36
N SER A 72 1.12 4.55 9.89
CA SER A 72 0.84 4.12 11.26
C SER A 72 -0.34 3.15 11.28
N LYS A 73 -1.34 3.46 10.47
CA LYS A 73 -2.52 2.61 10.38
C LYS A 73 -3.10 2.69 8.97
N VAL A 74 -3.70 1.60 8.54
CA VAL A 74 -4.30 1.53 7.22
C VAL A 74 -5.74 1.04 7.34
N SER A 75 -6.67 1.99 7.34
CA SER A 75 -8.08 1.67 7.45
C SER A 75 -8.81 2.06 6.16
N ILE A 76 -10.00 1.52 6.00
CA ILE A 76 -10.81 1.81 4.83
C ILE A 76 -11.36 3.23 4.94
N ALA A 77 -11.22 3.97 3.84
CA ALA A 77 -11.70 5.34 3.80
C ALA A 77 -13.21 5.36 4.01
N THR A 78 -13.71 6.51 4.42
CA THR A 78 -15.13 6.67 4.66
C THR A 78 -15.73 7.72 3.73
N PRO A 79 -17.08 7.81 3.73
CA PRO A 79 -17.77 8.77 2.89
C PRO A 79 -17.65 10.19 3.46
N LYS A 80 -17.02 10.27 4.61
CA LYS A 80 -16.83 11.55 5.28
C LYS A 80 -15.48 12.14 4.85
N GLN A 81 -14.74 11.36 4.09
CA GLN A 81 -13.43 11.80 3.61
C GLN A 81 -13.40 11.78 2.08
N LYS A 82 -13.61 10.60 1.53
CA LYS A 82 -13.61 10.44 0.08
C LYS A 82 -14.65 9.40 -0.32
N PRO A 83 -15.92 9.86 -0.42
CA PRO A 83 -17.02 8.98 -0.79
C PRO A 83 -16.97 8.67 -2.28
N LYS A 84 -17.98 7.91 -2.72
CA LYS A 84 -18.07 7.53 -4.12
C LYS A 84 -17.00 6.49 -4.43
N THR A 85 -16.39 5.98 -3.37
CA THR A 85 -15.35 4.97 -3.51
C THR A 85 -15.68 3.73 -2.67
N PRO A 86 -15.92 2.60 -3.39
CA PRO A 86 -16.25 1.35 -2.73
C PRO A 86 -15.01 0.73 -2.09
N PHE A 87 -14.10 0.28 -2.95
CA PHE A 87 -12.88 -0.34 -2.47
C PHE A 87 -11.73 0.68 -2.42
N CYS A 88 -11.79 1.52 -1.41
CA CYS A 88 -10.77 2.55 -1.22
C CYS A 88 -10.30 2.51 0.24
N PHE A 89 -9.00 2.65 0.40
CA PHE A 89 -8.41 2.63 1.73
C PHE A 89 -7.52 3.86 1.95
N VAL A 90 -7.54 4.33 3.19
CA VAL A 90 -6.74 5.51 3.55
C VAL A 90 -5.55 5.07 4.39
N ILE A 91 -4.37 5.43 3.92
CA ILE A 91 -3.14 5.08 4.62
C ILE A 91 -2.82 6.15 5.66
N ASN A 92 -3.06 5.80 6.92
CA ASN A 92 -2.80 6.72 8.00
C ASN A 92 -1.31 6.72 8.34
N ALA A 93 -0.73 7.91 8.33
CA ALA A 93 0.69 8.04 8.63
C ALA A 93 0.86 9.01 9.81
N LEU A 94 1.98 9.72 9.78
CA LEU A 94 2.28 10.69 10.83
C LEU A 94 1.00 11.41 11.23
N SER A 95 0.41 12.08 10.24
CA SER A 95 -0.82 12.83 10.47
C SER A 95 -1.48 13.18 9.14
N GLN A 96 -1.36 12.24 8.20
CA GLN A 96 -1.95 12.44 6.88
C GLN A 96 -2.80 11.22 6.49
N ARG A 97 -3.45 11.35 5.35
CA ARG A 97 -4.29 10.27 4.85
C ARG A 97 -4.23 10.22 3.33
N TYR A 98 -3.60 9.16 2.82
CA TYR A 98 -3.47 8.98 1.40
C TYR A 98 -4.65 8.18 0.83
N PHE A 99 -5.30 8.78 -0.15
CA PHE A 99 -6.45 8.14 -0.78
C PHE A 99 -6.02 7.34 -2.01
N LEU A 100 -6.22 6.03 -1.92
CA LEU A 100 -5.86 5.15 -3.02
C LEU A 100 -7.08 4.32 -3.42
N GLN A 101 -7.10 3.92 -4.68
CA GLN A 101 -8.20 3.12 -5.20
C GLN A 101 -7.66 1.83 -5.81
N ALA A 102 -8.32 0.74 -5.45
CA ALA A 102 -7.93 -0.57 -5.95
C ALA A 102 -8.76 -0.91 -7.19
N ASN A 103 -8.60 -2.13 -7.66
CA ASN A 103 -9.32 -2.60 -8.83
C ASN A 103 -10.62 -3.27 -8.39
N ASP A 104 -10.46 -4.27 -7.53
CA ASP A 104 -11.61 -5.00 -7.02
C ASP A 104 -11.71 -4.81 -5.50
N GLN A 105 -12.45 -5.70 -4.87
CA GLN A 105 -12.64 -5.64 -3.43
C GLN A 105 -11.55 -6.47 -2.73
N LYS A 106 -11.01 -7.43 -3.46
CA LYS A 106 -9.96 -8.29 -2.93
C LYS A 106 -8.67 -7.49 -2.80
N ASP A 107 -8.14 -7.07 -3.95
CA ASP A 107 -6.92 -6.30 -3.98
C ASP A 107 -7.00 -5.17 -2.95
N LEU A 108 -8.18 -4.58 -2.86
CA LEU A 108 -8.41 -3.49 -1.93
C LEU A 108 -8.12 -3.98 -0.51
N LYS A 109 -8.87 -5.00 -0.10
CA LYS A 109 -8.71 -5.57 1.22
C LYS A 109 -7.26 -6.01 1.42
N ASP A 110 -6.82 -6.87 0.51
CA ASP A 110 -5.45 -7.38 0.57
C ASP A 110 -4.49 -6.22 0.84
N TRP A 111 -4.47 -5.27 -0.09
CA TRP A 111 -3.60 -4.11 0.04
C TRP A 111 -3.69 -3.62 1.48
N VAL A 112 -4.92 -3.34 1.90
CA VAL A 112 -5.15 -2.87 3.25
C VAL A 112 -4.47 -3.81 4.25
N GLU A 113 -4.73 -5.09 4.07
CA GLU A 113 -4.15 -6.10 4.95
C GLU A 113 -2.62 -6.03 4.90
N ALA A 114 -2.11 -6.04 3.69
CA ALA A 114 -0.66 -5.98 3.48
C ALA A 114 -0.11 -4.71 4.15
N LEU A 115 -0.82 -3.61 3.92
CA LEU A 115 -0.41 -2.34 4.49
C LEU A 115 -0.64 -2.36 6.00
N ASN A 116 -1.44 -3.33 6.43
CA ASN A 116 -1.74 -3.47 7.85
C ASN A 116 -0.69 -4.36 8.51
N GLN A 117 0.00 -5.12 7.67
CA GLN A 117 1.04 -6.02 8.16
C GLN A 117 2.41 -5.33 8.11
N ALA A 118 2.71 -4.78 6.95
CA ALA A 118 3.98 -4.08 6.76
C ALA A 118 4.13 -3.01 7.83
N SER A 119 3.00 -2.39 8.17
CA SER A 119 3.00 -1.34 9.18
C SER A 119 3.31 -1.94 10.56
N LYS A 120 2.65 -3.05 10.84
CA LYS A 120 2.84 -3.73 12.12
C LYS A 120 4.04 -4.68 12.01
N SER A 121 4.75 -4.55 10.90
CA SER A 121 5.91 -5.39 10.65
C SER A 121 5.47 -6.71 10.00
N GLY A 122 4.42 -7.29 10.55
CA GLY A 122 3.89 -8.55 10.03
C GLY A 122 4.96 -9.64 10.05
N PRO A 123 4.69 -10.73 9.30
CA PRO A 123 5.61 -11.85 9.23
C PRO A 123 6.82 -11.50 8.36
N SER A 124 7.81 -12.38 8.42
CA SER A 124 9.03 -12.19 7.64
C SER A 124 9.69 -13.54 7.35
N SER A 125 9.95 -13.77 6.07
CA SER A 125 10.58 -15.01 5.65
C SER A 125 12.09 -14.81 5.53
N GLY A 126 12.80 -15.37 6.51
CA GLY A 126 14.25 -15.26 6.52
C GLY A 126 14.83 -16.03 7.71
N GLY A 1 10.50 -9.11 29.08
CA GLY A 1 9.60 -8.41 29.99
C GLY A 1 8.80 -9.41 30.83
N SER A 2 7.71 -9.88 30.24
CA SER A 2 6.85 -10.84 30.92
C SER A 2 5.83 -11.42 29.94
N SER A 3 5.34 -12.61 30.27
CA SER A 3 4.38 -13.29 29.42
C SER A 3 5.08 -13.90 28.21
N GLY A 4 5.73 -13.04 27.45
CA GLY A 4 6.44 -13.49 26.26
C GLY A 4 5.61 -13.23 25.00
N SER A 5 4.58 -14.04 24.83
CA SER A 5 3.71 -13.90 23.67
C SER A 5 4.44 -14.37 22.40
N SER A 6 5.44 -13.59 22.01
CA SER A 6 6.22 -13.91 20.84
C SER A 6 7.51 -13.09 20.82
N GLY A 7 8.56 -13.70 20.27
CA GLY A 7 9.85 -13.03 20.20
C GLY A 7 9.78 -11.79 19.32
N MET A 8 10.07 -11.99 18.04
CA MET A 8 10.05 -10.90 17.08
C MET A 8 9.86 -11.42 15.66
N PRO A 9 8.65 -11.99 15.40
CA PRO A 9 8.34 -12.53 14.09
C PRO A 9 8.07 -11.41 13.08
N TYR A 10 8.29 -11.72 11.81
CA TYR A 10 8.07 -10.75 10.76
C TYR A 10 6.75 -11.01 10.05
N VAL A 11 5.72 -11.28 10.84
CA VAL A 11 4.40 -11.54 10.30
C VAL A 11 4.43 -12.86 9.52
N ASP A 12 5.53 -13.58 9.66
CA ASP A 12 5.71 -14.85 8.99
C ASP A 12 5.43 -14.66 7.50
N ARG A 13 6.51 -14.55 6.74
CA ARG A 13 6.40 -14.37 5.30
C ARG A 13 5.28 -13.37 4.98
N GLN A 14 5.63 -12.10 5.11
CA GLN A 14 4.67 -11.04 4.83
C GLN A 14 4.04 -11.24 3.46
N ASN A 15 4.75 -11.97 2.60
CA ASN A 15 4.28 -12.23 1.26
C ASN A 15 4.11 -10.92 0.51
N ARG A 16 5.21 -10.49 -0.10
CA ARG A 16 5.20 -9.25 -0.87
C ARG A 16 3.94 -9.16 -1.72
N ILE A 17 3.29 -8.01 -1.63
CA ILE A 17 2.06 -7.78 -2.38
C ILE A 17 2.33 -6.77 -3.49
N CYS A 18 1.58 -6.89 -4.56
CA CYS A 18 1.73 -5.99 -5.70
C CYS A 18 0.37 -5.85 -6.38
N GLY A 19 0.24 -4.78 -7.15
CA GLY A 19 -1.00 -4.52 -7.86
C GLY A 19 -1.11 -3.04 -8.24
N PHE A 20 -1.94 -2.79 -9.25
CA PHE A 20 -2.14 -1.42 -9.72
C PHE A 20 -3.17 -0.69 -8.85
N LEU A 21 -2.76 0.48 -8.36
CA LEU A 21 -3.62 1.27 -7.52
C LEU A 21 -3.71 2.69 -8.08
N ASP A 22 -4.71 3.42 -7.61
CA ASP A 22 -4.92 4.79 -8.06
C ASP A 22 -4.70 5.75 -6.89
N ILE A 23 -3.49 6.25 -6.79
CA ILE A 23 -3.14 7.18 -5.72
C ILE A 23 -3.58 8.59 -6.11
N GLU A 24 -4.43 9.15 -5.27
CA GLU A 24 -4.95 10.49 -5.52
C GLU A 24 -3.79 11.47 -5.72
N ASP A 25 -3.75 12.04 -6.93
CA ASP A 25 -2.71 13.00 -7.26
C ASP A 25 -3.21 14.42 -7.01
N ASN A 26 -2.26 15.31 -6.77
CA ASN A 26 -2.61 16.70 -6.52
C ASN A 26 -2.49 17.50 -7.82
N GLU A 27 -2.25 16.77 -8.90
CA GLU A 27 -2.12 17.40 -10.21
C GLU A 27 -3.30 18.32 -10.48
N ASN A 28 -4.49 17.78 -10.25
CA ASN A 28 -5.72 18.55 -10.47
C ASN A 28 -6.66 18.33 -9.29
N SER A 29 -6.11 17.76 -8.22
CA SER A 29 -6.89 17.49 -7.03
C SER A 29 -8.29 17.02 -7.41
N GLY A 30 -8.41 15.70 -7.57
CA GLY A 30 -9.69 15.11 -7.92
C GLY A 30 -9.48 13.88 -8.82
N LYS A 31 -8.29 13.82 -9.41
CA LYS A 31 -7.96 12.70 -10.28
C LYS A 31 -6.93 11.82 -9.60
N PHE A 32 -7.05 10.51 -9.85
CA PHE A 32 -6.13 9.55 -9.26
C PHE A 32 -5.30 8.86 -10.35
N LEU A 33 -3.99 9.00 -10.21
CA LEU A 33 -3.08 8.40 -11.17
C LEU A 33 -2.90 6.92 -10.84
N ARG A 34 -2.67 6.14 -11.88
CA ARG A 34 -2.48 4.70 -11.72
C ARG A 34 -1.00 4.35 -11.83
N ARG A 35 -0.59 3.37 -11.02
CA ARG A 35 0.79 2.93 -11.02
C ARG A 35 0.91 1.56 -10.35
N TYR A 36 2.03 0.90 -10.62
CA TYR A 36 2.27 -0.41 -10.05
C TYR A 36 2.94 -0.30 -8.68
N PHE A 37 2.17 -0.66 -7.65
CA PHE A 37 2.68 -0.60 -6.29
C PHE A 37 3.22 -1.96 -5.85
N ILE A 38 4.19 -1.91 -4.94
CA ILE A 38 4.80 -3.12 -4.43
C ILE A 38 5.17 -2.93 -2.96
N LEU A 39 4.40 -3.60 -2.10
CA LEU A 39 4.63 -3.50 -0.67
C LEU A 39 5.89 -4.29 -0.31
N ASP A 40 7.01 -3.60 -0.29
CA ASP A 40 8.28 -4.21 0.04
C ASP A 40 8.51 -4.14 1.56
N THR A 41 8.55 -5.30 2.17
CA THR A 41 8.76 -5.38 3.62
C THR A 41 10.24 -5.23 3.95
N GLN A 42 11.08 -5.82 3.09
CA GLN A 42 12.51 -5.75 3.29
C GLN A 42 12.99 -4.29 3.22
N ALA A 43 12.41 -3.56 2.30
CA ALA A 43 12.77 -2.16 2.12
C ALA A 43 12.10 -1.33 3.22
N ASN A 44 10.97 -1.84 3.70
CA ASN A 44 10.23 -1.15 4.74
C ASN A 44 9.70 0.18 4.20
N CYS A 45 9.48 0.20 2.90
CA CYS A 45 8.98 1.40 2.26
C CYS A 45 8.14 0.97 1.04
N LEU A 46 7.12 1.76 0.76
CA LEU A 46 6.24 1.49 -0.37
C LEU A 46 6.83 2.09 -1.63
N LEU A 47 7.05 1.23 -2.62
CA LEU A 47 7.61 1.67 -3.89
C LEU A 47 6.67 1.28 -5.02
N TRP A 48 6.26 2.27 -5.79
CA TRP A 48 5.36 2.04 -6.92
C TRP A 48 6.04 2.59 -8.17
N TYR A 49 5.94 1.81 -9.25
CA TYR A 49 6.52 2.21 -10.52
C TYR A 49 5.46 2.26 -11.61
N MET A 50 5.76 3.05 -12.63
CA MET A 50 4.85 3.20 -13.76
C MET A 50 4.25 1.86 -14.16
N ASP A 51 5.12 0.86 -14.26
CA ASP A 51 4.68 -0.48 -14.64
C ASP A 51 5.52 -1.50 -13.87
N ASN A 52 5.13 -2.76 -14.02
CA ASN A 52 5.84 -3.85 -13.36
C ASN A 52 7.34 -3.71 -13.60
N PRO A 53 8.13 -4.13 -12.57
CA PRO A 53 9.57 -4.05 -12.66
C PRO A 53 10.13 -5.13 -13.59
N GLN A 54 9.23 -5.98 -14.07
CA GLN A 54 9.61 -7.06 -14.95
C GLN A 54 9.92 -6.52 -16.36
N ASN A 55 9.35 -5.35 -16.64
CA ASN A 55 9.56 -4.72 -17.93
C ASN A 55 10.58 -3.59 -17.79
N LEU A 56 10.62 -3.02 -16.58
CA LEU A 56 11.53 -1.94 -16.30
C LEU A 56 12.97 -2.46 -16.33
N ALA A 57 13.89 -1.62 -15.88
CA ALA A 57 15.29 -1.99 -15.84
C ALA A 57 15.69 -2.34 -14.41
N VAL A 58 16.95 -2.72 -14.26
CA VAL A 58 17.48 -3.07 -12.96
C VAL A 58 17.90 -1.81 -12.22
N GLY A 59 18.51 -0.91 -12.97
CA GLY A 59 18.98 0.35 -12.40
C GLY A 59 17.86 1.40 -12.40
N ALA A 60 16.64 0.92 -12.59
CA ALA A 60 15.49 1.80 -12.63
C ALA A 60 15.20 2.30 -11.20
N GLY A 61 14.41 3.36 -11.14
CA GLY A 61 14.06 3.94 -9.85
C GLY A 61 12.59 3.68 -9.52
N ALA A 62 11.96 4.68 -8.92
CA ALA A 62 10.57 4.57 -8.54
C ALA A 62 9.86 5.91 -8.80
N VAL A 63 8.72 5.83 -9.48
CA VAL A 63 7.96 7.01 -9.80
C VAL A 63 7.46 7.66 -8.50
N GLY A 64 7.50 6.87 -7.44
CA GLY A 64 7.05 7.35 -6.14
C GLY A 64 7.38 6.33 -5.04
N SER A 65 7.54 6.84 -3.83
CA SER A 65 7.85 6.00 -2.69
C SER A 65 7.06 6.46 -1.46
N LEU A 66 6.98 5.57 -0.49
CA LEU A 66 6.26 5.88 0.74
C LEU A 66 6.90 5.11 1.90
N GLN A 67 7.83 5.77 2.57
CA GLN A 67 8.52 5.17 3.69
C GLN A 67 7.51 4.72 4.76
N LEU A 68 7.58 3.45 5.11
CA LEU A 68 6.69 2.89 6.10
C LEU A 68 6.85 3.66 7.41
N THR A 69 7.97 4.36 7.52
CA THR A 69 8.24 5.14 8.70
C THR A 69 7.15 6.19 8.93
N TYR A 70 6.43 6.48 7.86
CA TYR A 70 5.36 7.46 7.92
C TYR A 70 4.02 6.78 8.24
N ILE A 71 3.68 5.80 7.42
CA ILE A 71 2.44 5.06 7.60
C ILE A 71 2.30 4.66 9.07
N SER A 72 1.09 4.82 9.59
CA SER A 72 0.81 4.48 10.97
C SER A 72 -0.34 3.47 11.04
N LYS A 73 -1.35 3.72 10.21
CA LYS A 73 -2.50 2.85 10.17
C LYS A 73 -3.12 2.90 8.76
N VAL A 74 -3.70 1.77 8.37
CA VAL A 74 -4.32 1.67 7.06
C VAL A 74 -5.76 1.16 7.22
N SER A 75 -6.69 2.11 7.22
CA SER A 75 -8.10 1.77 7.37
C SER A 75 -8.85 2.12 6.08
N ILE A 76 -10.02 1.51 5.94
CA ILE A 76 -10.85 1.74 4.77
C ILE A 76 -11.46 3.14 4.85
N ALA A 77 -11.36 3.87 3.75
CA ALA A 77 -11.89 5.21 3.69
C ALA A 77 -13.40 5.17 3.86
N THR A 78 -13.90 6.01 4.75
CA THR A 78 -15.33 6.07 5.01
C THR A 78 -16.00 7.07 4.06
N PRO A 79 -17.36 7.07 4.10
CA PRO A 79 -18.13 7.97 3.26
C PRO A 79 -18.08 9.40 3.78
N LYS A 80 -17.42 9.56 4.92
CA LYS A 80 -17.30 10.87 5.54
C LYS A 80 -16.01 11.54 5.04
N GLN A 81 -15.15 10.72 4.44
CA GLN A 81 -13.89 11.24 3.92
C GLN A 81 -13.85 11.07 2.40
N LYS A 82 -14.05 9.83 1.96
CA LYS A 82 -14.02 9.53 0.55
C LYS A 82 -15.13 8.53 0.23
N PRO A 83 -16.38 9.06 0.09
CA PRO A 83 -17.52 8.22 -0.21
C PRO A 83 -17.51 7.78 -1.67
N LYS A 84 -18.59 7.13 -2.07
CA LYS A 84 -18.73 6.66 -3.44
C LYS A 84 -17.76 5.49 -3.66
N THR A 85 -16.48 5.78 -3.50
CA THR A 85 -15.45 4.76 -3.68
C THR A 85 -15.73 3.56 -2.78
N PRO A 86 -15.97 2.39 -3.44
CA PRO A 86 -16.24 1.16 -2.72
C PRO A 86 -14.98 0.59 -2.09
N PHE A 87 -14.12 0.05 -2.94
CA PHE A 87 -12.87 -0.54 -2.47
C PHE A 87 -11.76 0.52 -2.45
N CYS A 88 -11.84 1.40 -1.48
CA CYS A 88 -10.86 2.45 -1.34
C CYS A 88 -10.40 2.48 0.13
N PHE A 89 -9.09 2.50 0.30
CA PHE A 89 -8.50 2.54 1.64
C PHE A 89 -7.62 3.77 1.82
N VAL A 90 -7.66 4.32 3.02
CA VAL A 90 -6.86 5.49 3.34
C VAL A 90 -5.64 5.07 4.15
N ILE A 91 -4.48 5.51 3.69
CA ILE A 91 -3.23 5.19 4.37
C ILE A 91 -2.91 6.29 5.39
N ASN A 92 -3.13 5.95 6.66
CA ASN A 92 -2.87 6.89 7.74
C ASN A 92 -1.37 6.91 8.03
N ALA A 93 -0.80 8.11 7.96
CA ALA A 93 0.61 8.29 8.22
C ALA A 93 0.81 9.37 9.28
N LEU A 94 1.93 10.07 9.17
CA LEU A 94 2.24 11.13 10.11
C LEU A 94 0.97 11.93 10.43
N SER A 95 0.53 12.69 9.44
CA SER A 95 -0.67 13.50 9.60
C SER A 95 -1.31 13.74 8.23
N GLN A 96 -1.23 12.73 7.39
CA GLN A 96 -1.81 12.82 6.06
C GLN A 96 -2.64 11.57 5.73
N ARG A 97 -3.53 11.71 4.78
CA ARG A 97 -4.38 10.62 4.37
C ARG A 97 -4.33 10.43 2.85
N TYR A 98 -3.78 9.31 2.44
CA TYR A 98 -3.66 9.00 1.02
C TYR A 98 -4.82 8.11 0.55
N PHE A 99 -5.53 8.59 -0.46
CA PHE A 99 -6.65 7.86 -1.00
C PHE A 99 -6.24 7.06 -2.23
N LEU A 100 -6.14 5.74 -2.05
CA LEU A 100 -5.75 4.85 -3.13
C LEU A 100 -6.96 4.01 -3.54
N GLN A 101 -7.04 3.73 -4.83
CA GLN A 101 -8.13 2.93 -5.36
C GLN A 101 -7.61 1.57 -5.81
N ALA A 102 -8.43 0.56 -5.57
CA ALA A 102 -8.07 -0.80 -5.95
C ALA A 102 -8.97 -1.26 -7.10
N ASN A 103 -8.60 -2.39 -7.69
CA ASN A 103 -9.35 -2.94 -8.80
C ASN A 103 -10.64 -3.57 -8.27
N ASP A 104 -10.46 -4.64 -7.51
CA ASP A 104 -11.59 -5.35 -6.94
C ASP A 104 -11.61 -5.14 -5.42
N GLN A 105 -12.36 -5.99 -4.74
CA GLN A 105 -12.47 -5.90 -3.30
C GLN A 105 -11.32 -6.65 -2.63
N LYS A 106 -10.76 -7.60 -3.37
CA LYS A 106 -9.66 -8.40 -2.86
C LYS A 106 -8.40 -7.53 -2.79
N ASP A 107 -7.90 -7.16 -3.96
CA ASP A 107 -6.71 -6.34 -4.04
C ASP A 107 -6.83 -5.18 -3.05
N LEU A 108 -8.07 -4.72 -2.86
CA LEU A 108 -8.33 -3.62 -1.96
C LEU A 108 -7.96 -4.05 -0.53
N LYS A 109 -8.73 -5.01 -0.02
CA LYS A 109 -8.49 -5.51 1.33
C LYS A 109 -7.05 -6.00 1.43
N ASP A 110 -6.64 -6.76 0.43
CA ASP A 110 -5.29 -7.30 0.41
C ASP A 110 -4.29 -6.18 0.72
N TRP A 111 -4.27 -5.19 -0.16
CA TRP A 111 -3.37 -4.06 0.02
C TRP A 111 -3.51 -3.56 1.45
N VAL A 112 -4.75 -3.32 1.85
CA VAL A 112 -5.03 -2.85 3.19
C VAL A 112 -4.34 -3.77 4.21
N GLU A 113 -4.67 -5.05 4.12
CA GLU A 113 -4.09 -6.04 5.02
C GLU A 113 -2.57 -5.98 4.95
N ALA A 114 -2.06 -6.01 3.73
CA ALA A 114 -0.61 -5.96 3.53
C ALA A 114 -0.05 -4.70 4.19
N LEU A 115 -0.73 -3.59 3.95
CA LEU A 115 -0.30 -2.32 4.52
C LEU A 115 -0.46 -2.36 6.04
N ASN A 116 -1.32 -3.26 6.48
CA ASN A 116 -1.57 -3.42 7.91
C ASN A 116 -0.51 -4.33 8.51
N GLN A 117 0.13 -5.10 7.65
CA GLN A 117 1.18 -6.01 8.09
C GLN A 117 2.55 -5.34 7.98
N ALA A 118 2.84 -4.86 6.78
CA ALA A 118 4.11 -4.19 6.53
C ALA A 118 4.35 -3.13 7.61
N SER A 119 3.25 -2.61 8.13
CA SER A 119 3.33 -1.59 9.17
C SER A 119 3.56 -2.25 10.53
N LYS A 120 2.91 -3.39 10.72
CA LYS A 120 3.05 -4.13 11.97
C LYS A 120 4.22 -5.10 11.86
N SER A 121 5.06 -4.86 10.85
CA SER A 121 6.22 -5.69 10.63
C SER A 121 6.86 -6.06 11.98
N GLY A 122 6.72 -5.16 12.94
CA GLY A 122 7.28 -5.38 14.26
C GLY A 122 6.23 -5.09 15.34
N PRO A 123 6.38 -5.81 16.49
CA PRO A 123 5.46 -5.64 17.61
C PRO A 123 5.75 -4.33 18.35
N SER A 124 4.79 -3.93 19.18
CA SER A 124 4.94 -2.72 19.95
C SER A 124 6.17 -2.81 20.86
N SER A 125 6.21 -3.89 21.63
CA SER A 125 7.33 -4.10 22.54
C SER A 125 8.65 -3.76 21.85
N GLY A 126 9.30 -2.73 22.36
CA GLY A 126 10.57 -2.29 21.81
C GLY A 126 10.35 -1.23 20.72
N GLY A 1 18.22 -12.00 14.82
CA GLY A 1 18.75 -10.73 14.35
C GLY A 1 17.94 -9.57 14.92
N SER A 2 17.28 -8.85 14.02
CA SER A 2 16.47 -7.71 14.42
C SER A 2 15.10 -7.78 13.75
N SER A 3 14.11 -8.25 14.51
CA SER A 3 12.76 -8.36 13.99
C SER A 3 12.73 -9.37 12.84
N GLY A 4 13.17 -8.91 11.68
CA GLY A 4 13.19 -9.76 10.50
C GLY A 4 12.07 -9.39 9.53
N SER A 5 11.47 -10.41 8.95
CA SER A 5 10.38 -10.20 8.00
C SER A 5 9.42 -11.39 8.04
N SER A 6 8.31 -11.19 8.74
CA SER A 6 7.30 -12.23 8.85
C SER A 6 7.89 -13.44 9.58
N GLY A 7 7.04 -14.08 10.38
CA GLY A 7 7.46 -15.25 11.14
C GLY A 7 7.41 -16.51 10.26
N MET A 8 6.20 -16.85 9.85
CA MET A 8 6.01 -18.02 9.01
C MET A 8 4.85 -17.81 8.02
N PRO A 9 5.21 -17.33 6.80
CA PRO A 9 4.22 -17.08 5.77
C PRO A 9 3.73 -18.39 5.16
N TYR A 10 2.87 -18.25 4.17
CA TYR A 10 2.32 -19.41 3.48
C TYR A 10 1.56 -18.99 2.21
N VAL A 11 1.11 -20.00 1.48
CA VAL A 11 0.38 -19.75 0.25
C VAL A 11 0.98 -18.55 -0.47
N ASP A 12 0.15 -17.91 -1.28
CA ASP A 12 0.59 -16.74 -2.02
C ASP A 12 0.59 -15.53 -1.11
N ARG A 13 1.29 -14.49 -1.55
CA ARG A 13 1.39 -13.26 -0.78
C ARG A 13 1.97 -13.55 0.60
N GLN A 14 3.22 -14.00 0.61
CA GLN A 14 3.91 -14.31 1.85
C GLN A 14 3.87 -13.11 2.79
N ASN A 15 3.88 -11.93 2.19
CA ASN A 15 3.84 -10.70 2.96
C ASN A 15 3.81 -9.50 2.01
N ARG A 16 4.55 -9.62 0.92
CA ARG A 16 4.62 -8.57 -0.07
C ARG A 16 3.42 -8.66 -1.02
N ILE A 17 2.95 -7.50 -1.45
CA ILE A 17 1.82 -7.44 -2.36
C ILE A 17 2.20 -6.60 -3.58
N CYS A 18 1.41 -6.75 -4.63
CA CYS A 18 1.65 -6.02 -5.86
C CYS A 18 0.29 -5.79 -6.55
N GLY A 19 0.25 -4.74 -7.36
CA GLY A 19 -0.97 -4.41 -8.08
C GLY A 19 -1.04 -2.90 -8.36
N PHE A 20 -1.70 -2.57 -9.46
CA PHE A 20 -1.85 -1.19 -9.86
C PHE A 20 -2.96 -0.50 -9.05
N LEU A 21 -2.56 0.56 -8.36
CA LEU A 21 -3.50 1.31 -7.54
C LEU A 21 -3.69 2.71 -8.14
N ASP A 22 -4.77 3.35 -7.73
CA ASP A 22 -5.08 4.68 -8.21
C ASP A 22 -4.93 5.68 -7.07
N ILE A 23 -3.75 6.26 -6.97
CA ILE A 23 -3.47 7.23 -5.93
C ILE A 23 -3.82 8.63 -6.43
N GLU A 24 -4.59 9.35 -5.62
CA GLU A 24 -5.00 10.69 -5.97
C GLU A 24 -3.84 11.67 -5.75
N ASP A 25 -3.61 12.48 -6.76
CA ASP A 25 -2.54 13.47 -6.70
C ASP A 25 -3.14 14.86 -6.51
N ASN A 26 -2.28 15.82 -6.21
CA ASN A 26 -2.71 17.19 -6.00
C ASN A 26 -2.66 17.93 -7.33
N GLU A 27 -2.59 17.17 -8.41
CA GLU A 27 -2.52 17.75 -9.74
C GLU A 27 -3.80 18.54 -10.03
N ASN A 28 -4.93 17.87 -9.84
CA ASN A 28 -6.21 18.50 -10.08
C ASN A 28 -7.23 17.99 -9.05
N SER A 29 -8.46 17.86 -9.49
CA SER A 29 -9.53 17.39 -8.62
C SER A 29 -10.27 16.22 -9.28
N GLY A 30 -9.81 15.01 -8.96
CA GLY A 30 -10.40 13.81 -9.51
C GLY A 30 -9.44 13.11 -10.46
N LYS A 31 -8.16 13.22 -10.14
CA LYS A 31 -7.13 12.60 -10.96
C LYS A 31 -6.34 11.60 -10.10
N PHE A 32 -6.05 10.46 -10.70
CA PHE A 32 -5.30 9.42 -9.99
C PHE A 32 -4.12 8.94 -10.84
N LEU A 33 -3.01 8.71 -10.15
CA LEU A 33 -1.81 8.24 -10.83
C LEU A 33 -1.78 6.71 -10.80
N ARG A 34 -2.15 6.13 -11.93
CA ARG A 34 -2.16 4.68 -12.06
C ARG A 34 -0.73 4.13 -12.13
N ARG A 35 -0.28 3.58 -11.03
CA ARG A 35 1.06 3.02 -10.95
C ARG A 35 1.03 1.65 -10.27
N TYR A 36 2.04 0.86 -10.56
CA TYR A 36 2.14 -0.48 -9.99
C TYR A 36 2.82 -0.43 -8.62
N PHE A 37 2.00 -0.54 -7.59
CA PHE A 37 2.50 -0.51 -6.22
C PHE A 37 3.02 -1.88 -5.80
N ILE A 38 4.09 -1.86 -5.03
CA ILE A 38 4.69 -3.10 -4.56
C ILE A 38 5.06 -2.94 -3.08
N LEU A 39 4.30 -3.62 -2.23
CA LEU A 39 4.54 -3.57 -0.80
C LEU A 39 5.73 -4.46 -0.45
N ASP A 40 6.87 -3.80 -0.25
CA ASP A 40 8.09 -4.52 0.09
C ASP A 40 8.31 -4.46 1.60
N THR A 41 8.38 -5.63 2.21
CA THR A 41 8.59 -5.72 3.64
C THR A 41 10.07 -5.64 3.97
N GLN A 42 10.88 -5.83 2.95
CA GLN A 42 12.33 -5.77 3.11
C GLN A 42 12.82 -4.33 3.09
N ALA A 43 12.35 -3.60 2.08
CA ALA A 43 12.72 -2.21 1.92
C ALA A 43 12.01 -1.37 2.98
N ASN A 44 10.91 -1.92 3.48
CA ASN A 44 10.13 -1.24 4.49
C ASN A 44 9.60 0.08 3.92
N CYS A 45 9.44 0.10 2.60
CA CYS A 45 8.95 1.28 1.92
C CYS A 45 8.12 0.83 0.72
N LEU A 46 7.08 1.62 0.44
CA LEU A 46 6.19 1.31 -0.67
C LEU A 46 6.68 2.06 -1.91
N LEU A 47 6.85 1.31 -2.99
CA LEU A 47 7.30 1.89 -4.25
C LEU A 47 6.31 1.54 -5.36
N TRP A 48 5.84 2.57 -6.04
CA TRP A 48 4.89 2.39 -7.12
C TRP A 48 5.55 2.85 -8.41
N TYR A 49 5.63 1.93 -9.37
CA TYR A 49 6.24 2.24 -10.65
C TYR A 49 5.19 2.23 -11.77
N MET A 50 5.48 3.01 -12.80
CA MET A 50 4.57 3.11 -13.93
C MET A 50 4.10 1.73 -14.38
N ASP A 51 5.00 0.76 -14.23
CA ASP A 51 4.69 -0.61 -14.61
C ASP A 51 5.65 -1.56 -13.91
N ASN A 52 5.40 -2.84 -14.09
CA ASN A 52 6.24 -3.87 -13.48
C ASN A 52 7.72 -3.50 -13.67
N PRO A 53 8.48 -3.60 -12.55
CA PRO A 53 9.90 -3.28 -12.58
C PRO A 53 10.70 -4.39 -13.27
N GLN A 54 10.00 -5.49 -13.54
CA GLN A 54 10.64 -6.62 -14.20
C GLN A 54 10.70 -6.40 -15.71
N ASN A 55 9.87 -5.47 -16.17
CA ASN A 55 9.82 -5.15 -17.59
C ASN A 55 10.55 -3.83 -17.83
N LEU A 56 10.65 -3.04 -16.77
CA LEU A 56 11.32 -1.76 -16.86
C LEU A 56 12.80 -1.97 -17.19
N ALA A 57 13.56 -0.90 -17.13
CA ALA A 57 14.98 -0.95 -17.42
C ALA A 57 15.77 -0.81 -16.11
N VAL A 58 16.96 -1.40 -16.11
CA VAL A 58 17.82 -1.35 -14.94
C VAL A 58 17.91 0.10 -14.45
N GLY A 59 17.98 1.01 -15.40
CA GLY A 59 18.07 2.43 -15.07
C GLY A 59 16.67 3.03 -14.88
N ALA A 60 15.79 2.24 -14.30
CA ALA A 60 14.42 2.69 -14.06
C ALA A 60 14.26 3.06 -12.58
N GLY A 61 13.09 3.55 -12.25
CA GLY A 61 12.80 3.95 -10.88
C GLY A 61 11.29 4.07 -10.66
N ALA A 62 10.94 4.57 -9.48
CA ALA A 62 9.54 4.74 -9.13
C ALA A 62 9.19 6.23 -9.17
N VAL A 63 7.98 6.51 -9.62
CA VAL A 63 7.51 7.89 -9.70
C VAL A 63 7.40 8.47 -8.29
N GLY A 64 7.21 7.58 -7.34
CA GLY A 64 7.09 8.00 -5.95
C GLY A 64 7.46 6.86 -4.99
N SER A 65 7.61 7.22 -3.73
CA SER A 65 7.96 6.23 -2.72
C SER A 65 7.28 6.58 -1.39
N LEU A 66 7.04 5.56 -0.59
CA LEU A 66 6.39 5.74 0.69
C LEU A 66 7.17 4.96 1.76
N GLN A 67 7.43 5.64 2.87
CA GLN A 67 8.15 5.02 3.97
C GLN A 67 7.17 4.39 4.97
N LEU A 68 7.30 3.09 5.12
CA LEU A 68 6.44 2.35 6.03
C LEU A 68 6.60 2.92 7.44
N THR A 69 7.71 3.62 7.65
CA THR A 69 7.99 4.22 8.94
C THR A 69 7.02 5.35 9.22
N TYR A 70 6.46 5.90 8.15
CA TYR A 70 5.51 6.99 8.28
C TYR A 70 4.10 6.46 8.58
N ILE A 71 3.65 5.57 7.73
CA ILE A 71 2.32 4.98 7.91
C ILE A 71 2.11 4.64 9.38
N SER A 72 0.89 4.88 9.84
CA SER A 72 0.55 4.61 11.22
C SER A 72 -0.61 3.61 11.29
N LYS A 73 -1.58 3.81 10.40
CA LYS A 73 -2.74 2.94 10.34
C LYS A 73 -3.31 2.95 8.93
N VAL A 74 -3.85 1.81 8.53
CA VAL A 74 -4.43 1.67 7.20
C VAL A 74 -5.89 1.22 7.33
N SER A 75 -6.79 2.19 7.24
CA SER A 75 -8.21 1.89 7.35
C SER A 75 -8.89 2.12 6.00
N ILE A 76 -10.05 1.51 5.85
CA ILE A 76 -10.81 1.63 4.61
C ILE A 76 -11.34 3.07 4.50
N ALA A 77 -11.25 3.59 3.29
CA ALA A 77 -11.71 4.95 3.02
C ALA A 77 -13.24 4.96 2.97
N THR A 78 -13.82 5.93 3.64
CA THR A 78 -15.27 6.06 3.68
C THR A 78 -15.74 7.04 2.60
N PRO A 79 -17.09 7.25 2.56
CA PRO A 79 -17.68 8.15 1.58
C PRO A 79 -17.42 9.61 1.97
N LYS A 80 -17.46 9.87 3.27
CA LYS A 80 -17.24 11.21 3.78
C LYS A 80 -15.81 11.65 3.44
N GLN A 81 -14.99 10.67 3.08
CA GLN A 81 -13.61 10.94 2.74
C GLN A 81 -13.38 10.70 1.24
N LYS A 82 -13.79 9.53 0.79
CA LYS A 82 -13.65 9.18 -0.62
C LYS A 82 -14.80 8.26 -1.03
N PRO A 83 -15.93 8.90 -1.45
CA PRO A 83 -17.09 8.15 -1.87
C PRO A 83 -16.88 7.55 -3.26
N LYS A 84 -17.97 7.02 -3.80
CA LYS A 84 -17.92 6.41 -5.12
C LYS A 84 -17.09 5.13 -5.06
N THR A 85 -15.81 5.32 -4.78
CA THR A 85 -14.89 4.19 -4.69
C THR A 85 -15.40 3.17 -3.67
N PRO A 86 -15.71 1.95 -4.17
CA PRO A 86 -16.20 0.88 -3.32
C PRO A 86 -15.06 0.29 -2.47
N PHE A 87 -14.03 -0.17 -3.16
CA PHE A 87 -12.88 -0.76 -2.49
C PHE A 87 -11.71 0.22 -2.45
N CYS A 88 -11.77 1.12 -1.49
CA CYS A 88 -10.72 2.11 -1.32
C CYS A 88 -10.20 2.04 0.12
N PHE A 89 -8.93 2.38 0.27
CA PHE A 89 -8.31 2.35 1.59
C PHE A 89 -7.45 3.60 1.81
N VAL A 90 -7.58 4.17 2.99
CA VAL A 90 -6.82 5.36 3.34
C VAL A 90 -5.63 4.96 4.22
N ILE A 91 -4.45 5.34 3.76
CA ILE A 91 -3.24 5.03 4.50
C ILE A 91 -2.91 6.18 5.46
N ASN A 92 -3.18 5.94 6.73
CA ASN A 92 -2.92 6.94 7.75
C ASN A 92 -1.44 6.93 8.12
N ALA A 93 -0.85 8.11 8.11
CA ALA A 93 0.55 8.25 8.44
C ALA A 93 0.73 9.37 9.46
N LEU A 94 1.82 10.11 9.30
CA LEU A 94 2.11 11.22 10.19
C LEU A 94 0.81 11.94 10.55
N SER A 95 0.34 12.75 9.62
CA SER A 95 -0.89 13.50 9.81
C SER A 95 -1.59 13.72 8.48
N GLN A 96 -1.35 12.80 7.56
CA GLN A 96 -1.95 12.88 6.24
C GLN A 96 -2.80 11.64 5.97
N ARG A 97 -3.49 11.65 4.83
CA ARG A 97 -4.34 10.55 4.45
C ARG A 97 -4.25 10.30 2.93
N TYR A 98 -3.60 9.21 2.59
CA TYR A 98 -3.43 8.85 1.19
C TYR A 98 -4.63 8.04 0.69
N PHE A 99 -5.28 8.57 -0.34
CA PHE A 99 -6.43 7.91 -0.92
C PHE A 99 -6.04 7.12 -2.17
N LEU A 100 -6.16 5.81 -2.05
CA LEU A 100 -5.82 4.92 -3.15
C LEU A 100 -7.02 4.05 -3.50
N GLN A 101 -7.07 3.63 -4.75
CA GLN A 101 -8.17 2.79 -5.22
C GLN A 101 -7.63 1.44 -5.72
N ALA A 102 -8.39 0.40 -5.42
CA ALA A 102 -8.01 -0.94 -5.82
C ALA A 102 -8.83 -1.35 -7.05
N ASN A 103 -8.65 -2.60 -7.46
CA ASN A 103 -9.36 -3.12 -8.60
C ASN A 103 -10.58 -3.92 -8.12
N ASP A 104 -10.31 -4.90 -7.28
CA ASP A 104 -11.37 -5.74 -6.73
C ASP A 104 -11.46 -5.51 -5.22
N GLN A 105 -12.34 -6.29 -4.60
CA GLN A 105 -12.53 -6.19 -3.16
C GLN A 105 -11.39 -6.87 -2.42
N LYS A 106 -10.76 -7.81 -3.11
CA LYS A 106 -9.64 -8.54 -2.53
C LYS A 106 -8.43 -7.62 -2.43
N ASP A 107 -7.88 -7.28 -3.59
CA ASP A 107 -6.72 -6.40 -3.64
C ASP A 107 -6.88 -5.30 -2.61
N LEU A 108 -8.04 -4.66 -2.63
CA LEU A 108 -8.32 -3.57 -1.70
C LEU A 108 -8.00 -4.03 -0.28
N LYS A 109 -8.67 -5.08 0.14
CA LYS A 109 -8.46 -5.63 1.48
C LYS A 109 -7.00 -6.06 1.62
N ASP A 110 -6.58 -6.91 0.68
CA ASP A 110 -5.21 -7.41 0.68
C ASP A 110 -4.25 -6.25 0.94
N TRP A 111 -4.35 -5.24 0.08
CA TRP A 111 -3.49 -4.07 0.21
C TRP A 111 -3.59 -3.56 1.64
N VAL A 112 -4.82 -3.32 2.07
CA VAL A 112 -5.07 -2.83 3.41
C VAL A 112 -4.33 -3.72 4.42
N GLU A 113 -4.70 -5.00 4.40
CA GLU A 113 -4.08 -5.96 5.29
C GLU A 113 -2.55 -5.91 5.18
N ALA A 114 -2.09 -5.99 3.93
CA ALA A 114 -0.66 -5.94 3.67
C ALA A 114 -0.07 -4.67 4.28
N LEU A 115 -0.75 -3.56 4.02
CA LEU A 115 -0.30 -2.28 4.54
C LEU A 115 -0.48 -2.25 6.05
N ASN A 116 -1.28 -3.19 6.54
CA ASN A 116 -1.53 -3.29 7.97
C ASN A 116 -0.52 -4.24 8.60
N GLN A 117 0.15 -5.01 7.74
CA GLN A 117 1.14 -5.96 8.21
C GLN A 117 2.53 -5.35 8.12
N ALA A 118 2.93 -5.02 6.90
CA ALA A 118 4.25 -4.43 6.67
C ALA A 118 4.50 -3.35 7.72
N SER A 119 3.46 -2.59 8.02
CA SER A 119 3.55 -1.52 8.99
C SER A 119 3.54 -2.10 10.40
N LYS A 120 2.41 -2.67 10.76
CA LYS A 120 2.25 -3.27 12.07
C LYS A 120 2.73 -4.73 12.04
N SER A 121 1.81 -5.61 11.66
CA SER A 121 2.12 -7.02 11.56
C SER A 121 0.83 -7.82 11.33
N GLY A 122 -0.25 -7.32 11.89
CA GLY A 122 -1.54 -7.98 11.75
C GLY A 122 -1.56 -9.32 12.48
N PRO A 123 -2.77 -9.92 12.56
CA PRO A 123 -2.93 -11.20 13.23
C PRO A 123 -2.38 -12.35 12.36
N SER A 124 -2.59 -13.56 12.85
CA SER A 124 -2.13 -14.74 12.14
C SER A 124 -2.75 -15.99 12.74
N SER A 125 -2.62 -17.09 12.02
CA SER A 125 -3.16 -18.36 12.47
C SER A 125 -2.47 -18.79 13.77
N GLY A 126 -1.15 -18.94 13.69
CA GLY A 126 -0.37 -19.33 14.84
C GLY A 126 1.10 -19.51 14.46
#